data_4OUN
# 
_entry.id   4OUN 
# 
_audit_conform.dict_name       mmcif_pdbx.dic 
_audit_conform.dict_version    5.381 
_audit_conform.dict_location   http://mmcif.pdb.org/dictionaries/ascii/mmcif_pdbx.dic 
# 
loop_
_database_2.database_id 
_database_2.database_code 
_database_2.pdbx_database_accession 
_database_2.pdbx_DOI 
PDB   4OUN         pdb_00004oun 10.2210/pdb4oun/pdb 
RCSB  RCSB084969   ?            ?                   
WWPDB D_1000084969 ?            ?                   
# 
_pdbx_database_status.entry_id                        4OUN 
_pdbx_database_status.methods_development_category    ? 
_pdbx_database_status.deposit_site                    RCSB 
_pdbx_database_status.process_site                    PDBJ 
_pdbx_database_status.recvd_initial_deposition_date   2014-02-18 
_pdbx_database_status.status_code                     REL 
_pdbx_database_status.status_code_sf                  REL 
_pdbx_database_status.status_code_mr                  ? 
_pdbx_database_status.SG_entry                        ? 
_pdbx_database_status.status_code_cs                  ? 
_pdbx_database_status.pdb_format_compatible           Y 
_pdbx_database_status.status_code_nmr_data            ? 
# 
loop_
_audit_author.name 
_audit_author.pdbx_ordinal 
_audit_author.identifier_ORCID 
'Chojnowski, G.' 1 ? 
'Czarnecka, J.'  2 ? 
'Nowak, E.'      3 ? 
'Pianka, D.'     4 ? 
'Glow, D.'       5 ? 
'Sabala, I.'     6 ? 
'Skowronek, K.'  7 ? 
'Nowotny, M.'    8 ? 
'Bujnicki, J.M.' 9 ? 
# 
_citation.id                        primary 
_citation.title                     'Sequence-specific cleavage of dsRNA by Mini-III RNase' 
_citation.journal_abbrev            'Nucleic Acids Res.' 
_citation.journal_volume            43 
_citation.page_first                2864 
_citation.page_last                 2873 
_citation.year                      2015 
_citation.journal_id_ASTM           NARHAD 
_citation.country                   UK 
_citation.journal_id_ISSN           0305-1048 
_citation.journal_id_CSD            0389 
_citation.book_publisher            ? 
_citation.pdbx_database_id_PubMed   25634891 
_citation.pdbx_database_id_DOI      10.1093/nar/gkv009 
# 
loop_
_citation_author.citation_id 
_citation_author.name 
_citation_author.ordinal 
_citation_author.identifier_ORCID 
primary 'Glow, D.'        1 ? 
primary 'Pianka, D.'      2 ? 
primary 'Sulej, A.A.'     3 ? 
primary 'Kozlowski, L.P.' 4 ? 
primary 'Czarnecka, J.'   5 ? 
primary 'Chojnowski, G.'  6 ? 
primary 'Skowronek, K.J.' 7 ? 
primary 'Bujnicki, J.M.'  8 ? 
# 
_cell.length_a           41.092 
_cell.length_b           62.028 
_cell.length_c           89.388 
_cell.angle_alpha        90.000 
_cell.angle_beta         90.000 
_cell.angle_gamma        90.000 
_cell.entry_id           4OUN 
_cell.pdbx_unique_axis   ? 
_cell.Z_PDB              8 
_cell.length_a_esd       ? 
_cell.length_b_esd       ? 
_cell.length_c_esd       ? 
_cell.angle_alpha_esd    ? 
_cell.angle_beta_esd     ? 
_cell.angle_gamma_esd    ? 
# 
_symmetry.space_group_name_H-M             'C 2 2 21' 
_symmetry.entry_id                         4OUN 
_symmetry.Int_Tables_number                20 
_symmetry.pdbx_full_space_group_name_H-M   ? 
_symmetry.cell_setting                     ? 
_symmetry.space_group_name_Hall            ? 
# 
loop_
_entity.id 
_entity.type 
_entity.src_method 
_entity.pdbx_description 
_entity.formula_weight 
_entity.pdbx_number_of_molecules 
_entity.pdbx_ec 
_entity.pdbx_mutation 
_entity.pdbx_fragment 
_entity.details 
1 polymer man 'Mini-ribonuclease 3' 18422.740 1  3.1.26.- E126Q ? ? 
2 water   nat water                 18.015    36 ?        ?     ? ? 
# 
_entity_name_com.entity_id   1 
_entity_name_com.name        'Mini-3, Mini-RNase 3, Mini-RNase III, Mini-III' 
# 
_entity_poly.entity_id                      1 
_entity_poly.type                           'polypeptide(L)' 
_entity_poly.nstd_linkage                   no 
_entity_poly.nstd_monomer                   no 
_entity_poly.pdbx_seq_one_letter_code       
;MGSSHHHHHHSSGLVPRGSHMLEFDTIKDSKQLNGLALAYIGDAIFEVYVRHHLLKQGFTKPNDLHKKSSRIVSAKSQAE
ILFFLQNQSFFTEEEEAVLKRGRNAKSGTTPKNTDVQTYRYSTAFQALLGYLFLEKKEERLSQLVAEAIQFGTSGRKTNE
SAT
;
_entity_poly.pdbx_seq_one_letter_code_can   
;MGSSHHHHHHSSGLVPRGSHMLEFDTIKDSKQLNGLALAYIGDAIFEVYVRHHLLKQGFTKPNDLHKKSSRIVSAKSQAE
ILFFLQNQSFFTEEEEAVLKRGRNAKSGTTPKNTDVQTYRYSTAFQALLGYLFLEKKEERLSQLVAEAIQFGTSGRKTNE
SAT
;
_entity_poly.pdbx_strand_id                 A 
_entity_poly.pdbx_target_identifier         ? 
# 
loop_
_entity_poly_seq.entity_id 
_entity_poly_seq.num 
_entity_poly_seq.mon_id 
_entity_poly_seq.hetero 
1 1   MET n 
1 2   GLY n 
1 3   SER n 
1 4   SER n 
1 5   HIS n 
1 6   HIS n 
1 7   HIS n 
1 8   HIS n 
1 9   HIS n 
1 10  HIS n 
1 11  SER n 
1 12  SER n 
1 13  GLY n 
1 14  LEU n 
1 15  VAL n 
1 16  PRO n 
1 17  ARG n 
1 18  GLY n 
1 19  SER n 
1 20  HIS n 
1 21  MET n 
1 22  LEU n 
1 23  GLU n 
1 24  PHE n 
1 25  ASP n 
1 26  THR n 
1 27  ILE n 
1 28  LYS n 
1 29  ASP n 
1 30  SER n 
1 31  LYS n 
1 32  GLN n 
1 33  LEU n 
1 34  ASN n 
1 35  GLY n 
1 36  LEU n 
1 37  ALA n 
1 38  LEU n 
1 39  ALA n 
1 40  TYR n 
1 41  ILE n 
1 42  GLY n 
1 43  ASP n 
1 44  ALA n 
1 45  ILE n 
1 46  PHE n 
1 47  GLU n 
1 48  VAL n 
1 49  TYR n 
1 50  VAL n 
1 51  ARG n 
1 52  HIS n 
1 53  HIS n 
1 54  LEU n 
1 55  LEU n 
1 56  LYS n 
1 57  GLN n 
1 58  GLY n 
1 59  PHE n 
1 60  THR n 
1 61  LYS n 
1 62  PRO n 
1 63  ASN n 
1 64  ASP n 
1 65  LEU n 
1 66  HIS n 
1 67  LYS n 
1 68  LYS n 
1 69  SER n 
1 70  SER n 
1 71  ARG n 
1 72  ILE n 
1 73  VAL n 
1 74  SER n 
1 75  ALA n 
1 76  LYS n 
1 77  SER n 
1 78  GLN n 
1 79  ALA n 
1 80  GLU n 
1 81  ILE n 
1 82  LEU n 
1 83  PHE n 
1 84  PHE n 
1 85  LEU n 
1 86  GLN n 
1 87  ASN n 
1 88  GLN n 
1 89  SER n 
1 90  PHE n 
1 91  PHE n 
1 92  THR n 
1 93  GLU n 
1 94  GLU n 
1 95  GLU n 
1 96  GLU n 
1 97  ALA n 
1 98  VAL n 
1 99  LEU n 
1 100 LYS n 
1 101 ARG n 
1 102 GLY n 
1 103 ARG n 
1 104 ASN n 
1 105 ALA n 
1 106 LYS n 
1 107 SER n 
1 108 GLY n 
1 109 THR n 
1 110 THR n 
1 111 PRO n 
1 112 LYS n 
1 113 ASN n 
1 114 THR n 
1 115 ASP n 
1 116 VAL n 
1 117 GLN n 
1 118 THR n 
1 119 TYR n 
1 120 ARG n 
1 121 TYR n 
1 122 SER n 
1 123 THR n 
1 124 ALA n 
1 125 PHE n 
1 126 GLN n 
1 127 ALA n 
1 128 LEU n 
1 129 LEU n 
1 130 GLY n 
1 131 TYR n 
1 132 LEU n 
1 133 PHE n 
1 134 LEU n 
1 135 GLU n 
1 136 LYS n 
1 137 LYS n 
1 138 GLU n 
1 139 GLU n 
1 140 ARG n 
1 141 LEU n 
1 142 SER n 
1 143 GLN n 
1 144 LEU n 
1 145 VAL n 
1 146 ALA n 
1 147 GLU n 
1 148 ALA n 
1 149 ILE n 
1 150 GLN n 
1 151 PHE n 
1 152 GLY n 
1 153 THR n 
1 154 SER n 
1 155 GLY n 
1 156 ARG n 
1 157 LYS n 
1 158 THR n 
1 159 ASN n 
1 160 GLU n 
1 161 SER n 
1 162 ALA n 
1 163 THR n 
# 
_entity_src_gen.entity_id                          1 
_entity_src_gen.pdbx_src_id                        1 
_entity_src_gen.pdbx_alt_source_flag               sample 
_entity_src_gen.pdbx_seq_type                      ? 
_entity_src_gen.pdbx_beg_seq_num                   ? 
_entity_src_gen.pdbx_end_seq_num                   ? 
_entity_src_gen.gene_src_common_name               ? 
_entity_src_gen.gene_src_genus                     ? 
_entity_src_gen.pdbx_gene_src_gene                 'mrnC, yazC, BSU00950' 
_entity_src_gen.gene_src_species                   ? 
_entity_src_gen.gene_src_strain                    168 
_entity_src_gen.gene_src_tissue                    ? 
_entity_src_gen.gene_src_tissue_fraction           ? 
_entity_src_gen.gene_src_details                   ? 
_entity_src_gen.pdbx_gene_src_fragment             ? 
_entity_src_gen.pdbx_gene_src_scientific_name      'Bacillus subtilis subsp. subtilis' 
_entity_src_gen.pdbx_gene_src_ncbi_taxonomy_id     224308 
_entity_src_gen.pdbx_gene_src_variant              ? 
_entity_src_gen.pdbx_gene_src_cell_line            ? 
_entity_src_gen.pdbx_gene_src_atcc                 ? 
_entity_src_gen.pdbx_gene_src_organ                ? 
_entity_src_gen.pdbx_gene_src_organelle            ? 
_entity_src_gen.pdbx_gene_src_cell                 ? 
_entity_src_gen.pdbx_gene_src_cellular_location    ? 
_entity_src_gen.host_org_common_name               ? 
_entity_src_gen.pdbx_host_org_scientific_name      'Escherichia coli' 
_entity_src_gen.pdbx_host_org_ncbi_taxonomy_id     562 
_entity_src_gen.host_org_genus                     ? 
_entity_src_gen.pdbx_host_org_gene                 ? 
_entity_src_gen.pdbx_host_org_organ                ? 
_entity_src_gen.host_org_species                   ? 
_entity_src_gen.pdbx_host_org_tissue               ? 
_entity_src_gen.pdbx_host_org_tissue_fraction      ? 
_entity_src_gen.pdbx_host_org_strain               ? 
_entity_src_gen.pdbx_host_org_variant              ? 
_entity_src_gen.pdbx_host_org_cell_line            ? 
_entity_src_gen.pdbx_host_org_atcc                 ? 
_entity_src_gen.pdbx_host_org_culture_collection   ? 
_entity_src_gen.pdbx_host_org_cell                 ? 
_entity_src_gen.pdbx_host_org_organelle            ? 
_entity_src_gen.pdbx_host_org_cellular_location    ? 
_entity_src_gen.pdbx_host_org_vector_type          ? 
_entity_src_gen.pdbx_host_org_vector               ? 
_entity_src_gen.host_org_details                   ? 
_entity_src_gen.expression_system_id               ? 
_entity_src_gen.plasmid_name                       ? 
_entity_src_gen.plasmid_details                    ? 
_entity_src_gen.pdbx_description                   ? 
# 
_struct_ref.id                         1 
_struct_ref.db_name                    UNP 
_struct_ref.db_code                    MRNC_BACSU 
_struct_ref.pdbx_db_accession          O31418 
_struct_ref.entity_id                  1 
_struct_ref.pdbx_seq_one_letter_code   
;MLEFDTIKDSKQLNGLALAYIGDAIFEVYVRHHLLKQGFTKPNDLHKKSSRIVSAKSQAEILFFLQNQSFFTEEEEAVLK
RGRNAKSGTTPKNTDVQTYRYSTAFEALLGYLFLEKKEERLSQLVAEAIQFGTSGRKTNESAT
;
_struct_ref.pdbx_align_begin           1 
_struct_ref.pdbx_db_isoform            ? 
# 
_struct_ref_seq.align_id                      1 
_struct_ref_seq.ref_id                        1 
_struct_ref_seq.pdbx_PDB_id_code              4OUN 
_struct_ref_seq.pdbx_strand_id                A 
_struct_ref_seq.seq_align_beg                 21 
_struct_ref_seq.pdbx_seq_align_beg_ins_code   ? 
_struct_ref_seq.seq_align_end                 163 
_struct_ref_seq.pdbx_seq_align_end_ins_code   ? 
_struct_ref_seq.pdbx_db_accession             O31418 
_struct_ref_seq.db_align_beg                  1 
_struct_ref_seq.pdbx_db_align_beg_ins_code    ? 
_struct_ref_seq.db_align_end                  143 
_struct_ref_seq.pdbx_db_align_end_ins_code    ? 
_struct_ref_seq.pdbx_auth_seq_align_beg       21 
_struct_ref_seq.pdbx_auth_seq_align_end       163 
# 
loop_
_struct_ref_seq_dif.align_id 
_struct_ref_seq_dif.pdbx_pdb_id_code 
_struct_ref_seq_dif.mon_id 
_struct_ref_seq_dif.pdbx_pdb_strand_id 
_struct_ref_seq_dif.seq_num 
_struct_ref_seq_dif.pdbx_pdb_ins_code 
_struct_ref_seq_dif.pdbx_seq_db_name 
_struct_ref_seq_dif.pdbx_seq_db_accession_code 
_struct_ref_seq_dif.db_mon_id 
_struct_ref_seq_dif.pdbx_seq_db_seq_num 
_struct_ref_seq_dif.details 
_struct_ref_seq_dif.pdbx_auth_seq_num 
_struct_ref_seq_dif.pdbx_ordinal 
1 4OUN MET A 1   ? UNP O31418 ?   ?   'expression tag'      1   1  
1 4OUN GLY A 2   ? UNP O31418 ?   ?   'expression tag'      2   2  
1 4OUN SER A 3   ? UNP O31418 ?   ?   'expression tag'      3   3  
1 4OUN SER A 4   ? UNP O31418 ?   ?   'expression tag'      4   4  
1 4OUN HIS A 5   ? UNP O31418 ?   ?   'expression tag'      5   5  
1 4OUN HIS A 6   ? UNP O31418 ?   ?   'expression tag'      6   6  
1 4OUN HIS A 7   ? UNP O31418 ?   ?   'expression tag'      7   7  
1 4OUN HIS A 8   ? UNP O31418 ?   ?   'expression tag'      8   8  
1 4OUN HIS A 9   ? UNP O31418 ?   ?   'expression tag'      9   9  
1 4OUN HIS A 10  ? UNP O31418 ?   ?   'expression tag'      10  10 
1 4OUN SER A 11  ? UNP O31418 ?   ?   'expression tag'      11  11 
1 4OUN SER A 12  ? UNP O31418 ?   ?   'expression tag'      12  12 
1 4OUN GLY A 13  ? UNP O31418 ?   ?   'expression tag'      13  13 
1 4OUN LEU A 14  ? UNP O31418 ?   ?   'expression tag'      14  14 
1 4OUN VAL A 15  ? UNP O31418 ?   ?   'expression tag'      15  15 
1 4OUN PRO A 16  ? UNP O31418 ?   ?   'expression tag'      16  16 
1 4OUN ARG A 17  ? UNP O31418 ?   ?   'expression tag'      17  17 
1 4OUN GLY A 18  ? UNP O31418 ?   ?   'expression tag'      18  18 
1 4OUN SER A 19  ? UNP O31418 ?   ?   'expression tag'      19  19 
1 4OUN HIS A 20  ? UNP O31418 ?   ?   'expression tag'      20  20 
1 4OUN GLN A 126 ? UNP O31418 GLU 106 'engineered mutation' 126 21 
# 
loop_
_chem_comp.id 
_chem_comp.type 
_chem_comp.mon_nstd_flag 
_chem_comp.name 
_chem_comp.pdbx_synonyms 
_chem_comp.formula 
_chem_comp.formula_weight 
ALA 'L-peptide linking' y ALANINE         ? 'C3 H7 N O2'     89.093  
ARG 'L-peptide linking' y ARGININE        ? 'C6 H15 N4 O2 1' 175.209 
ASN 'L-peptide linking' y ASPARAGINE      ? 'C4 H8 N2 O3'    132.118 
ASP 'L-peptide linking' y 'ASPARTIC ACID' ? 'C4 H7 N O4'     133.103 
GLN 'L-peptide linking' y GLUTAMINE       ? 'C5 H10 N2 O3'   146.144 
GLU 'L-peptide linking' y 'GLUTAMIC ACID' ? 'C5 H9 N O4'     147.129 
GLY 'peptide linking'   y GLYCINE         ? 'C2 H5 N O2'     75.067  
HIS 'L-peptide linking' y HISTIDINE       ? 'C6 H10 N3 O2 1' 156.162 
HOH non-polymer         . WATER           ? 'H2 O'           18.015  
ILE 'L-peptide linking' y ISOLEUCINE      ? 'C6 H13 N O2'    131.173 
LEU 'L-peptide linking' y LEUCINE         ? 'C6 H13 N O2'    131.173 
LYS 'L-peptide linking' y LYSINE          ? 'C6 H15 N2 O2 1' 147.195 
MET 'L-peptide linking' y METHIONINE      ? 'C5 H11 N O2 S'  149.211 
PHE 'L-peptide linking' y PHENYLALANINE   ? 'C9 H11 N O2'    165.189 
PRO 'L-peptide linking' y PROLINE         ? 'C5 H9 N O2'     115.130 
SER 'L-peptide linking' y SERINE          ? 'C3 H7 N O3'     105.093 
THR 'L-peptide linking' y THREONINE       ? 'C4 H9 N O3'     119.119 
TYR 'L-peptide linking' y TYROSINE        ? 'C9 H11 N O3'    181.189 
VAL 'L-peptide linking' y VALINE          ? 'C5 H11 N O2'    117.146 
# 
_exptl.crystals_number   1 
_exptl.entry_id          4OUN 
_exptl.method            'X-RAY DIFFRACTION' 
# 
_exptl_crystal.id                    1 
_exptl_crystal.pdbx_mosaicity        ? 
_exptl_crystal.pdbx_mosaicity_esd    ? 
_exptl_crystal.density_Matthews      1.55 
_exptl_crystal.density_diffrn        ? 
_exptl_crystal.density_meas          ? 
_exptl_crystal.density_meas_temp     ? 
_exptl_crystal.density_percent_sol   20.43 
_exptl_crystal.size_max              ? 
_exptl_crystal.size_mid              ? 
_exptl_crystal.size_min              ? 
_exptl_crystal.size_rad              ? 
_exptl_crystal.description           ? 
_exptl_crystal.F_000                 ? 
_exptl_crystal.preparation           ? 
# 
_exptl_crystal_grow.crystal_id      1 
_exptl_crystal_grow.method          'VAPOR DIFFUSION, SITTING DROP' 
_exptl_crystal_grow.pH              8.5 
_exptl_crystal_grow.temp            298 
_exptl_crystal_grow.temp_details    ? 
_exptl_crystal_grow.pdbx_details    
'0.2M sodium acetate trihydrate, 0.1M TRIS, 30% PEG4000, pH 8.5, VAPOR DIFFUSION, SITTING DROP, temperature 298K' 
_exptl_crystal_grow.pdbx_pH_range   . 
# 
_diffrn.id                     1 
_diffrn.ambient_temp           100 
_diffrn.ambient_temp_details   ? 
_diffrn.crystal_id             1 
# 
_diffrn_detector.diffrn_id              1 
_diffrn_detector.detector               PIXEL 
_diffrn_detector.type                   'DECTRIS PILATUS 6M' 
_diffrn_detector.pdbx_collection_date   2013-11-24 
_diffrn_detector.details                ? 
# 
_diffrn_radiation.diffrn_id                        1 
_diffrn_radiation.wavelength_id                    1 
_diffrn_radiation.pdbx_diffrn_protocol             'SINGLE WAVELENGTH' 
_diffrn_radiation.monochromator                    'Double crystal' 
_diffrn_radiation.pdbx_monochromatic_or_laue_m_l   M 
_diffrn_radiation.pdbx_scattering_type             x-ray 
# 
_diffrn_radiation_wavelength.id           1 
_diffrn_radiation_wavelength.wavelength   0.917152 
_diffrn_radiation_wavelength.wt           1.0 
# 
_diffrn_source.diffrn_id                   1 
_diffrn_source.source                      SYNCHROTRON 
_diffrn_source.type                        'BESSY BEAMLINE 14.1' 
_diffrn_source.pdbx_wavelength             ? 
_diffrn_source.pdbx_wavelength_list        0.917152 
_diffrn_source.pdbx_synchrotron_site       BESSY 
_diffrn_source.pdbx_synchrotron_beamline   14.1 
# 
_reflns.entry_id                     4OUN 
_reflns.d_resolution_high            1.800 
_reflns.number_obs                   10939 
_reflns.pdbx_Rmerge_I_obs            0.091 
_reflns.pdbx_netI_over_sigmaI        17.170 
_reflns.pdbx_chi_squared             0.964 
_reflns.percent_possible_obs         99.8 
_reflns.B_iso_Wilson_estimate        36.163 
_reflns.observed_criterion_sigma_I   2.000 
_reflns.observed_criterion_sigma_F   ? 
_reflns.d_resolution_low             44.7 
_reflns.number_all                   10956 
_reflns.pdbx_Rsym_value              ? 
_reflns.pdbx_redundancy              ? 
_reflns.R_free_details               ? 
_reflns.limit_h_max                  ? 
_reflns.limit_h_min                  ? 
_reflns.limit_k_max                  ? 
_reflns.limit_k_min                  ? 
_reflns.limit_l_max                  ? 
_reflns.limit_l_min                  ? 
_reflns.observed_criterion_F_max     ? 
_reflns.observed_criterion_F_min     ? 
_reflns.pdbx_scaling_rejects         ? 
_reflns.pdbx_ordinal                 1 
_reflns.pdbx_diffrn_id               1 
_reflns.pdbx_CC_half                 ? 
_reflns.pdbx_Rpim_I_all              ? 
_reflns.pdbx_Rrim_I_all              ? 
# 
loop_
_reflns_shell.d_res_high 
_reflns_shell.d_res_low 
_reflns_shell.number_measured_obs 
_reflns_shell.number_measured_all 
_reflns_shell.number_unique_obs 
_reflns_shell.pdbx_rejects 
_reflns_shell.Rmerge_I_obs 
_reflns_shell.meanI_over_sigI_obs 
_reflns_shell.pdbx_Rsym_value 
_reflns_shell.pdbx_chi_squared 
_reflns_shell.pdbx_redundancy 
_reflns_shell.percent_possible_obs 
_reflns_shell.pdbx_netI_over_sigmaI_obs 
_reflns_shell.number_possible 
_reflns_shell.number_unique_all 
_reflns_shell.Rmerge_F_all 
_reflns_shell.Rmerge_F_obs 
_reflns_shell.Rmerge_I_all 
_reflns_shell.meanI_over_sigI_all 
_reflns_shell.percent_possible_all 
_reflns_shell.pdbx_Rrim_I_all 
_reflns_shell.pdbx_Rpim_I_all 
_reflns_shell.pdbx_ordinal 
_reflns_shell.pdbx_diffrn_id 
_reflns_shell.pdbx_CC_half 
1.800 1.910   22773 ? 1732 0 1.4 2.040  ? ? ? ? ? 1744 ? ? 0.922 ? ? 99.300  1.468 ? 1 1 ? 
1.910 2.040   20472 ? 1635 0 ?   3.280  ? ? ? ? ? 1638 ? ? 0.959 ? ? 99.800  0.884 ? 2 1 ? 
2.040 2.200   20736 ? 1531 0 ?   6.010  ? ? ? ? ? 1532 ? ? 0.989 ? ? 99.900  0.470 ? 3 1 ? 
2.200 2.410   18657 ? 1394 0 ?   10.080 ? ? ? ? ? 1396 ? ? 0.995 ? ? 99.900  0.256 ? 4 1 ? 
2.410 2.700   16296 ? 1295 0 ?   14.840 ? ? ? ? ? 1295 ? ? 0.999 ? ? 100.000 0.153 ? 5 1 ? 
2.700 3.110   15653 ? 1150 0 ?   24.910 ? ? ? ? ? 1150 ? ? 0.999 ? ? 100.000 0.093 ? 6 1 ? 
3.110 3.810   12170 ? 964  0 ?   38.980 ? ? ? ? ? 964  ? ? 0.999 ? ? 100.000 0.056 ? 7 1 ? 
3.810 5.360   10086 ? 777  0 ?   55.940 ? ? ? ? ? 778  ? ? 0.999 ? ? 99.900  0.039 ? 8 1 ? 
5.360 44.6900 5272  ? 461  0 ?   58.110 ? ? ? ? ? 461  ? ? 1.000 ? ? 100.000 0.040 ? 9 1 ? 
# 
_refine.entry_id                                 4OUN 
_refine.ls_d_res_high                            1.8000 
_refine.ls_d_res_low                             44.6900 
_refine.pdbx_ls_sigma_F                          ? 
_refine.pdbx_data_cutoff_high_absF               ? 
_refine.pdbx_data_cutoff_low_absF                ? 
_refine.ls_percent_reflns_obs                    99.8400 
_refine.ls_number_reflns_obs                     10939 
_refine.ls_number_reflns_all                     10956 
_refine.pdbx_ls_cross_valid_method               THROUGHOUT 
_refine.pdbx_R_Free_selection_details            RANDOM 
_refine.details                                  'U VALUES      : REFINED INDIVIDUALLY' 
_refine.ls_R_factor_all                          ? 
_refine.ls_R_factor_obs                          0.2092 
_refine.ls_R_factor_R_work                       0.2060 
_refine.ls_wR_factor_R_work                      ? 
_refine.ls_R_factor_R_free                       0.2676 
_refine.ls_wR_factor_R_free                      ? 
_refine.ls_percent_reflns_R_free                 5.0000 
_refine.ls_number_reflns_R_free                  547 
_refine.ls_R_factor_R_free_error                 ? 
_refine.B_iso_mean                               41.9170 
_refine.solvent_model_param_bsol                 ? 
_refine.solvent_model_param_ksol                 ? 
_refine.pdbx_isotropic_thermal_model             ? 
_refine.aniso_B[1][1]                            0.0500 
_refine.aniso_B[2][2]                            -0.0500 
_refine.aniso_B[3][3]                            -0.0000 
_refine.aniso_B[1][2]                            0.0000 
_refine.aniso_B[1][3]                            -0.0000 
_refine.aniso_B[2][3]                            0.0000 
_refine.correlation_coeff_Fo_to_Fc               0.9670 
_refine.correlation_coeff_Fo_to_Fc_free          0.9380 
_refine.overall_SU_R_Cruickshank_DPI             ? 
_refine.overall_SU_R_free                        ? 
_refine.pdbx_overall_ESU_R                       0.1550 
_refine.pdbx_overall_ESU_R_Free                  0.1560 
_refine.overall_SU_ML                            0.1760 
_refine.overall_SU_B                             6.4130 
_refine.solvent_model_details                    MASK 
_refine.pdbx_solvent_vdw_probe_radii             1.2000 
_refine.pdbx_solvent_ion_probe_radii             0.8000 
_refine.pdbx_solvent_shrinkage_radii             0.8000 
_refine.ls_number_parameters                     ? 
_refine.ls_number_restraints                     ? 
_refine.pdbx_starting_model                      1U61 
_refine.pdbx_method_to_determine_struct          'MOLECULAR REPLACEMENT' 
_refine.pdbx_stereochemistry_target_values       'MAXIMUM LIKELIHOOD' 
_refine.pdbx_stereochem_target_val_spec_case     ? 
_refine.overall_FOM_work_R_set                   ? 
_refine.B_iso_max                                95.640 
_refine.B_iso_min                                21.790 
_refine.pdbx_overall_phase_error                 ? 
_refine.occupancy_max                            ? 
_refine.occupancy_min                            ? 
_refine.pdbx_ls_sigma_I                          2.0 
_refine.ls_redundancy_reflns_obs                 ? 
_refine.ls_R_factor_R_free_error_details         ? 
_refine.pdbx_data_cutoff_high_rms_absF           ? 
_refine.overall_FOM_free_R_set                   ? 
_refine.pdbx_diffrn_id                           1 
_refine.pdbx_refine_id                           'X-RAY DIFFRACTION' 
_refine.pdbx_TLS_residual_ADP_flag               ? 
_refine.pdbx_overall_SU_R_free_Cruickshank_DPI   ? 
_refine.pdbx_overall_SU_R_Blow_DPI               ? 
_refine.pdbx_overall_SU_R_free_Blow_DPI          ? 
# 
_refine_hist.pdbx_refine_id                   'X-RAY DIFFRACTION' 
_refine_hist.cycle_id                         LAST 
_refine_hist.pdbx_number_atoms_protein        1009 
_refine_hist.pdbx_number_atoms_nucleic_acid   0 
_refine_hist.pdbx_number_atoms_ligand         0 
_refine_hist.number_atoms_solvent             36 
_refine_hist.number_atoms_total               1045 
_refine_hist.d_res_high                       1.8000 
_refine_hist.d_res_low                        44.6900 
# 
loop_
_refine_ls_restr.type 
_refine_ls_restr.number 
_refine_ls_restr.dev_ideal 
_refine_ls_restr.dev_ideal_target 
_refine_ls_restr.weight 
_refine_ls_restr.pdbx_restraint_function 
_refine_ls_restr.pdbx_refine_id 
r_bond_refined_d       1027 0.015  0.019  ? ? 'X-RAY DIFFRACTION' 
r_angle_refined_deg    1378 1.542  1.957  ? ? 'X-RAY DIFFRACTION' 
r_dihedral_angle_1_deg 123  6.042  5.000  ? ? 'X-RAY DIFFRACTION' 
r_dihedral_angle_2_deg 51   33.582 24.118 ? ? 'X-RAY DIFFRACTION' 
r_dihedral_angle_3_deg 190  15.358 15.000 ? ? 'X-RAY DIFFRACTION' 
r_dihedral_angle_4_deg 6    29.895 15.000 ? ? 'X-RAY DIFFRACTION' 
r_chiral_restr         153  0.114  0.200  ? ? 'X-RAY DIFFRACTION' 
r_gen_planes_refined   766  0.008  0.020  ? ? 'X-RAY DIFFRACTION' 
r_mcbond_it            498  3.387  3.841  ? ? 'X-RAY DIFFRACTION' 
r_mcangle_it           619  4.816  5.719  ? ? 'X-RAY DIFFRACTION' 
r_scbond_it            529  5.046  4.469  ? ? 'X-RAY DIFFRACTION' 
# 
_refine_ls_shell.d_res_high                       1.7990 
_refine_ls_shell.d_res_low                        1.8460 
_refine_ls_shell.pdbx_total_number_of_bins_used   20 
_refine_ls_shell.percent_reflns_obs               98.7500 
_refine_ls_shell.number_reflns_R_work             754 
_refine_ls_shell.R_factor_all                     ? 
_refine_ls_shell.R_factor_R_work                  0.4300 
_refine_ls_shell.R_factor_R_free                  0.4810 
_refine_ls_shell.percent_reflns_R_free            ? 
_refine_ls_shell.number_reflns_R_free             39 
_refine_ls_shell.R_factor_R_free_error            ? 
_refine_ls_shell.number_reflns_all                793 
_refine_ls_shell.number_reflns_obs                ? 
_refine_ls_shell.pdbx_refine_id                   'X-RAY DIFFRACTION' 
_refine_ls_shell.redundancy_reflns_obs            ? 
_refine_ls_shell.R_factor_obs                     ? 
# 
_struct.entry_id                  4OUN 
_struct.title                     'Crystal Structure of Mini-ribonuclease 3 from Bacillus subtilis' 
_struct.pdbx_model_details        ? 
_struct.pdbx_CASP_flag            ? 
_struct.pdbx_model_type_details   ? 
# 
_struct_keywords.entry_id        4OUN 
_struct_keywords.pdbx_keywords   HYDROLASE 
_struct_keywords.text            'RNase III domain-like, Ribonuclease, RNA binding, HYDROLASE' 
# 
loop_
_struct_asym.id 
_struct_asym.pdbx_blank_PDB_chainid_flag 
_struct_asym.pdbx_modified 
_struct_asym.entity_id 
_struct_asym.details 
A N N 1 ? 
B N N 2 ? 
# 
loop_
_struct_conf.conf_type_id 
_struct_conf.id 
_struct_conf.pdbx_PDB_helix_id 
_struct_conf.beg_label_comp_id 
_struct_conf.beg_label_asym_id 
_struct_conf.beg_label_seq_id 
_struct_conf.pdbx_beg_PDB_ins_code 
_struct_conf.end_label_comp_id 
_struct_conf.end_label_asym_id 
_struct_conf.end_label_seq_id 
_struct_conf.pdbx_end_PDB_ins_code 
_struct_conf.beg_auth_comp_id 
_struct_conf.beg_auth_asym_id 
_struct_conf.beg_auth_seq_id 
_struct_conf.end_auth_comp_id 
_struct_conf.end_auth_asym_id 
_struct_conf.end_auth_seq_id 
_struct_conf.pdbx_PDB_helix_class 
_struct_conf.details 
_struct_conf.pdbx_PDB_helix_length 
HELX_P HELX_P1 1 ASP A 29  ? LEU A 33  ? ASP A 29  LEU A 33  5 ? 5  
HELX_P HELX_P2 2 ASN A 34  ? GLN A 57  ? ASN A 34  GLN A 57  1 ? 24 
HELX_P HELX_P3 3 LYS A 61  ? SER A 74  ? LYS A 61  SER A 74  1 ? 14 
HELX_P HELX_P4 4 SER A 74  ? GLN A 88  ? SER A 74  GLN A 88  1 ? 15 
HELX_P HELX_P5 5 THR A 92  ? ASN A 104 ? THR A 92  ASN A 104 1 ? 13 
HELX_P HELX_P6 6 ASP A 115 ? GLU A 135 ? ASP A 115 GLU A 135 1 ? 21 
HELX_P HELX_P7 7 LYS A 137 ? SER A 154 ? LYS A 137 SER A 154 1 ? 18 
# 
_struct_conf_type.id          HELX_P 
_struct_conf_type.criteria    ? 
_struct_conf_type.reference   ? 
# 
_atom_sites.entry_id                    4OUN 
_atom_sites.fract_transf_matrix[1][1]   0.02384623 
_atom_sites.fract_transf_matrix[1][2]   0.00437285 
_atom_sites.fract_transf_matrix[1][3]   0.00211575 
_atom_sites.fract_transf_matrix[2][1]   -0.00266304 
_atom_sites.fract_transf_matrix[2][2]   0.01570991 
_atom_sites.fract_transf_matrix[2][3]   -0.00245474 
_atom_sites.fract_transf_matrix[3][1]   -0.00125379 
_atom_sites.fract_transf_matrix[3][2]   0.00150840 
_atom_sites.fract_transf_matrix[3][3]   0.01101371 
_atom_sites.fract_transf_vector[1]      0.345370 
_atom_sites.fract_transf_vector[2]      0.769428 
_atom_sites.fract_transf_vector[3]      0.351869 
# 
loop_
_atom_type.symbol 
C 
N 
O 
# 
loop_
_atom_site.group_PDB 
_atom_site.id 
_atom_site.type_symbol 
_atom_site.label_atom_id 
_atom_site.label_alt_id 
_atom_site.label_comp_id 
_atom_site.label_asym_id 
_atom_site.label_entity_id 
_atom_site.label_seq_id 
_atom_site.pdbx_PDB_ins_code 
_atom_site.Cartn_x 
_atom_site.Cartn_y 
_atom_site.Cartn_z 
_atom_site.occupancy 
_atom_site.B_iso_or_equiv 
_atom_site.pdbx_formal_charge 
_atom_site.auth_seq_id 
_atom_site.auth_comp_id 
_atom_site.auth_asym_id 
_atom_site.auth_atom_id 
_atom_site.pdbx_PDB_model_num 
ATOM   1    N N   . PHE A 1 24  ? 15.015  -10.294 -3.939  1.00 53.68 ? 24  PHE A N   1 
ATOM   2    C CA  . PHE A 1 24  ? 15.718  -9.091  -3.418  1.00 45.74 ? 24  PHE A CA  1 
ATOM   3    C C   . PHE A 1 24  ? 16.484  -9.512  -2.176  1.00 45.02 ? 24  PHE A C   1 
ATOM   4    O O   . PHE A 1 24  ? 16.038  -10.373 -1.442  1.00 48.98 ? 24  PHE A O   1 
ATOM   5    C CB  . PHE A 1 24  ? 14.711  -8.018  -3.021  1.00 46.11 ? 24  PHE A CB  1 
ATOM   6    C CG  . PHE A 1 24  ? 14.062  -7.330  -4.178  1.00 43.83 ? 24  PHE A CG  1 
ATOM   7    C CD1 . PHE A 1 24  ? 12.945  -7.878  -4.793  1.00 43.80 ? 24  PHE A CD1 1 
ATOM   8    C CD2 . PHE A 1 24  ? 14.572  -6.124  -4.639  1.00 40.17 ? 24  PHE A CD2 1 
ATOM   9    C CE1 . PHE A 1 24  ? 12.361  -7.238  -5.876  1.00 48.65 ? 24  PHE A CE1 1 
ATOM   10   C CE2 . PHE A 1 24  ? 13.987  -5.467  -5.701  1.00 44.60 ? 24  PHE A CE2 1 
ATOM   11   C CZ  . PHE A 1 24  ? 12.892  -6.026  -6.335  1.00 41.84 ? 24  PHE A CZ  1 
ATOM   12   N N   . ASP A 1 25  ? 17.630  -8.899  -1.927  1.00 43.49 ? 25  ASP A N   1 
ATOM   13   C CA  . ASP A 1 25  ? 18.378  -9.196  -0.698  1.00 50.46 ? 25  ASP A CA  1 
ATOM   14   C C   . ASP A 1 25  ? 17.637  -8.701  0.535   1.00 54.90 ? 25  ASP A C   1 
ATOM   15   O O   . ASP A 1 25  ? 16.953  -7.668  0.490   1.00 48.03 ? 25  ASP A O   1 
ATOM   16   C CB  . ASP A 1 25  ? 19.747  -8.503  -0.708  1.00 56.67 ? 25  ASP A CB  1 
ATOM   17   C CG  . ASP A 1 25  ? 20.682  -9.057  -1.765  1.00 62.18 ? 25  ASP A CG  1 
ATOM   18   O OD1 . ASP A 1 25  ? 20.522  -10.253 -2.139  1.00 60.60 ? 25  ASP A OD1 1 
ATOM   19   O OD2 . ASP A 1 25  ? 21.561  -8.279  -2.206  1.00 55.46 ? 25  ASP A OD2 1 
ATOM   20   N N   . THR A 1 26  ? 17.802  -9.431  1.634   1.00 58.45 ? 26  THR A N   1 
ATOM   21   C CA  . THR A 1 26  ? 17.378  -8.989  2.968   1.00 52.17 ? 26  THR A CA  1 
ATOM   22   C C   . THR A 1 26  ? 18.175  -7.709  3.312   1.00 49.14 ? 26  THR A C   1 
ATOM   23   O O   . THR A 1 26  ? 19.360  -7.587  2.951   1.00 52.70 ? 26  THR A O   1 
ATOM   24   C CB  . THR A 1 26  ? 17.557  -10.145 4.008   1.00 51.13 ? 26  THR A CB  1 
ATOM   25   O OG1 . THR A 1 26  ? 16.457  -11.085 3.896   1.00 44.94 ? 26  THR A OG1 1 
ATOM   26   C CG2 . THR A 1 26  ? 17.632  -9.605  5.481   1.00 45.93 ? 26  THR A CG2 1 
ATOM   27   N N   . ILE A 1 27  ? 17.512  -6.734  3.953   1.00 45.28 ? 27  ILE A N   1 
ATOM   28   C CA  . ILE A 1 27  ? 18.169  -5.500  4.452   1.00 43.57 ? 27  ILE A CA  1 
ATOM   29   C C   . ILE A 1 27  ? 18.232  -5.638  5.972   1.00 38.80 ? 27  ILE A C   1 
ATOM   30   O O   . ILE A 1 27  ? 17.199  -5.902  6.624   1.00 35.09 ? 27  ILE A O   1 
ATOM   31   C CB  . ILE A 1 27  ? 17.392  -4.208  4.070   1.00 39.20 ? 27  ILE A CB  1 
ATOM   32   C CG1 . ILE A 1 27  ? 17.398  -4.055  2.535   1.00 37.63 ? 27  ILE A CG1 1 
ATOM   33   C CG2 . ILE A 1 27  ? 17.969  -2.995  4.823   1.00 38.82 ? 27  ILE A CG2 1 
ATOM   34   C CD1 . ILE A 1 27  ? 16.405  -3.042  1.984   1.00 37.88 ? 27  ILE A CD1 1 
ATOM   35   N N   . LYS A 1 28  ? 19.434  -5.492  6.516   1.00 36.64 ? 28  LYS A N   1 
ATOM   36   C CA  . LYS A 1 28  ? 19.659  -5.721  7.936   1.00 36.87 ? 28  LYS A CA  1 
ATOM   37   C C   . LYS A 1 28  ? 18.775  -4.742  8.724   1.00 35.35 ? 28  LYS A C   1 
ATOM   38   O O   . LYS A 1 28  ? 18.734  -3.551  8.392   1.00 34.32 ? 28  LYS A O   1 
ATOM   39   C CB  . LYS A 1 28  ? 21.150  -5.516  8.259   1.00 37.79 ? 28  LYS A CB  1 
ATOM   40   C CG  . LYS A 1 28  ? 21.492  -5.530  9.733   1.00 37.60 ? 28  LYS A CG  1 
ATOM   41   C CD  . LYS A 1 28  ? 22.959  -5.170  9.969   1.00 39.05 ? 28  LYS A CD  1 
ATOM   42   C CE  . LYS A 1 28  ? 23.431  -5.813  11.268  1.00 46.71 ? 28  LYS A CE  1 
ATOM   43   N NZ  . LYS A 1 28  ? 24.577  -5.120  11.909  1.00 50.32 ? 28  LYS A NZ  1 
ATOM   44   N N   . ASP A 1 29  ? 18.071  -5.243  9.745   1.00 34.20 ? 29  ASP A N   1 
ATOM   45   C CA  . ASP A 1 29  ? 17.268  -4.395  10.648  1.00 35.90 ? 29  ASP A CA  1 
ATOM   46   C C   . ASP A 1 29  ? 16.243  -3.567  9.825   1.00 41.26 ? 29  ASP A C   1 
ATOM   47   O O   . ASP A 1 29  ? 15.919  -2.436  10.197  1.00 39.27 ? 29  ASP A O   1 
ATOM   48   C CB  . ASP A 1 29  ? 18.176  -3.398  11.402  1.00 36.33 ? 29  ASP A CB  1 
ATOM   49   C CG  . ASP A 1 29  ? 18.997  -4.041  12.541  1.00 35.56 ? 29  ASP A CG  1 
ATOM   50   O OD1 . ASP A 1 29  ? 18.566  -5.033  13.122  1.00 34.73 ? 29  ASP A OD1 1 
ATOM   51   O OD2 . ASP A 1 29  ? 20.084  -3.540  12.817  1.00 34.83 ? 29  ASP A OD2 1 
ATOM   52   N N   . SER A 1 30  ? 15.760  -4.124  8.707   1.00 42.02 ? 30  SER A N   1 
ATOM   53   C CA  . SER A 1 30  ? 14.711  -3.478  7.921   1.00 40.90 ? 30  SER A CA  1 
ATOM   54   C C   . SER A 1 30  ? 13.479  -3.240  8.807   1.00 39.55 ? 30  SER A C   1 
ATOM   55   O O   . SER A 1 30  ? 12.845  -2.197  8.719   1.00 36.89 ? 30  SER A O   1 
ATOM   56   C CB  . SER A 1 30  ? 14.331  -4.291  6.652   1.00 37.13 ? 30  SER A CB  1 
ATOM   57   O OG  . SER A 1 30  ? 13.975  -5.629  6.973   1.00 39.42 ? 30  SER A OG  1 
ATOM   58   N N   . LYS A 1 31  ? 13.178  -4.143  9.728   1.00 32.64 ? 31  LYS A N   1 
ATOM   59   C CA  . LYS A 1 31  ? 12.021  -3.850  10.539  1.00 36.12 ? 31  LYS A CA  1 
ATOM   60   C C   . LYS A 1 31  ? 12.167  -2.675  11.531  1.00 34.42 ? 31  LYS A C   1 
ATOM   61   O O   . LYS A 1 31  ? 11.229  -2.324  12.169  1.00 39.61 ? 31  LYS A O   1 
ATOM   62   C CB  . LYS A 1 31  ? 11.489  -5.115  11.209  1.00 40.59 ? 31  LYS A CB  1 
ATOM   63   C CG  . LYS A 1 31  ? 12.280  -5.668  12.365  1.00 47.93 ? 31  LYS A CG  1 
ATOM   64   C CD  . LYS A 1 31  ? 11.501  -6.884  12.871  1.00 54.44 ? 31  LYS A CD  1 
ATOM   65   C CE  . LYS A 1 31  ? 12.197  -7.541  14.046  1.00 62.28 ? 31  LYS A CE  1 
ATOM   66   N NZ  . LYS A 1 31  ? 12.633  -6.505  15.034  1.00 66.90 ? 31  LYS A NZ  1 
ATOM   67   N N   . GLN A 1 32  ? 13.344  -2.085  11.659  1.00 35.19 ? 32  GLN A N   1 
ATOM   68   C CA  . GLN A 1 32  ? 13.533  -0.951  12.532  1.00 38.10 ? 32  GLN A CA  1 
ATOM   69   C C   . GLN A 1 32  ? 13.281  0.343   11.767  1.00 36.26 ? 32  GLN A C   1 
ATOM   70   O O   . GLN A 1 32  ? 13.441  1.415   12.332  1.00 35.87 ? 32  GLN A O   1 
ATOM   71   C CB  . GLN A 1 32  ? 15.004  -0.865  12.984  1.00 38.06 ? 32  GLN A CB  1 
ATOM   72   C CG  . GLN A 1 32  ? 15.546  -2.137  13.613  1.00 47.13 ? 32  GLN A CG  1 
ATOM   73   C CD  . GLN A 1 32  ? 14.734  -2.572  14.793  1.00 44.57 ? 32  GLN A CD  1 
ATOM   74   O OE1 . GLN A 1 32  ? 14.469  -1.781  15.673  1.00 49.33 ? 32  GLN A OE1 1 
ATOM   75   N NE2 . GLN A 1 32  ? 14.339  -3.838  14.822  1.00 52.65 ? 32  GLN A NE2 1 
ATOM   76   N N   . LEU A 1 33  ? 13.013  0.234   10.468  1.00 33.47 ? 33  LEU A N   1 
ATOM   77   C CA  . LEU A 1 33  ? 12.989  1.401   9.582   1.00 31.38 ? 33  LEU A CA  1 
ATOM   78   C C   . LEU A 1 33  ? 11.851  2.286   10.038  1.00 31.27 ? 33  LEU A C   1 
ATOM   79   O O   . LEU A 1 33  ? 10.779  1.780   10.401  1.00 27.56 ? 33  LEU A O   1 
ATOM   80   C CB  . LEU A 1 33  ? 12.734  0.977   8.124   1.00 31.34 ? 33  LEU A CB  1 
ATOM   81   C CG  . LEU A 1 33  ? 13.954  0.356   7.442   1.00 32.47 ? 33  LEU A CG  1 
ATOM   82   C CD1 . LEU A 1 33  ? 13.590  -0.115  6.052   1.00 33.29 ? 33  LEU A CD1 1 
ATOM   83   C CD2 . LEU A 1 33  ? 15.115  1.345   7.460   1.00 33.03 ? 33  LEU A CD2 1 
ATOM   84   N N   . ASN A 1 34  ? 12.075  3.593   9.956   1.00 31.98 ? 34  ASN A N   1 
ATOM   85   C CA  . ASN A 1 34  ? 11.024  4.505   10.268  1.00 30.51 ? 34  ASN A CA  1 
ATOM   86   C C   . ASN A 1 34  ? 9.856   4.381   9.285   1.00 32.56 ? 34  ASN A C   1 
ATOM   87   O O   . ASN A 1 34  ? 9.994   3.773   8.201   1.00 33.52 ? 34  ASN A O   1 
ATOM   88   C CB  . ASN A 1 34  ? 11.602  5.920   10.406  1.00 32.99 ? 34  ASN A CB  1 
ATOM   89   C CG  . ASN A 1 34  ? 12.012  6.514   9.094   1.00 43.35 ? 34  ASN A CG  1 
ATOM   90   O OD1 . ASN A 1 34  ? 11.212  6.626   8.165   1.00 41.12 ? 34  ASN A OD1 1 
ATOM   91   N ND2 . ASN A 1 34  ? 13.267  6.918   9.011   1.00 41.44 ? 34  ASN A ND2 1 
ATOM   92   N N   . GLY A 1 35  ? 8.714   4.935   9.659   1.00 30.82 ? 35  GLY A N   1 
ATOM   93   C CA  . GLY A 1 35  ? 7.522   4.926   8.830   1.00 28.17 ? 35  GLY A CA  1 
ATOM   94   C C   . GLY A 1 35  ? 7.665   5.476   7.423   1.00 26.58 ? 35  GLY A C   1 
ATOM   95   O O   . GLY A 1 35  ? 7.063   4.933   6.499   1.00 29.97 ? 35  GLY A O   1 
ATOM   96   N N   . LEU A 1 36  ? 8.426   6.554   7.250   1.00 28.00 ? 36  LEU A N   1 
ATOM   97   C CA  . LEU A 1 36  ? 8.558   7.175   5.923   1.00 31.25 ? 36  LEU A CA  1 
ATOM   98   C C   . LEU A 1 36  ? 9.395   6.324   4.986   1.00 31.49 ? 36  LEU A C   1 
ATOM   99   O O   . LEU A 1 36  ? 9.118   6.254   3.784   1.00 28.57 ? 36  LEU A O   1 
ATOM   100  C CB  . LEU A 1 36  ? 9.206   8.553   5.996   1.00 33.76 ? 36  LEU A CB  1 
ATOM   101  C CG  . LEU A 1 36  ? 8.353   9.687   6.602   1.00 43.37 ? 36  LEU A CG  1 
ATOM   102  C CD1 . LEU A 1 36  ? 9.129   11.021  6.587   1.00 49.49 ? 36  LEU A CD1 1 
ATOM   103  C CD2 . LEU A 1 36  ? 6.983   9.803   5.948   1.00 37.24 ? 36  LEU A CD2 1 
ATOM   104  N N   . ALA A 1 37  ? 10.469  5.754   5.538   1.00 32.19 ? 37  ALA A N   1 
ATOM   105  C CA  . ALA A 1 37  ? 11.338  4.834   4.797   1.00 29.00 ? 37  ALA A CA  1 
ATOM   106  C C   . ALA A 1 37  ? 10.581  3.555   4.397   1.00 28.01 ? 37  ALA A C   1 
ATOM   107  O O   . ALA A 1 37  ? 10.648  3.161   3.240   1.00 27.52 ? 37  ALA A O   1 
ATOM   108  C CB  . ALA A 1 37  ? 12.655  4.563   5.546   1.00 31.30 ? 37  ALA A CB  1 
ATOM   109  N N   . LEU A 1 38  ? 9.797   2.953   5.297   1.00 26.15 ? 38  LEU A N   1 
ATOM   110  C CA  . LEU A 1 38  ? 8.901   1.867   4.902   1.00 28.83 ? 38  LEU A CA  1 
ATOM   111  C C   . LEU A 1 38  ? 7.835   2.291   3.839   1.00 30.49 ? 38  LEU A C   1 
ATOM   112  O O   . LEU A 1 38  ? 7.529   1.510   2.908   1.00 27.49 ? 38  LEU A O   1 
ATOM   113  C CB  . LEU A 1 38  ? 8.170   1.271   6.131   1.00 29.05 ? 38  LEU A CB  1 
ATOM   114  C CG  . LEU A 1 38  ? 8.987   0.602   7.209   1.00 26.86 ? 38  LEU A CG  1 
ATOM   115  C CD1 . LEU A 1 38  ? 8.086   0.305   8.399   1.00 25.19 ? 38  LEU A CD1 1 
ATOM   116  C CD2 . LEU A 1 38  ? 9.546   -0.729  6.660   1.00 27.83 ? 38  LEU A CD2 1 
ATOM   117  N N   . ALA A 1 39  ? 7.279   3.505   3.999   1.00 26.25 ? 39  ALA A N   1 
ATOM   118  C CA  . ALA A 1 39  ? 6.264   3.999   3.070   1.00 27.03 ? 39  ALA A CA  1 
ATOM   119  C C   . ALA A 1 39  ? 6.906   4.246   1.713   1.00 27.10 ? 39  ALA A C   1 
ATOM   120  O O   . ALA A 1 39  ? 6.263   4.096   0.676   1.00 26.18 ? 39  ALA A O   1 
ATOM   121  C CB  . ALA A 1 39  ? 5.568   5.283   3.583   1.00 26.68 ? 39  ALA A CB  1 
ATOM   122  N N   . TYR A 1 40  ? 8.158   4.641   1.704   1.00 27.06 ? 40  TYR A N   1 
ATOM   123  C CA  . TYR A 1 40  ? 8.898   4.912   0.446   1.00 29.20 ? 40  TYR A CA  1 
ATOM   124  C C   . TYR A 1 40  ? 9.012   3.696   -0.463  1.00 30.64 ? 40  TYR A C   1 
ATOM   125  O O   . TYR A 1 40  ? 8.742   3.803   -1.655  1.00 27.39 ? 40  TYR A O   1 
ATOM   126  C CB  . TYR A 1 40  ? 10.279  5.463   0.809   1.00 33.06 ? 40  TYR A CB  1 
ATOM   127  C CG  . TYR A 1 40  ? 11.333  5.620   -0.293  1.00 36.32 ? 40  TYR A CG  1 
ATOM   128  C CD1 . TYR A 1 40  ? 11.272  6.677   -1.211  1.00 35.18 ? 40  TYR A CD1 1 
ATOM   129  C CD2 . TYR A 1 40  ? 12.448  4.772   -0.330  1.00 37.76 ? 40  TYR A CD2 1 
ATOM   130  C CE1 . TYR A 1 40  ? 12.268  6.848   -2.160  1.00 34.21 ? 40  TYR A CE1 1 
ATOM   131  C CE2 . TYR A 1 40  ? 13.446  4.925   -1.303  1.00 37.07 ? 40  TYR A CE2 1 
ATOM   132  C CZ  . TYR A 1 40  ? 13.335  5.965   -2.196  1.00 34.84 ? 40  TYR A CZ  1 
ATOM   133  O OH  . TYR A 1 40  ? 14.301  6.130   -3.148  1.00 42.61 ? 40  TYR A OH  1 
ATOM   134  N N   . ILE A 1 41  ? 9.363   2.530   0.101   1.00 28.48 ? 41  ILE A N   1 
ATOM   135  C CA  . ILE A 1 41  ? 9.359   1.289   -0.688  1.00 29.33 ? 41  ILE A CA  1 
ATOM   136  C C   . ILE A 1 41  ? 7.921   0.803   -0.919  1.00 26.75 ? 41  ILE A C   1 
ATOM   137  O O   . ILE A 1 41  ? 7.595   0.316   -2.016  1.00 26.26 ? 41  ILE A O   1 
ATOM   138  C CB  . ILE A 1 41  ? 10.299  0.164   -0.086  1.00 31.69 ? 41  ILE A CB  1 
ATOM   139  C CG1 . ILE A 1 41  ? 10.293  -1.141  -0.930  1.00 34.31 ? 41  ILE A CG1 1 
ATOM   140  C CG2 . ILE A 1 41  ? 9.902   -0.226  1.319   1.00 30.13 ? 41  ILE A CG2 1 
ATOM   141  C CD1 . ILE A 1 41  ? 11.044  -1.062  -2.251  1.00 39.27 ? 41  ILE A CD1 1 
ATOM   142  N N   . GLY A 1 42  ? 7.040   0.983   0.067   1.00 21.79 ? 42  GLY A N   1 
ATOM   143  C CA  . GLY A 1 42  ? 5.665   0.460   -0.107  1.00 22.03 ? 42  GLY A CA  1 
ATOM   144  C C   . GLY A 1 42  ? 4.897   1.100   -1.231  1.00 25.10 ? 42  GLY A C   1 
ATOM   145  O O   . GLY A 1 42  ? 4.086   0.469   -1.932  1.00 27.21 ? 42  GLY A O   1 
ATOM   146  N N   . ASP A 1 43  ? 5.121   2.381   -1.397  1.00 24.04 ? 43  ASP A N   1 
ATOM   147  C CA  . ASP A 1 43  ? 4.453   3.101   -2.424  1.00 27.16 ? 43  ASP A CA  1 
ATOM   148  C C   . ASP A 1 43  ? 4.850   2.578   -3.815  1.00 27.81 ? 43  ASP A C   1 
ATOM   149  O O   . ASP A 1 43  ? 3.975   2.414   -4.671  1.00 27.88 ? 43  ASP A O   1 
ATOM   150  C CB  . ASP A 1 43  ? 4.802   4.571   -2.247  1.00 31.01 ? 43  ASP A CB  1 
ATOM   151  C CG  . ASP A 1 43  ? 3.839   5.495   -2.994  1.00 42.06 ? 43  ASP A CG  1 
ATOM   152  O OD1 . ASP A 1 43  ? 2.577   5.309   -2.929  1.00 45.24 ? 43  ASP A OD1 1 
ATOM   153  O OD2 . ASP A 1 43  ? 4.370   6.407   -3.636  1.00 42.24 ? 43  ASP A OD2 1 
ATOM   154  N N   . ALA A 1 44  ? 6.150   2.321   -4.056  1.00 28.02 ? 44  ALA A N   1 
ATOM   155  C CA  . ALA A 1 44  ? 6.601   1.716   -5.321  1.00 26.78 ? 44  ALA A CA  1 
ATOM   156  C C   . ALA A 1 44  ? 6.027   0.307   -5.529  1.00 27.83 ? 44  ALA A C   1 
ATOM   157  O O   . ALA A 1 44  ? 5.773   -0.097  -6.655  1.00 25.33 ? 44  ALA A O   1 
ATOM   158  C CB  . ALA A 1 44  ? 8.148   1.640   -5.369  1.00 26.40 ? 44  ALA A CB  1 
ATOM   159  N N   . ILE A 1 45  ? 5.911   -0.472  -4.446  1.00 27.05 ? 45  ILE A N   1 
ATOM   160  C CA  . ILE A 1 45  ? 5.485   -1.854  -4.515  1.00 29.86 ? 45  ILE A CA  1 
ATOM   161  C C   . ILE A 1 45  ? 4.041   -1.805  -4.945  1.00 26.98 ? 45  ILE A C   1 
ATOM   162  O O   . ILE A 1 45  ? 3.610   -2.527  -5.821  1.00 31.47 ? 45  ILE A O   1 
ATOM   163  C CB  . ILE A 1 45  ? 5.573   -2.528  -3.103  1.00 32.41 ? 45  ILE A CB  1 
ATOM   164  C CG1 . ILE A 1 45  ? 7.006   -2.956  -2.860  1.00 36.17 ? 45  ILE A CG1 1 
ATOM   165  C CG2 . ILE A 1 45  ? 4.625   -3.715  -2.962  1.00 33.71 ? 45  ILE A CG2 1 
ATOM   166  C CD1 . ILE A 1 45  ? 7.457   -3.998  -3.847  1.00 38.56 ? 45  ILE A CD1 1 
ATOM   167  N N   . PHE A 1 46  ? 3.276   -0.952  -4.300  1.00 28.83 ? 46  PHE A N   1 
ATOM   168  C CA  . PHE A 1 46  ? 1.873   -0.880  -4.646  1.00 27.25 ? 46  PHE A CA  1 
ATOM   169  C C   . PHE A 1 46  ? 1.686   -0.523  -6.128  1.00 28.63 ? 46  PHE A C   1 
ATOM   170  O O   . PHE A 1 46  ? 0.808   -1.085  -6.806  1.00 29.90 ? 46  PHE A O   1 
ATOM   171  C CB  . PHE A 1 46  ? 1.167   0.170   -3.800  1.00 29.49 ? 46  PHE A CB  1 
ATOM   172  C CG  . PHE A 1 46  ? -0.352  0.054   -3.870  1.00 29.16 ? 46  PHE A CG  1 
ATOM   173  C CD1 . PHE A 1 46  ? -0.962  -1.175  -3.613  1.00 29.00 ? 46  PHE A CD1 1 
ATOM   174  C CD2 . PHE A 1 46  ? -1.148  1.154   -4.181  1.00 29.53 ? 46  PHE A CD2 1 
ATOM   175  C CE1 . PHE A 1 46  ? -2.336  -1.297  -3.667  1.00 31.52 ? 46  PHE A CE1 1 
ATOM   176  C CE2 . PHE A 1 46  ? -2.543  1.055   -4.159  1.00 30.24 ? 46  PHE A CE2 1 
ATOM   177  C CZ  . PHE A 1 46  ? -3.123  -0.186  -3.926  1.00 27.52 ? 46  PHE A CZ  1 
ATOM   178  N N   . GLU A 1 47  ? 2.469   0.449   -6.606  1.00 28.04 ? 47  GLU A N   1 
ATOM   179  C CA  . GLU A 1 47  ? 2.442   0.843   -8.030  1.00 28.29 ? 47  GLU A CA  1 
ATOM   180  C C   . GLU A 1 47  ? 2.693   -0.346  -8.983  1.00 27.08 ? 47  GLU A C   1 
ATOM   181  O O   . GLU A 1 47  ? 1.935   -0.492  -9.910  1.00 28.47 ? 47  GLU A O   1 
ATOM   182  C CB  . GLU A 1 47  ? 3.488   1.926   -8.341  1.00 28.65 ? 47  GLU A CB  1 
ATOM   183  C CG  . GLU A 1 47  ? 3.346   2.480   -9.740  1.00 33.12 ? 47  GLU A CG  1 
ATOM   184  C CD  . GLU A 1 47  ? 2.376   3.633   -9.781  1.00 38.46 ? 47  GLU A CD  1 
ATOM   185  O OE1 . GLU A 1 47  ? 2.360   4.423   -8.820  1.00 42.68 ? 47  GLU A OE1 1 
ATOM   186  O OE2 . GLU A 1 47  ? 1.625   3.787   -10.768 1.00 37.78 ? 47  GLU A OE2 1 
ATOM   187  N N   . VAL A 1 48  ? 3.725   -1.174  -8.750  1.00 27.81 ? 48  VAL A N   1 
ATOM   188  C CA  . VAL A 1 48  ? 3.932   -2.415  -9.572  1.00 29.06 ? 48  VAL A CA  1 
ATOM   189  C C   . VAL A 1 48  ? 2.709   -3.350  -9.546  1.00 32.44 ? 48  VAL A C   1 
ATOM   190  O O   . VAL A 1 48  ? 2.245   -3.831  -10.592 1.00 28.65 ? 48  VAL A O   1 
ATOM   191  C CB  . VAL A 1 48  ? 5.110   -3.245  -9.102  1.00 32.79 ? 48  VAL A CB  1 
ATOM   192  C CG1 . VAL A 1 48  ? 5.076   -4.645  -9.724  1.00 28.94 ? 48  VAL A CG1 1 
ATOM   193  C CG2 . VAL A 1 48  ? 6.446   -2.558  -9.421  1.00 31.59 ? 48  VAL A CG2 1 
ATOM   194  N N   . TYR A 1 49  ? 2.180   -3.612  -8.364  1.00 30.05 ? 49  TYR A N   1 
ATOM   195  C CA  . TYR A 1 49  ? 0.989   -4.474  -8.299  1.00 30.01 ? 49  TYR A CA  1 
ATOM   196  C C   . TYR A 1 49  ? -0.170  -3.919  -9.058  1.00 30.95 ? 49  TYR A C   1 
ATOM   197  O O   . TYR A 1 49  ? -0.873  -4.681  -9.750  1.00 33.74 ? 49  TYR A O   1 
ATOM   198  C CB  . TYR A 1 49  ? 0.552   -4.742  -6.836  1.00 30.78 ? 49  TYR A CB  1 
ATOM   199  C CG  . TYR A 1 49  ? 1.313   -5.845  -6.182  1.00 31.18 ? 49  TYR A CG  1 
ATOM   200  C CD1 . TYR A 1 49  ? 2.515   -5.587  -5.515  1.00 32.68 ? 49  TYR A CD1 1 
ATOM   201  C CD2 . TYR A 1 49  ? 0.837   -7.175  -6.231  1.00 34.50 ? 49  TYR A CD2 1 
ATOM   202  C CE1 . TYR A 1 49  ? 3.228   -6.619  -4.918  1.00 35.71 ? 49  TYR A CE1 1 
ATOM   203  C CE2 . TYR A 1 49  ? 1.532   -8.204  -5.631  1.00 33.51 ? 49  TYR A CE2 1 
ATOM   204  C CZ  . TYR A 1 49  ? 2.719   -7.921  -4.970  1.00 37.27 ? 49  TYR A CZ  1 
ATOM   205  O OH  . TYR A 1 49  ? 3.435   -8.924  -4.378  1.00 40.24 ? 49  TYR A OH  1 
ATOM   206  N N   . VAL A 1 50  ? -0.426  -2.614  -8.917  1.00 27.21 ? 50  VAL A N   1 
ATOM   207  C CA  . VAL A 1 50  ? -1.580  -1.990  -9.572  1.00 28.92 ? 50  VAL A CA  1 
ATOM   208  C C   . VAL A 1 50  ? -1.435  -1.937  -11.111 1.00 30.69 ? 50  VAL A C   1 
ATOM   209  O O   . VAL A 1 50  ? -2.398  -2.168  -11.885 1.00 30.76 ? 50  VAL A O   1 
ATOM   210  C CB  . VAL A 1 50  ? -1.848  -0.563  -9.034  1.00 30.09 ? 50  VAL A CB  1 
ATOM   211  C CG1 . VAL A 1 50  ? -2.853  0.190   -9.902  1.00 32.49 ? 50  VAL A CG1 1 
ATOM   212  C CG2 . VAL A 1 50  ? -2.369  -0.627  -7.584  1.00 28.28 ? 50  VAL A CG2 1 
ATOM   213  N N   . ARG A 1 51  ? -0.241  -1.579  -11.550 1.00 30.72 ? 51  ARG A N   1 
ATOM   214  C CA  . ARG A 1 51  ? 0.043   -1.529  -12.982 1.00 29.01 ? 51  ARG A CA  1 
ATOM   215  C C   . ARG A 1 51  ? -0.060  -2.945  -13.593 1.00 28.69 ? 51  ARG A C   1 
ATOM   216  O O   . ARG A 1 51  ? -0.655  -3.094  -14.663 1.00 32.30 ? 51  ARG A O   1 
ATOM   217  C CB  . ARG A 1 51  ? 1.417   -0.884  -13.213 1.00 28.94 ? 51  ARG A CB  1 
ATOM   218  C CG  . ARG A 1 51  ? 1.406   0.638   -12.999 1.00 28.46 ? 51  ARG A CG  1 
ATOM   219  C CD  . ARG A 1 51  ? 2.688   1.276   -13.511 1.00 30.17 ? 51  ARG A CD  1 
ATOM   220  N NE  . ARG A 1 51  ? 2.675   2.684   -13.122 1.00 29.68 ? 51  ARG A NE  1 
ATOM   221  C CZ  . ARG A 1 51  ? 3.507   3.605   -13.609 1.00 29.97 ? 51  ARG A CZ  1 
ATOM   222  N NH1 . ARG A 1 51  ? 4.410   3.263   -14.510 1.00 29.63 ? 51  ARG A NH1 1 
ATOM   223  N NH2 . ARG A 1 51  ? 3.394   4.878   -13.224 1.00 29.14 ? 51  ARG A NH2 1 
ATOM   224  N N   . HIS A 1 52  ? 0.471   -3.954  -12.908 1.00 26.75 ? 52  HIS A N   1 
ATOM   225  C CA  . HIS A 1 52  ? 0.375   -5.338  -13.346 1.00 29.34 ? 52  HIS A CA  1 
ATOM   226  C C   . HIS A 1 52  ? -1.076  -5.806  -13.433 1.00 35.95 ? 52  HIS A C   1 
ATOM   227  O O   . HIS A 1 52  ? -1.481  -6.487  -14.420 1.00 36.01 ? 52  HIS A O   1 
ATOM   228  C CB  . HIS A 1 52  ? 1.097   -6.284  -12.419 1.00 28.85 ? 52  HIS A CB  1 
ATOM   229  C CG  . HIS A 1 52  ? 1.111   -7.692  -12.912 1.00 34.47 ? 52  HIS A CG  1 
ATOM   230  N ND1 . HIS A 1 52  ? 0.091   -8.582  -12.659 1.00 38.64 ? 52  HIS A ND1 1 
ATOM   231  C CD2 . HIS A 1 52  ? 2.018   -8.361  -13.665 1.00 37.48 ? 52  HIS A CD2 1 
ATOM   232  C CE1 . HIS A 1 52  ? 0.381   -9.747  -13.214 1.00 41.03 ? 52  HIS A CE1 1 
ATOM   233  N NE2 . HIS A 1 52  ? 1.554   -9.643  -13.822 1.00 38.00 ? 52  HIS A NE2 1 
ATOM   234  N N   . HIS A 1 53  ? -1.852  -5.445  -12.412 1.00 34.85 ? 53  HIS A N   1 
ATOM   235  C CA  . HIS A 1 53  ? -3.286  -5.711  -12.394 1.00 36.21 ? 53  HIS A CA  1 
ATOM   236  C C   . HIS A 1 53  ? -3.990  -5.141  -13.643 1.00 36.43 ? 53  HIS A C   1 
ATOM   237  O O   . HIS A 1 53  ? -4.738  -5.828  -14.329 1.00 34.01 ? 53  HIS A O   1 
ATOM   238  C CB  . HIS A 1 53  ? -3.916  -5.184  -11.075 1.00 32.39 ? 53  HIS A CB  1 
ATOM   239  C CG  . HIS A 1 53  ? -5.411  -5.256  -11.071 1.00 36.33 ? 53  HIS A CG  1 
ATOM   240  N ND1 . HIS A 1 53  ? -6.095  -6.432  -10.800 1.00 37.73 ? 53  HIS A ND1 1 
ATOM   241  C CD2 . HIS A 1 53  ? -6.353  -4.323  -11.367 1.00 35.56 ? 53  HIS A CD2 1 
ATOM   242  C CE1 . HIS A 1 53  ? -7.400  -6.211  -10.915 1.00 35.14 ? 53  HIS A CE1 1 
ATOM   243  N NE2 . HIS A 1 53  ? -7.582  -4.940  -11.249 1.00 40.96 ? 53  HIS A NE2 1 
ATOM   244  N N   . LEU A 1 54  ? -3.727  -3.887  -13.960 1.00 34.00 ? 54  LEU A N   1 
ATOM   245  C CA  . LEU A 1 54  ? -4.384  -3.240  -15.095 1.00 35.13 ? 54  LEU A CA  1 
ATOM   246  C C   . LEU A 1 54  ? -3.979  -3.836  -16.448 1.00 41.42 ? 54  LEU A C   1 
ATOM   247  O O   . LEU A 1 54  ? -4.813  -3.991  -17.344 1.00 43.37 ? 54  LEU A O   1 
ATOM   248  C CB  . LEU A 1 54  ? -4.166  -1.732  -15.067 1.00 32.99 ? 54  LEU A CB  1 
ATOM   249  C CG  . LEU A 1 54  ? -4.767  -1.061  -13.837 1.00 33.83 ? 54  LEU A CG  1 
ATOM   250  C CD1 . LEU A 1 54  ? -4.331  0.390   -13.822 1.00 33.75 ? 54  LEU A CD1 1 
ATOM   251  C CD2 . LEU A 1 54  ? -6.284  -1.147  -13.922 1.00 34.46 ? 54  LEU A CD2 1 
ATOM   252  N N   . LEU A 1 55  ? -2.712  -4.211  -16.569 1.00 38.34 ? 55  LEU A N   1 
ATOM   253  C CA  . LEU A 1 55  ? -2.274  -4.905  -17.764 1.00 37.19 ? 55  LEU A CA  1 
ATOM   254  C C   . LEU A 1 55  ? -3.039  -6.218  -17.872 1.00 42.62 ? 55  LEU A C   1 
ATOM   255  O O   . LEU A 1 55  ? -3.621  -6.506  -18.939 1.00 40.03 ? 55  LEU A O   1 
ATOM   256  C CB  . LEU A 1 55  ? -0.760  -5.168  -17.735 1.00 31.63 ? 55  LEU A CB  1 
ATOM   257  C CG  . LEU A 1 55  ? 0.036   -3.886  -17.980 1.00 39.69 ? 55  LEU A CG  1 
ATOM   258  C CD1 . LEU A 1 55  ? 1.554   -4.184  -17.980 1.00 38.80 ? 55  LEU A CD1 1 
ATOM   259  C CD2 . LEU A 1 55  ? -0.386  -3.165  -19.285 1.00 37.96 ? 55  LEU A CD2 1 
ATOM   260  N N   . LYS A 1 56  ? -3.024  -6.994  -16.781 1.00 37.86 ? 56  LYS A N   1 
ATOM   261  C CA  . LYS A 1 56  ? -3.725  -8.290  -16.710 1.00 44.03 ? 56  LYS A CA  1 
ATOM   262  C C   . LYS A 1 56  ? -5.214  -8.206  -17.062 1.00 43.53 ? 56  LYS A C   1 
ATOM   263  O O   . LYS A 1 56  ? -5.763  -9.122  -17.655 1.00 39.13 ? 56  LYS A O   1 
ATOM   264  C CB  . LYS A 1 56  ? -3.549  -8.947  -15.347 1.00 47.03 ? 56  LYS A CB  1 
ATOM   265  C CG  . LYS A 1 56  ? -3.734  -10.464 -15.339 1.00 53.31 ? 56  LYS A CG  1 
ATOM   266  C CD  . LYS A 1 56  ? -3.617  -11.011 -13.919 1.00 61.27 ? 56  LYS A CD  1 
ATOM   267  C CE  . LYS A 1 56  ? -4.766  -10.491 -13.042 1.00 63.22 ? 56  LYS A CE  1 
ATOM   268  N NZ  . LYS A 1 56  ? -4.454  -10.167 -11.611 1.00 58.19 ? 56  LYS A NZ  1 
ATOM   269  N N   . GLN A 1 57  ? -5.859  -7.099  -16.741 1.00 43.93 ? 57  GLN A N   1 
ATOM   270  C CA  . GLN A 1 57  ? -7.263  -6.923  -17.092 1.00 46.36 ? 57  GLN A CA  1 
ATOM   271  C C   . GLN A 1 57  ? -7.487  -6.664  -18.555 1.00 49.40 ? 57  GLN A C   1 
ATOM   272  O O   . GLN A 1 57  ? -8.635  -6.480  -18.969 1.00 48.89 ? 57  GLN A O   1 
ATOM   273  C CB  . GLN A 1 57  ? -7.905  -5.786  -16.290 1.00 45.95 ? 57  GLN A CB  1 
ATOM   274  C CG  . GLN A 1 57  ? -8.061  -6.083  -14.806 1.00 54.36 ? 57  GLN A CG  1 
ATOM   275  C CD  . GLN A 1 57  ? -8.798  -7.390  -14.539 1.00 70.48 ? 57  GLN A CD  1 
ATOM   276  O OE1 . GLN A 1 57  ? -9.613  -7.840  -15.360 1.00 85.90 ? 57  GLN A OE1 1 
ATOM   277  N NE2 . GLN A 1 57  ? -8.517  -8.011  -13.390 1.00 74.31 ? 57  GLN A NE2 1 
ATOM   278  N N   . GLY A 1 58  ? -6.406  -6.613  -19.334 1.00 49.53 ? 58  GLY A N   1 
ATOM   279  C CA  . GLY A 1 58  ? -6.529  -6.296  -20.756 1.00 52.24 ? 58  GLY A CA  1 
ATOM   280  C C   . GLY A 1 58  ? -6.734  -4.803  -21.016 1.00 58.08 ? 58  GLY A C   1 
ATOM   281  O O   . GLY A 1 58  ? -7.472  -4.426  -21.926 1.00 59.20 ? 58  GLY A O   1 
ATOM   282  N N   . PHE A 1 59  ? -6.112  -3.929  -20.225 1.00 47.12 ? 59  PHE A N   1 
ATOM   283  C CA  . PHE A 1 59  ? -5.964  -2.573  -20.706 1.00 48.00 ? 59  PHE A CA  1 
ATOM   284  C C   . PHE A 1 59  ? -4.592  -2.474  -21.329 1.00 52.14 ? 59  PHE A C   1 
ATOM   285  O O   . PHE A 1 59  ? -3.681  -3.259  -21.039 1.00 47.95 ? 59  PHE A O   1 
ATOM   286  C CB  . PHE A 1 59  ? -6.237  -1.517  -19.637 1.00 51.29 ? 59  PHE A CB  1 
ATOM   287  C CG  . PHE A 1 59  ? -7.580  -1.681  -19.008 1.00 60.89 ? 59  PHE A CG  1 
ATOM   288  C CD1 . PHE A 1 59  ? -8.723  -1.222  -19.668 1.00 60.65 ? 59  PHE A CD1 1 
ATOM   289  C CD2 . PHE A 1 59  ? -7.721  -2.372  -17.785 1.00 53.85 ? 59  PHE A CD2 1 
ATOM   290  C CE1 . PHE A 1 59  ? -9.982  -1.403  -19.101 1.00 64.48 ? 59  PHE A CE1 1 
ATOM   291  C CE2 . PHE A 1 59  ? -8.978  -2.565  -17.222 1.00 60.74 ? 59  PHE A CE2 1 
ATOM   292  C CZ  . PHE A 1 59  ? -10.111 -2.085  -17.883 1.00 64.61 ? 59  PHE A CZ  1 
ATOM   293  N N   . THR A 1 60  ? -4.433  -1.526  -22.224 1.00 56.97 ? 60  THR A N   1 
ATOM   294  C CA  . THR A 1 60  ? -3.351  -1.703  -23.146 1.00 61.83 ? 60  THR A CA  1 
ATOM   295  C C   . THR A 1 60  ? -2.981  -0.355  -23.707 1.00 61.47 ? 60  THR A C   1 
ATOM   296  O O   . THR A 1 60  ? -1.901  -0.179  -24.256 1.00 67.56 ? 60  THR A O   1 
ATOM   297  C CB  . THR A 1 60  ? -3.762  -2.792  -24.190 1.00 64.81 ? 60  THR A CB  1 
ATOM   298  O OG1 . THR A 1 60  ? -2.709  -3.747  -24.343 1.00 65.65 ? 60  THR A OG1 1 
ATOM   299  C CG2 . THR A 1 60  ? -4.214  -2.227  -25.522 1.00 57.09 ? 60  THR A CG2 1 
ATOM   300  N N   . LYS A 1 61  ? -3.861  0.610   -23.502 1.00 57.79 ? 61  LYS A N   1 
ATOM   301  C CA  . LYS A 1 61  ? -3.631  1.939   -23.996 1.00 61.23 ? 61  LYS A CA  1 
ATOM   302  C C   . LYS A 1 61  ? -3.034  2.785   -22.894 1.00 64.16 ? 61  LYS A C   1 
ATOM   303  O O   . LYS A 1 61  ? -3.467  2.686   -21.759 1.00 58.43 ? 61  LYS A O   1 
ATOM   304  C CB  . LYS A 1 61  ? -4.940  2.497   -24.531 1.00 61.56 ? 61  LYS A CB  1 
ATOM   305  C CG  . LYS A 1 61  ? -5.564  1.517   -25.530 1.00 69.02 ? 61  LYS A CG  1 
ATOM   306  C CD  . LYS A 1 61  ? -6.737  2.100   -26.287 1.00 72.60 ? 61  LYS A CD  1 
ATOM   307  C CE  . LYS A 1 61  ? -7.978  2.086   -25.429 1.00 77.82 ? 61  LYS A CE  1 
ATOM   308  N NZ  . LYS A 1 61  ? -8.618  3.427   -25.509 1.00 87.81 ? 61  LYS A NZ  1 
ATOM   309  N N   . PRO A 1 62  ? -2.010  3.596   -23.225 1.00 77.53 ? 62  PRO A N   1 
ATOM   310  C CA  . PRO A 1 62  ? -1.277  4.479   -22.302 1.00 81.69 ? 62  PRO A CA  1 
ATOM   311  C C   . PRO A 1 62  ? -2.162  5.413   -21.465 1.00 81.64 ? 62  PRO A C   1 
ATOM   312  O O   . PRO A 1 62  ? -2.229  5.261   -20.233 1.00 74.44 ? 62  PRO A O   1 
ATOM   313  C CB  . PRO A 1 62  ? -0.373  5.300   -23.248 1.00 82.19 ? 62  PRO A CB  1 
ATOM   314  C CG  . PRO A 1 62  ? -0.966  5.115   -24.616 1.00 79.57 ? 62  PRO A CG  1 
ATOM   315  C CD  . PRO A 1 62  ? -1.449  3.695   -24.582 1.00 78.84 ? 62  PRO A CD  1 
ATOM   316  N N   . ASN A 1 63  ? -2.825  6.363   -22.127 1.00 76.30 ? 63  ASN A N   1 
ATOM   317  C CA  . ASN A 1 63  ? -3.689  7.320   -21.442 1.00 83.83 ? 63  ASN A CA  1 
ATOM   318  C C   . ASN A 1 63  ? -4.800  6.624   -20.638 1.00 86.24 ? 63  ASN A C   1 
ATOM   319  O O   . ASN A 1 63  ? -5.399  7.227   -19.738 1.00 92.17 ? 63  ASN A O   1 
ATOM   320  C CB  . ASN A 1 63  ? -4.277  8.339   -22.429 1.00 81.37 ? 63  ASN A CB  1 
ATOM   321  N N   . ASP A 1 64  ? -5.056  5.356   -20.973 1.00 73.23 ? 64  ASP A N   1 
ATOM   322  C CA  . ASP A 1 64  ? -6.042  4.509   -20.296 1.00 72.74 ? 64  ASP A CA  1 
ATOM   323  C C   . ASP A 1 64  ? -5.418  4.071   -18.955 1.00 68.31 ? 64  ASP A C   1 
ATOM   324  O O   . ASP A 1 64  ? -5.923  4.408   -17.878 1.00 61.41 ? 64  ASP A O   1 
ATOM   325  C CB  . ASP A 1 64  ? -6.333  3.285   -21.192 1.00 76.90 ? 64  ASP A CB  1 
ATOM   326  C CG  . ASP A 1 64  ? -7.728  2.683   -21.005 1.00 78.61 ? 64  ASP A CG  1 
ATOM   327  O OD1 . ASP A 1 64  ? -8.167  2.456   -19.865 1.00 78.66 ? 64  ASP A OD1 1 
ATOM   328  O OD2 . ASP A 1 64  ? -8.369  2.375   -22.034 1.00 79.78 ? 64  ASP A OD2 1 
ATOM   329  N N   . LEU A 1 65  ? -4.304  3.339   -19.057 1.00 57.30 ? 65  LEU A N   1 
ATOM   330  C CA  . LEU A 1 65  ? -3.594  2.750   -17.930 1.00 53.25 ? 65  LEU A CA  1 
ATOM   331  C C   . LEU A 1 65  ? -3.123  3.799   -16.895 1.00 51.26 ? 65  LEU A C   1 
ATOM   332  O O   . LEU A 1 65  ? -3.264  3.587   -15.714 1.00 47.81 ? 65  LEU A O   1 
ATOM   333  C CB  . LEU A 1 65  ? -2.402  1.942   -18.430 1.00 45.81 ? 65  LEU A CB  1 
ATOM   334  C CG  . LEU A 1 65  ? -2.534  0.703   -19.309 1.00 44.59 ? 65  LEU A CG  1 
ATOM   335  C CD1 . LEU A 1 65  ? -1.229  0.534   -20.075 1.00 43.38 ? 65  LEU A CD1 1 
ATOM   336  C CD2 . LEU A 1 65  ? -2.863  -0.546  -18.519 1.00 38.18 ? 65  LEU A CD2 1 
ATOM   337  N N   . HIS A 1 66  ? -2.584  4.931   -17.326 1.00 53.71 ? 66  HIS A N   1 
ATOM   338  C CA  . HIS A 1 66  ? -2.128  5.921   -16.358 1.00 54.52 ? 66  HIS A CA  1 
ATOM   339  C C   . HIS A 1 66  ? -3.286  6.568   -15.611 1.00 56.02 ? 66  HIS A C   1 
ATOM   340  O O   . HIS A 1 66  ? -3.159  6.877   -14.438 1.00 53.12 ? 66  HIS A O   1 
ATOM   341  C CB  . HIS A 1 66  ? -1.280  7.001   -17.020 1.00 61.27 ? 66  HIS A CB  1 
ATOM   342  C CG  . HIS A 1 66  ? 0.095   6.545   -17.399 1.00 59.78 ? 66  HIS A CG  1 
ATOM   343  N ND1 . HIS A 1 66  ? 1.105   6.375   -16.475 1.00 66.99 ? 66  HIS A ND1 1 
ATOM   344  C CD2 . HIS A 1 66  ? 0.642   6.268   -18.606 1.00 60.82 ? 66  HIS A CD2 1 
ATOM   345  C CE1 . HIS A 1 66  ? 2.213   6.001   -17.091 1.00 60.18 ? 66  HIS A CE1 1 
ATOM   346  N NE2 . HIS A 1 66  ? 1.957   5.923   -18.385 1.00 67.66 ? 66  HIS A NE2 1 
ATOM   347  N N   . LYS A 1 67  ? -4.402  6.794   -16.295 1.00 54.83 ? 67  LYS A N   1 
ATOM   348  C CA  . LYS A 1 67  ? -5.599  7.350   -15.665 1.00 62.87 ? 67  LYS A CA  1 
ATOM   349  C C   . LYS A 1 67  ? -6.108  6.362   -14.623 1.00 57.34 ? 67  LYS A C   1 
ATOM   350  O O   . LYS A 1 67  ? -6.499  6.759   -13.511 1.00 64.44 ? 67  LYS A O   1 
ATOM   351  C CB  . LYS A 1 67  ? -6.709  7.641   -16.706 1.00 67.97 ? 67  LYS A CB  1 
ATOM   352  C CG  . LYS A 1 67  ? -8.109  7.938   -16.141 1.00 64.08 ? 67  LYS A CG  1 
ATOM   353  C CD  . LYS A 1 67  ? -9.234  7.719   -17.164 1.00 66.36 ? 67  LYS A CD  1 
ATOM   354  C CE  . LYS A 1 67  ? -9.305  6.263   -17.625 1.00 72.55 ? 67  LYS A CE  1 
ATOM   355  N NZ  . LYS A 1 67  ? -10.693 5.832   -17.947 1.00 74.12 ? 67  LYS A NZ  1 
ATOM   356  N N   . LYS A 1 68  ? -6.084  5.084   -14.992 1.00 50.94 ? 68  LYS A N   1 
ATOM   357  C CA  . LYS A 1 68  ? -6.515  4.018   -14.112 1.00 48.59 ? 68  LYS A CA  1 
ATOM   358  C C   . LYS A 1 68  ? -5.660  3.854   -12.826 1.00 48.63 ? 68  LYS A C   1 
ATOM   359  O O   . LYS A 1 68  ? -6.198  3.791   -11.703 1.00 47.50 ? 68  LYS A O   1 
ATOM   360  C CB  . LYS A 1 68  ? -6.629  2.710   -14.898 1.00 48.44 ? 68  LYS A CB  1 
ATOM   361  C CG  . LYS A 1 68  ? -7.996  2.592   -15.528 1.00 52.00 ? 68  LYS A CG  1 
ATOM   362  C CD  . LYS A 1 68  ? -8.246  1.237   -16.134 1.00 58.63 ? 68  LYS A CD  1 
ATOM   363  C CE  . LYS A 1 68  ? -9.612  1.274   -16.795 1.00 59.56 ? 68  LYS A CE  1 
ATOM   364  N NZ  . LYS A 1 68  ? -9.695  2.482   -17.656 1.00 58.55 ? 68  LYS A NZ  1 
ATOM   365  N N   . SER A 1 69  ? -4.346  3.779   -12.996 1.00 43.79 ? 69  SER A N   1 
ATOM   366  C CA  . SER A 1 69  ? -3.453  3.572   -11.878 1.00 41.43 ? 69  SER A CA  1 
ATOM   367  C C   . SER A 1 69  ? -3.329  4.820   -10.984 1.00 39.18 ? 69  SER A C   1 
ATOM   368  O O   . SER A 1 69  ? -3.323  4.697   -9.778  1.00 37.28 ? 69  SER A O   1 
ATOM   369  C CB  . SER A 1 69  ? -2.096  3.117   -12.382 1.00 41.93 ? 69  SER A CB  1 
ATOM   370  O OG  . SER A 1 69  ? -1.542  4.146   -13.156 1.00 41.69 ? 69  SER A OG  1 
ATOM   371  N N   . SER A 1 70  ? -3.270  6.024   -11.539 1.00 33.25 ? 70  SER A N   1 
ATOM   372  C CA  . SER A 1 70  ? -3.148  7.209   -10.673 1.00 37.94 ? 70  SER A CA  1 
ATOM   373  C C   . SER A 1 70  ? -4.376  7.340   -9.730  1.00 41.07 ? 70  SER A C   1 
ATOM   374  O O   . SER A 1 70  ? -4.260  7.736   -8.560  1.00 40.26 ? 70  SER A O   1 
ATOM   375  C CB  . SER A 1 70  ? -2.912  8.484   -11.515 1.00 41.96 ? 70  SER A CB  1 
ATOM   376  O OG  . SER A 1 70  ? -4.042  8.781   -12.300 1.00 45.59 ? 70  SER A OG  1 
ATOM   377  N N   . ARG A 1 71  ? -5.541  6.968   -10.260 1.00 41.20 ? 71  ARG A N   1 
ATOM   378  C CA  . ARG A 1 71  ? -6.786  6.943   -9.521  1.00 46.15 ? 71  ARG A CA  1 
ATOM   379  C C   . ARG A 1 71  ? -6.681  5.970   -8.302  1.00 43.47 ? 71  ARG A C   1 
ATOM   380  O O   . ARG A 1 71  ? -6.997  6.372   -7.172  1.00 48.21 ? 71  ARG A O   1 
ATOM   381  C CB  . ARG A 1 71  ? -7.927  6.587   -10.494 1.00 52.14 ? 71  ARG A CB  1 
ATOM   382  C CG  . ARG A 1 71  ? -9.353  6.742   -9.988  1.00 66.47 ? 71  ARG A CG  1 
ATOM   383  C CD  . ARG A 1 71  ? -10.355 6.484   -11.121 1.00 81.20 ? 71  ARG A CD  1 
ATOM   384  N NE  . ARG A 1 71  ? -10.407 5.074   -11.555 1.00 82.22 ? 71  ARG A NE  1 
ATOM   385  C CZ  . ARG A 1 71  ? -10.587 4.667   -12.816 1.00 83.87 ? 71  ARG A CZ  1 
ATOM   386  N NH1 . ARG A 1 71  ? -10.616 3.366   -13.085 1.00 83.12 ? 71  ARG A NH1 1 
ATOM   387  N NH2 . ARG A 1 71  ? -10.722 5.544   -13.814 1.00 75.67 ? 71  ARG A NH2 1 
ATOM   388  N N   . ILE A 1 72  ? -6.212  4.737   -8.539  1.00 37.14 ? 72  ILE A N   1 
ATOM   389  C CA  . ILE A 1 72  ? -6.067  3.685   -7.537  1.00 34.86 ? 72  ILE A CA  1 
ATOM   390  C C   . ILE A 1 72  ? -4.964  3.937   -6.521  1.00 38.99 ? 72  ILE A C   1 
ATOM   391  O O   . ILE A 1 72  ? -5.115  3.579   -5.336  1.00 36.22 ? 72  ILE A O   1 
ATOM   392  C CB  . ILE A 1 72  ? -5.796  2.332   -8.242  1.00 34.32 ? 72  ILE A CB  1 
ATOM   393  C CG1 . ILE A 1 72  ? -7.018  1.950   -9.119  1.00 34.19 ? 72  ILE A CG1 1 
ATOM   394  C CG2 . ILE A 1 72  ? -5.447  1.232   -7.233  1.00 32.44 ? 72  ILE A CG2 1 
ATOM   395  C CD1 . ILE A 1 72  ? -6.828  0.665   -9.926  1.00 39.01 ? 72  ILE A CD1 1 
ATOM   396  N N   . VAL A 1 73  ? -3.859  4.543   -6.975  1.00 36.22 ? 73  VAL A N   1 
ATOM   397  C CA  . VAL A 1 73  ? -2.696  4.750   -6.119  1.00 36.23 ? 73  VAL A CA  1 
ATOM   398  C C   . VAL A 1 73  ? -2.700  6.094   -5.408  1.00 37.92 ? 73  VAL A C   1 
ATOM   399  O O   . VAL A 1 73  ? -1.791  6.376   -4.623  1.00 42.23 ? 73  VAL A O   1 
ATOM   400  C CB  . VAL A 1 73  ? -1.324  4.542   -6.851  1.00 36.44 ? 73  VAL A CB  1 
ATOM   401  C CG1 . VAL A 1 73  ? -1.288  3.211   -7.580  1.00 35.49 ? 73  VAL A CG1 1 
ATOM   402  C CG2 . VAL A 1 73  ? -1.026  5.672   -7.813  1.00 35.08 ? 73  VAL A CG2 1 
ATOM   403  N N   . SER A 1 74  ? -3.695  6.932   -5.674  1.00 39.62 ? 74  SER A N   1 
ATOM   404  C CA  . SER A 1 74  ? -3.748  8.254   -5.010  1.00 37.97 ? 74  SER A CA  1 
ATOM   405  C C   . SER A 1 74  ? -3.888  8.145   -3.490  1.00 35.41 ? 74  SER A C   1 
ATOM   406  O O   . SER A 1 74  ? -4.438  7.157   -2.977  1.00 32.20 ? 74  SER A O   1 
ATOM   407  C CB  . SER A 1 74  ? -4.969  9.020   -5.493  1.00 35.03 ? 74  SER A CB  1 
ATOM   408  O OG  . SER A 1 74  ? -6.144  8.368   -5.039  1.00 38.82 ? 74  SER A OG  1 
ATOM   409  N N   . ALA A 1 75  ? -3.462  9.188   -2.772  1.00 37.40 ? 75  ALA A N   1 
ATOM   410  C CA  . ALA A 1 75  ? -3.537  9.161   -1.305  1.00 38.08 ? 75  ALA A CA  1 
ATOM   411  C C   . ALA A 1 75  ? -4.967  8.976   -0.812  1.00 38.98 ? 75  ALA A C   1 
ATOM   412  O O   . ALA A 1 75  ? -5.207  8.212   0.120   1.00 37.33 ? 75  ALA A O   1 
ATOM   413  C CB  . ALA A 1 75  ? -2.896  10.414  -0.714  1.00 40.55 ? 75  ALA A CB  1 
ATOM   414  N N   . LYS A 1 76  ? -5.927  9.647   -1.450  1.00 34.03 ? 76  LYS A N   1 
ATOM   415  C CA  . LYS A 1 76  ? -7.322  9.524   -1.047  1.00 34.92 ? 76  LYS A CA  1 
ATOM   416  C C   . LYS A 1 76  ? -7.719  8.091   -1.191  1.00 30.40 ? 76  LYS A C   1 
ATOM   417  O O   . LYS A 1 76  ? -8.441  7.546   -0.371  1.00 33.78 ? 76  LYS A O   1 
ATOM   418  C CB  . LYS A 1 76  ? -8.199  10.412  -1.965  1.00 42.04 ? 76  LYS A CB  1 
ATOM   419  C CG  . LYS A 1 76  ? -9.712  10.351  -1.768  1.00 56.62 ? 76  LYS A CG  1 
ATOM   420  C CD  . LYS A 1 76  ? -10.410 10.995  -2.970  1.00 70.48 ? 76  LYS A CD  1 
ATOM   421  C CE  . LYS A 1 76  ? -11.704 10.295  -3.394  1.00 77.47 ? 76  LYS A CE  1 
ATOM   422  N NZ  . LYS A 1 76  ? -12.962 10.983  -2.961  1.00 71.55 ? 76  LYS A NZ  1 
ATOM   423  N N   . SER A 1 77  ? -7.291  7.437   -2.254  1.00 33.85 ? 77  SER A N   1 
ATOM   424  C CA  . SER A 1 77  ? -7.844  6.121   -2.512  1.00 35.14 ? 77  SER A CA  1 
ATOM   425  C C   . SER A 1 77  ? -7.169  5.097   -1.555  1.00 31.90 ? 77  SER A C   1 
ATOM   426  O O   . SER A 1 77  ? -7.835  4.210   -0.974  1.00 32.52 ? 77  SER A O   1 
ATOM   427  C CB  . SER A 1 77  ? -7.725  5.770   -3.994  1.00 34.12 ? 77  SER A CB  1 
ATOM   428  O OG  . SER A 1 77  ? -7.829  4.373   -4.215  1.00 38.37 ? 77  SER A OG  1 
ATOM   429  N N   . GLN A 1 78  ? -5.881  5.294   -1.294  1.00 28.52 ? 78  GLN A N   1 
ATOM   430  C CA  . GLN A 1 78  ? -5.189  4.426   -0.316  1.00 28.35 ? 78  GLN A CA  1 
ATOM   431  C C   . GLN A 1 78  ? -5.803  4.648   1.110   1.00 26.81 ? 78  GLN A C   1 
ATOM   432  O O   . GLN A 1 78  ? -5.968  3.644   1.888   1.00 28.03 ? 78  GLN A O   1 
ATOM   433  C CB  . GLN A 1 78  ? -3.658  4.642   -0.337  1.00 27.47 ? 78  GLN A CB  1 
ATOM   434  C CG  . GLN A 1 78  ? -2.944  4.223   -1.617  1.00 28.80 ? 78  GLN A CG  1 
ATOM   435  C CD  . GLN A 1 78  ? -1.473  4.630   -1.604  1.00 35.56 ? 78  GLN A CD  1 
ATOM   436  O OE1 . GLN A 1 78  ? -1.052  5.398   -0.765  1.00 43.86 ? 78  GLN A OE1 1 
ATOM   437  N NE2 . GLN A 1 78  ? -0.693  4.128   -2.536  1.00 43.28 ? 78  GLN A NE2 1 
ATOM   438  N N   . ALA A 1 79  ? -6.222  5.885   1.442   1.00 27.95 ? 79  ALA A N   1 
ATOM   439  C CA  . ALA A 1 79  ? -6.871  6.128   2.746   1.00 30.07 ? 79  ALA A CA  1 
ATOM   440  C C   . ALA A 1 79  ? -8.150  5.364   2.810   1.00 36.49 ? 79  ALA A C   1 
ATOM   441  O O   . ALA A 1 79  ? -8.439  4.677   3.809   1.00 35.81 ? 79  ALA A O   1 
ATOM   442  C CB  . ALA A 1 79  ? -7.122  7.618   3.037   1.00 32.24 ? 79  ALA A CB  1 
ATOM   443  N N   . GLU A 1 80  ? -8.919  5.432   1.717   1.00 38.38 ? 80  GLU A N   1 
ATOM   444  C CA  . GLU A 1 80  ? -10.225 4.783   1.724   1.00 37.45 ? 80  GLU A CA  1 
ATOM   445  C C   . GLU A 1 80  ? -10.058 3.276   1.796   1.00 34.85 ? 80  GLU A C   1 
ATOM   446  O O   . GLU A 1 80  ? -10.772 2.596   2.548   1.00 37.05 ? 80  GLU A O   1 
ATOM   447  C CB  . GLU A 1 80  ? -11.083 5.268   0.544   1.00 46.56 ? 80  GLU A CB  1 
ATOM   448  C CG  . GLU A 1 80  ? -11.494 6.732   0.689   1.00 54.52 ? 80  GLU A CG  1 
ATOM   449  C CD  . GLU A 1 80  ? -11.970 7.346   -0.624  1.00 70.92 ? 80  GLU A CD  1 
ATOM   450  O OE1 . GLU A 1 80  ? -12.281 6.571   -1.563  1.00 67.33 ? 80  GLU A OE1 1 
ATOM   451  O OE2 . GLU A 1 80  ? -12.037 8.603   -0.709  1.00 76.57 ? 80  GLU A OE2 1 
ATOM   452  N N   . ILE A 1 81  ? -9.080  2.743   1.053   1.00 33.98 ? 81  ILE A N   1 
ATOM   453  C CA  . ILE A 1 81  ? -8.757  1.341   1.119   1.00 32.38 ? 81  ILE A CA  1 
ATOM   454  C C   . ILE A 1 81  ? -8.456  0.888   2.569   1.00 31.81 ? 81  ILE A C   1 
ATOM   455  O O   . ILE A 1 81  ? -9.005  -0.109  3.045   1.00 34.95 ? 81  ILE A O   1 
ATOM   456  C CB  . ILE A 1 81  ? -7.523  0.978   0.214   1.00 33.30 ? 81  ILE A CB  1 
ATOM   457  C CG1 . ILE A 1 81  ? -7.903  0.998   -1.282  1.00 34.86 ? 81  ILE A CG1 1 
ATOM   458  C CG2 . ILE A 1 81  ? -6.941  -0.381  0.630   1.00 30.14 ? 81  ILE A CG2 1 
ATOM   459  C CD1 . ILE A 1 81  ? -6.707  1.002   -2.220  1.00 31.88 ? 81  ILE A CD1 1 
ATOM   460  N N   . LEU A 1 82  ? -7.540  1.595   3.236   1.00 32.55 ? 82  LEU A N   1 
ATOM   461  C CA  . LEU A 1 82  ? -7.149  1.236   4.601   1.00 29.61 ? 82  LEU A CA  1 
ATOM   462  C C   . LEU A 1 82  ? -8.391  1.244   5.533   1.00 30.05 ? 82  LEU A C   1 
ATOM   463  O O   . LEU A 1 82  ? -8.626  0.266   6.226   1.00 31.07 ? 82  LEU A O   1 
ATOM   464  C CB  . LEU A 1 82  ? -6.056  2.165   5.136   1.00 26.72 ? 82  LEU A CB  1 
ATOM   465  C CG  . LEU A 1 82  ? -5.615  1.877   6.576   1.00 27.16 ? 82  LEU A CG  1 
ATOM   466  C CD1 . LEU A 1 82  ? -5.141  0.432   6.734   1.00 26.07 ? 82  LEU A CD1 1 
ATOM   467  C CD2 . LEU A 1 82  ? -4.496  2.830   6.909   1.00 27.22 ? 82  LEU A CD2 1 
ATOM   468  N N   . PHE A 1 83  ? -9.198  2.294   5.495   1.00 33.13 ? 83  PHE A N   1 
ATOM   469  C CA  . PHE A 1 83  ? -10.423 2.351   6.317   1.00 36.76 ? 83  PHE A CA  1 
ATOM   470  C C   . PHE A 1 83  ? -11.272 1.102   6.117   1.00 42.14 ? 83  PHE A C   1 
ATOM   471  O O   . PHE A 1 83  ? -11.673 0.411   7.070   1.00 42.83 ? 83  PHE A O   1 
ATOM   472  C CB  . PHE A 1 83  ? -11.198 3.608   5.955   1.00 42.32 ? 83  PHE A CB  1 
ATOM   473  C CG  . PHE A 1 83  ? -12.401 3.850   6.827   1.00 49.14 ? 83  PHE A CG  1 
ATOM   474  C CD1 . PHE A 1 83  ? -12.288 3.834   8.235   1.00 55.05 ? 83  PHE A CD1 1 
ATOM   475  C CD2 . PHE A 1 83  ? -13.655 4.117   6.258   1.00 51.35 ? 83  PHE A CD2 1 
ATOM   476  C CE1 . PHE A 1 83  ? -13.412 4.069   9.044   1.00 57.74 ? 83  PHE A CE1 1 
ATOM   477  C CE2 . PHE A 1 83  ? -14.772 4.365   7.061   1.00 51.27 ? 83  PHE A CE2 1 
ATOM   478  C CZ  . PHE A 1 83  ? -14.654 4.336   8.450   1.00 52.33 ? 83  PHE A CZ  1 
ATOM   479  N N   . PHE A 1 84  ? -11.460 0.758   4.843   1.00 45.83 ? 84  PHE A N   1 
ATOM   480  C CA  . PHE A 1 84  ? -12.219 -0.400  4.463   1.00 38.15 ? 84  PHE A CA  1 
ATOM   481  C C   . PHE A 1 84  ? -11.688 -1.663  5.089   1.00 39.12 ? 84  PHE A C   1 
ATOM   482  O O   . PHE A 1 84  ? -12.435 -2.462  5.700   1.00 44.02 ? 84  PHE A O   1 
ATOM   483  C CB  . PHE A 1 84  ? -12.285 -0.553  2.929   1.00 44.11 ? 84  PHE A CB  1 
ATOM   484  C CG  . PHE A 1 84  ? -13.071 -1.738  2.522   1.00 47.10 ? 84  PHE A CG  1 
ATOM   485  C CD1 . PHE A 1 84  ? -14.480 -1.663  2.476   1.00 51.42 ? 84  PHE A CD1 1 
ATOM   486  C CD2 . PHE A 1 84  ? -12.443 -2.960  2.328   1.00 48.04 ? 84  PHE A CD2 1 
ATOM   487  C CE1 . PHE A 1 84  ? -15.238 -2.784  2.163   1.00 52.35 ? 84  PHE A CE1 1 
ATOM   488  C CE2 . PHE A 1 84  ? -13.188 -4.087  2.031   1.00 51.74 ? 84  PHE A CE2 1 
ATOM   489  C CZ  . PHE A 1 84  ? -14.584 -3.994  1.941   1.00 53.09 ? 84  PHE A CZ  1 
ATOM   490  N N   . LEU A 1 85  ? -10.392 -1.870  4.929   1.00 37.20 ? 85  LEU A N   1 
ATOM   491  C CA  . LEU A 1 85  ? -9.715  -3.045  5.479   1.00 36.91 ? 85  LEU A CA  1 
ATOM   492  C C   . LEU A 1 85  ? -9.763  -3.094  7.041   1.00 32.22 ? 85  LEU A C   1 
ATOM   493  O O   . LEU A 1 85  ? -9.740  -4.176  7.644   1.00 33.58 ? 85  LEU A O   1 
ATOM   494  C CB  . LEU A 1 85  ? -8.263  -3.078  4.991   1.00 37.36 ? 85  LEU A CB  1 
ATOM   495  C CG  . LEU A 1 85  ? -8.032  -3.286  3.474   1.00 39.13 ? 85  LEU A CG  1 
ATOM   496  C CD1 . LEU A 1 85  ? -6.570  -3.089  3.139   1.00 38.92 ? 85  LEU A CD1 1 
ATOM   497  C CD2 . LEU A 1 85  ? -8.386  -4.720  3.150   1.00 37.48 ? 85  LEU A CD2 1 
ATOM   498  N N   . GLN A 1 86  ? -9.810  -1.919  7.664   1.00 30.66 ? 86  GLN A N   1 
ATOM   499  C CA  . GLN A 1 86  ? -9.855  -1.851  9.137   1.00 35.67 ? 86  GLN A CA  1 
ATOM   500  C C   . GLN A 1 86  ? -11.219 -2.360  9.627   1.00 36.86 ? 86  GLN A C   1 
ATOM   501  O O   . GLN A 1 86  ? -11.313 -3.100  10.627  1.00 38.14 ? 86  GLN A O   1 
ATOM   502  C CB  . GLN A 1 86  ? -9.552  -0.441  9.648   1.00 33.14 ? 86  GLN A CB  1 
ATOM   503  C CG  . GLN A 1 86  ? -8.049  -0.138  9.684   1.00 35.88 ? 86  GLN A CG  1 
ATOM   504  C CD  . GLN A 1 86  ? -7.762  1.334   9.934   1.00 42.99 ? 86  GLN A CD  1 
ATOM   505  O OE1 . GLN A 1 86  ? -8.595  2.191   9.632   1.00 40.62 ? 86  GLN A OE1 1 
ATOM   506  N NE2 . GLN A 1 86  ? -6.579  1.636   10.456  1.00 41.40 ? 86  GLN A NE2 1 
ATOM   507  N N   . ASN A 1 87  ? -12.256 -2.030  8.871   1.00 37.00 ? 87  ASN A N   1 
ATOM   508  C CA  . ASN A 1 87  ? -13.601 -2.492  9.226   1.00 37.59 ? 87  ASN A CA  1 
ATOM   509  C C   . ASN A 1 87  ? -13.837 -3.975  8.966   1.00 43.10 ? 87  ASN A C   1 
ATOM   510  O O   . ASN A 1 87  ? -14.629 -4.601  9.661   1.00 46.90 ? 87  ASN A O   1 
ATOM   511  C CB  . ASN A 1 87  ? -14.651 -1.528  8.698   1.00 38.56 ? 87  ASN A CB  1 
ATOM   512  C CG  . ASN A 1 87  ? -14.447 -0.119  9.241   1.00 41.48 ? 87  ASN A CG  1 
ATOM   513  O OD1 . ASN A 1 87  ? -13.862 0.059   10.334  1.00 44.03 ? 87  ASN A OD1 1 
ATOM   514  N ND2 . ASN A 1 87  ? -14.930 0.893   8.514   1.00 37.41 ? 87  ASN A ND2 1 
ATOM   515  N N   . GLN A 1 88  ? -13.065 -4.572  8.061   1.00 39.17 ? 88  GLN A N   1 
ATOM   516  C CA  . GLN A 1 88  ? -13.014 -6.025  7.896   1.00 45.51 ? 88  GLN A CA  1 
ATOM   517  C C   . GLN A 1 88  ? -12.222 -6.682  9.000   1.00 43.13 ? 88  GLN A C   1 
ATOM   518  O O   . GLN A 1 88  ? -12.021 -7.907  8.982   1.00 40.42 ? 88  GLN A O   1 
ATOM   519  C CB  . GLN A 1 88  ? -12.272 -6.372  6.577   1.00 53.12 ? 88  GLN A CB  1 
ATOM   520  C CG  . GLN A 1 88  ? -13.141 -6.906  5.444   1.00 66.52 ? 88  GLN A CG  1 
ATOM   521  C CD  . GLN A 1 88  ? -14.237 -5.945  4.995   1.00 73.16 ? 88  GLN A CD  1 
ATOM   522  O OE1 . GLN A 1 88  ? -14.170 -4.710  5.195   1.00 77.25 ? 88  GLN A OE1 1 
ATOM   523  N NE2 . GLN A 1 88  ? -15.262 -6.511  4.366   1.00 76.55 ? 88  GLN A NE2 1 
ATOM   524  N N   . SER A 1 89  ? -11.672 -5.862  9.900   1.00 39.99 ? 89  SER A N   1 
ATOM   525  C CA  . SER A 1 89  ? -10.636 -6.322  10.828  1.00 36.66 ? 89  SER A CA  1 
ATOM   526  C C   . SER A 1 89  ? -9.619  -7.254  10.151  1.00 33.59 ? 89  SER A C   1 
ATOM   527  O O   . SER A 1 89  ? -9.226  -8.315  10.675  1.00 34.64 ? 89  SER A O   1 
ATOM   528  C CB  . SER A 1 89  ? -11.260 -6.926  12.112  1.00 36.41 ? 89  SER A CB  1 
ATOM   529  O OG  . SER A 1 89  ? -12.130 -5.988  12.757  1.00 35.02 ? 89  SER A OG  1 
ATOM   530  N N   . PHE A 1 90  ? -9.114  -6.777  9.011   1.00 39.00 ? 90  PHE A N   1 
ATOM   531  C CA  . PHE A 1 90  ? -8.142  -7.511  8.183   1.00 39.47 ? 90  PHE A CA  1 
ATOM   532  C C   . PHE A 1 90  ? -6.822  -7.807  8.879   1.00 38.39 ? 90  PHE A C   1 
ATOM   533  O O   . PHE A 1 90  ? -6.263  -8.872  8.715   1.00 39.71 ? 90  PHE A O   1 
ATOM   534  C CB  . PHE A 1 90  ? -7.916  -6.705  6.880   1.00 45.23 ? 90  PHE A CB  1 
ATOM   535  C CG  . PHE A 1 90  ? -7.236  -7.474  5.800   1.00 46.81 ? 90  PHE A CG  1 
ATOM   536  C CD1 . PHE A 1 90  ? -5.839  -7.492  5.712   1.00 48.56 ? 90  PHE A CD1 1 
ATOM   537  C CD2 . PHE A 1 90  ? -7.977  -8.172  4.854   1.00 49.88 ? 90  PHE A CD2 1 
ATOM   538  C CE1 . PHE A 1 90  ? -5.181  -8.203  4.710   1.00 49.54 ? 90  PHE A CE1 1 
ATOM   539  C CE2 . PHE A 1 90  ? -7.323  -8.888  3.847   1.00 50.30 ? 90  PHE A CE2 1 
ATOM   540  C CZ  . PHE A 1 90  ? -5.927  -8.901  3.778   1.00 48.30 ? 90  PHE A CZ  1 
ATOM   541  N N   . PHE A 1 91  ? -6.320  -6.869  9.697   1.00 37.69 ? 91  PHE A N   1 
ATOM   542  C CA  . PHE A 1 91  ? -4.916  -6.897  10.114  1.00 34.86 ? 91  PHE A CA  1 
ATOM   543  C C   . PHE A 1 91  ? -4.623  -7.697  11.392  1.00 40.23 ? 91  PHE A C   1 
ATOM   544  O O   . PHE A 1 91  ? -5.486  -7.784  12.261  1.00 42.25 ? 91  PHE A O   1 
ATOM   545  C CB  . PHE A 1 91  ? -4.445  -5.454  10.311  1.00 32.35 ? 91  PHE A CB  1 
ATOM   546  C CG  . PHE A 1 91  ? -4.694  -4.592  9.117   1.00 32.43 ? 91  PHE A CG  1 
ATOM   547  C CD1 . PHE A 1 91  ? -3.908  -4.748  7.943   1.00 33.39 ? 91  PHE A CD1 1 
ATOM   548  C CD2 . PHE A 1 91  ? -5.708  -3.620  9.136   1.00 30.85 ? 91  PHE A CD2 1 
ATOM   549  C CE1 . PHE A 1 91  ? -4.159  -3.952  6.817   1.00 32.06 ? 91  PHE A CE1 1 
ATOM   550  C CE2 . PHE A 1 91  ? -5.939  -2.815  8.012   1.00 33.69 ? 91  PHE A CE2 1 
ATOM   551  C CZ  . PHE A 1 91  ? -5.168  -2.990  6.850   1.00 29.72 ? 91  PHE A CZ  1 
ATOM   552  N N   . THR A 1 92  ? -3.391  -8.211  11.517  1.00 36.67 ? 92  THR A N   1 
ATOM   553  C CA  . THR A 1 92  ? -2.899  -8.846  12.755  1.00 40.62 ? 92  THR A CA  1 
ATOM   554  C C   . THR A 1 92  ? -2.313  -7.762  13.674  1.00 42.51 ? 92  THR A C   1 
ATOM   555  O O   . THR A 1 92  ? -2.175  -6.601  13.255  1.00 36.64 ? 92  THR A O   1 
ATOM   556  C CB  . THR A 1 92  ? -1.801  -9.866  12.445  1.00 40.89 ? 92  THR A CB  1 
ATOM   557  O OG1 . THR A 1 92  ? -0.648  -9.163  11.970  1.00 41.63 ? 92  THR A OG1 1 
ATOM   558  C CG2 . THR A 1 92  ? -2.255  -10.853 11.357  1.00 40.31 ? 92  THR A CG2 1 
ATOM   559  N N   . GLU A 1 93  ? -1.910  -8.123  14.889  1.00 41.59 ? 93  GLU A N   1 
ATOM   560  C CA  . GLU A 1 93  ? -1.453  -7.100  15.847  1.00 46.03 ? 93  GLU A CA  1 
ATOM   561  C C   . GLU A 1 93  ? -0.112  -6.512  15.448  1.00 42.74 ? 93  GLU A C   1 
ATOM   562  O O   . GLU A 1 93  ? 0.104   -5.303  15.591  1.00 40.37 ? 93  GLU A O   1 
ATOM   563  C CB  . GLU A 1 93  ? -1.423  -7.639  17.283  1.00 53.18 ? 93  GLU A CB  1 
ATOM   564  C CG  . GLU A 1 93  ? -2.738  -7.403  17.997  1.00 61.19 ? 93  GLU A CG  1 
ATOM   565  C CD  . GLU A 1 93  ? -2.976  -8.382  19.125  1.00 76.53 ? 93  GLU A CD  1 
ATOM   566  O OE1 . GLU A 1 93  ? -1.997  -9.023  19.585  1.00 75.05 ? 93  GLU A OE1 1 
ATOM   567  O OE2 . GLU A 1 93  ? -4.152  -8.517  19.542  1.00 79.60 ? 93  GLU A OE2 1 
ATOM   568  N N   . GLU A 1 94  ? 0.757   -7.365  14.894  1.00 39.38 ? 94  GLU A N   1 
ATOM   569  C CA  . GLU A 1 94  ? 2.060   -6.959  14.347  1.00 37.63 ? 94  GLU A CA  1 
ATOM   570  C C   . GLU A 1 94  ? 1.905   -5.897  13.233  1.00 30.48 ? 94  GLU A C   1 
ATOM   571  O O   . GLU A 1 94  ? 2.687   -4.939  13.187  1.00 32.07 ? 94  GLU A O   1 
ATOM   572  C CB  . GLU A 1 94  ? 2.826   -8.191  13.772  1.00 41.54 ? 94  GLU A CB  1 
ATOM   573  C CG  . GLU A 1 94  ? 4.259   -7.935  13.257  1.00 49.57 ? 94  GLU A CG  1 
ATOM   574  C CD  . GLU A 1 94  ? 4.848   -9.094  12.402  1.00 60.98 ? 94  GLU A CD  1 
ATOM   575  O OE1 . GLU A 1 94  ? 4.251   -10.194 12.398  1.00 63.83 ? 94  GLU A OE1 1 
ATOM   576  O OE2 . GLU A 1 94  ? 5.900   -8.906  11.726  1.00 55.70 ? 94  GLU A OE2 1 
ATOM   577  N N   . GLU A 1 95  ? 0.949   -6.141  12.324  1.00 30.33 ? 95  GLU A N   1 
ATOM   578  C CA  . GLU A 1 95  ? 0.629   -5.253  11.188  1.00 28.89 ? 95  GLU A CA  1 
ATOM   579  C C   . GLU A 1 95  ? 0.025   -3.940  11.732  1.00 29.81 ? 95  GLU A C   1 
ATOM   580  O O   . GLU A 1 95  ? 0.377   -2.852  11.253  1.00 26.90 ? 95  GLU A O   1 
ATOM   581  C CB  . GLU A 1 95  ? -0.372  -5.924  10.208  1.00 29.27 ? 95  GLU A CB  1 
ATOM   582  C CG  . GLU A 1 95  ? 0.194   -7.190  9.524   1.00 33.87 ? 95  GLU A CG  1 
ATOM   583  C CD  . GLU A 1 95  ? -0.812  -7.984  8.715   1.00 35.37 ? 95  GLU A CD  1 
ATOM   584  O OE1 . GLU A 1 95  ? -2.068  -7.782  8.851   1.00 35.04 ? 95  GLU A OE1 1 
ATOM   585  O OE2 . GLU A 1 95  ? -0.328  -8.807  7.895   1.00 34.08 ? 95  GLU A OE2 1 
ATOM   586  N N   . GLU A 1 96  ? -0.892  -4.043  12.724  1.00 26.34 ? 96  GLU A N   1 
ATOM   587  C CA  . GLU A 1 96  ? -1.413  -2.860  13.421  1.00 28.69 ? 96  GLU A CA  1 
ATOM   588  C C   . GLU A 1 96  ? -0.328  -1.976  13.952  1.00 28.35 ? 96  GLU A C   1 
ATOM   589  O O   . GLU A 1 96  ? -0.370  -0.740  13.794  1.00 27.64 ? 96  GLU A O   1 
ATOM   590  C CB  . GLU A 1 96  ? -2.442  -3.245  14.516  1.00 32.04 ? 96  GLU A CB  1 
ATOM   591  C CG  . GLU A 1 96  ? -3.841  -3.334  13.895  1.00 42.22 ? 96  GLU A CG  1 
ATOM   592  C CD  . GLU A 1 96  ? -4.854  -4.147  14.700  1.00 53.32 ? 96  GLU A CD  1 
ATOM   593  O OE1 . GLU A 1 96  ? -4.570  -4.554  15.855  1.00 54.58 ? 96  GLU A OE1 1 
ATOM   594  O OE2 . GLU A 1 96  ? -5.955  -4.395  14.149  1.00 52.82 ? 96  GLU A OE2 1 
ATOM   595  N N   . ALA A 1 97  ? 0.673   -2.578  14.586  1.00 28.91 ? 97  ALA A N   1 
ATOM   596  C CA  . ALA A 1 97  ? 1.803   -1.775  15.077  1.00 28.89 ? 97  ALA A CA  1 
ATOM   597  C C   . ALA A 1 97  ? 2.563   -1.018  13.934  1.00 30.89 ? 97  ALA A C   1 
ATOM   598  O O   . ALA A 1 97  ? 3.052   0.133   14.120  1.00 28.03 ? 97  ALA A O   1 
ATOM   599  C CB  . ALA A 1 97  ? 2.757   -2.647  15.909  1.00 30.15 ? 97  ALA A CB  1 
ATOM   600  N N   . VAL A 1 98  ? 2.676   -1.671  12.772  1.00 29.21 ? 98  VAL A N   1 
ATOM   601  C CA  . VAL A 1 98  ? 3.379   -1.058  11.626  1.00 28.50 ? 98  VAL A CA  1 
ATOM   602  C C   . VAL A 1 98  ? 2.530   0.058   11.041  1.00 26.18 ? 98  VAL A C   1 
ATOM   603  O O   . VAL A 1 98  ? 3.071   1.045   10.687  1.00 30.06 ? 98  VAL A O   1 
ATOM   604  C CB  . VAL A 1 98  ? 3.745   -2.108  10.557  1.00 26.90 ? 98  VAL A CB  1 
ATOM   605  C CG1 . VAL A 1 98  ? 4.234   -1.476  9.235   1.00 25.14 ? 98  VAL A CG1 1 
ATOM   606  C CG2 . VAL A 1 98  ? 4.800   -3.074  11.157  1.00 28.71 ? 98  VAL A CG2 1 
ATOM   607  N N   . LEU A 1 99  ? 1.207   -0.129  10.937  1.00 26.77 ? 99  LEU A N   1 
ATOM   608  C CA  . LEU A 1 99  ? 0.299   0.950   10.550  1.00 26.75 ? 99  LEU A CA  1 
ATOM   609  C C   . LEU A 1 99  ? 0.362   2.154   11.496  1.00 27.32 ? 99  LEU A C   1 
ATOM   610  O O   . LEU A 1 99  ? 0.376   3.312   11.038  1.00 26.05 ? 99  LEU A O   1 
ATOM   611  C CB  . LEU A 1 99  ? -1.122  0.420   10.463  1.00 27.78 ? 99  LEU A CB  1 
ATOM   612  C CG  . LEU A 1 99  ? -1.443  -0.618  9.391   1.00 27.71 ? 99  LEU A CG  1 
ATOM   613  C CD1 . LEU A 1 99  ? -2.776  -1.244  9.766   1.00 30.90 ? 99  LEU A CD1 1 
ATOM   614  C CD2 . LEU A 1 99  ? -1.536  -0.022  7.982   1.00 27.11 ? 99  LEU A CD2 1 
ATOM   615  N N   . LYS A 1 100 ? 0.372   1.903   12.807  1.00 24.29 ? 100 LYS A N   1 
ATOM   616  C CA  . LYS A 1 100 ? 0.566   2.969   13.792  1.00 24.75 ? 100 LYS A CA  1 
ATOM   617  C C   . LYS A 1 100 ? 1.877   3.729   13.507  1.00 28.21 ? 100 LYS A C   1 
ATOM   618  O O   . LYS A 1 100 ? 1.927   4.984   13.463  1.00 26.23 ? 100 LYS A O   1 
ATOM   619  C CB  . LYS A 1 100 ? 0.515   2.433   15.223  1.00 25.69 ? 100 LYS A CB  1 
ATOM   620  C CG  . LYS A 1 100 ? 0.915   3.448   16.283  1.00 32.58 ? 100 LYS A CG  1 
ATOM   621  C CD  . LYS A 1 100 ? 0.614   2.931   17.690  1.00 37.43 ? 100 LYS A CD  1 
ATOM   622  C CE  . LYS A 1 100 ? 0.757   4.095   18.676  1.00 39.50 ? 100 LYS A CE  1 
ATOM   623  N NZ  . LYS A 1 100 ? 0.575   3.674   20.111  1.00 48.32 ? 100 LYS A NZ  1 
ATOM   624  N N   . ARG A 1 101 ? 2.922   2.979   13.217  1.00 25.15 ? 101 ARG A N   1 
ATOM   625  C CA  . ARG A 1 101 ? 4.215   3.634   12.893  1.00 24.05 ? 101 ARG A CA  1 
ATOM   626  C C   . ARG A 1 101 ? 4.102   4.555   11.660  1.00 25.36 ? 101 ARG A C   1 
ATOM   627  O O   . ARG A 1 101 ? 4.574   5.682   11.702  1.00 25.69 ? 101 ARG A O   1 
ATOM   628  C CB  . ARG A 1 101 ? 5.338   2.590   12.750  1.00 27.34 ? 101 ARG A CB  1 
ATOM   629  C CG  . ARG A 1 101 ? 6.700   3.275   12.567  1.00 28.28 ? 101 ARG A CG  1 
ATOM   630  C CD  . ARG A 1 101 ? 7.781   2.290   12.178  1.00 33.43 ? 101 ARG A CD  1 
ATOM   631  N NE  . ARG A 1 101 ? 8.035   1.378   13.286  1.00 36.66 ? 101 ARG A NE  1 
ATOM   632  C CZ  . ARG A 1 101 ? 8.961   0.436   13.285  1.00 44.22 ? 101 ARG A CZ  1 
ATOM   633  N NH1 . ARG A 1 101 ? 9.763   0.275   12.213  1.00 34.53 ? 101 ARG A NH1 1 
ATOM   634  N NH2 . ARG A 1 101 ? 9.079   -0.326  14.377  1.00 42.95 ? 101 ARG A NH2 1 
ATOM   635  N N   . GLY A 1 102 ? 3.446   4.095   10.596  1.00 23.55 ? 102 GLY A N   1 
ATOM   636  C CA  . GLY A 1 102 ? 3.276   4.871   9.384   1.00 28.58 ? 102 GLY A CA  1 
ATOM   637  C C   . GLY A 1 102 ? 2.360   6.079   9.569   1.00 26.69 ? 102 GLY A C   1 
ATOM   638  O O   . GLY A 1 102 ? 2.679   7.162   9.097   1.00 26.33 ? 102 GLY A O   1 
ATOM   639  N N   . ARG A 1 103 ? 1.279   5.900   10.335  1.00 27.41 ? 103 ARG A N   1 
ATOM   640  C CA  . ARG A 1 103 ? 0.288   6.970   10.544  1.00 28.36 ? 103 ARG A CA  1 
ATOM   641  C C   . ARG A 1 103 ? 0.914   8.152   11.306  1.00 29.83 ? 103 ARG A C   1 
ATOM   642  O O   . ARG A 1 103 ? 0.505   9.293   11.119  1.00 33.00 ? 103 ARG A O   1 
ATOM   643  C CB  . ARG A 1 103 ? -0.854  6.358   11.328  1.00 30.43 ? 103 ARG A CB  1 
ATOM   644  C CG  . ARG A 1 103 ? -2.056  7.242   11.533  1.00 42.49 ? 103 ARG A CG  1 
ATOM   645  C CD  . ARG A 1 103 ? -3.025  6.661   12.562  1.00 38.21 ? 103 ARG A CD  1 
ATOM   646  N NE  . ARG A 1 103 ? -3.131  5.230   12.420  1.00 47.27 ? 103 ARG A NE  1 
ATOM   647  C CZ  . ARG A 1 103 ? -2.965  4.357   13.422  1.00 44.79 ? 103 ARG A CZ  1 
ATOM   648  N NH1 . ARG A 1 103 ? -2.754  4.748   14.670  1.00 44.51 ? 103 ARG A NH1 1 
ATOM   649  N NH2 . ARG A 1 103 ? -3.078  3.078   13.163  1.00 41.46 ? 103 ARG A NH2 1 
ATOM   650  N N   . ASN A 1 104 ? 1.905   7.860   12.166  1.00 30.62 ? 104 ASN A N   1 
ATOM   651  C CA  . ASN A 1 104 ? 2.600   8.852   13.027  1.00 32.44 ? 104 ASN A CA  1 
ATOM   652  C C   . ASN A 1 104 ? 3.941   9.315   12.508  1.00 36.11 ? 104 ASN A C   1 
ATOM   653  O O   . ASN A 1 104 ? 4.591   10.161  13.126  1.00 34.41 ? 104 ASN A O   1 
ATOM   654  C CB  . ASN A 1 104 ? 2.783   8.291   14.435  1.00 32.62 ? 104 ASN A CB  1 
ATOM   655  C CG  . ASN A 1 104 ? 1.457   8.111   15.145  1.00 33.52 ? 104 ASN A CG  1 
ATOM   656  O OD1 . ASN A 1 104 ? 0.699   9.060   15.298  1.00 33.08 ? 104 ASN A OD1 1 
ATOM   657  N ND2 . ASN A 1 104 ? 1.159   6.890   15.538  1.00 32.38 ? 104 ASN A ND2 1 
ATOM   658  N N   . ALA A 1 105 ? 4.368   8.770   11.377  1.00 36.09 ? 105 ALA A N   1 
ATOM   659  C CA  . ALA A 1 105 ? 5.667   9.121   10.838  1.00 41.09 ? 105 ALA A CA  1 
ATOM   660  C C   . ALA A 1 105 ? 5.657   10.609  10.537  1.00 48.61 ? 105 ALA A C   1 
ATOM   661  O O   . ALA A 1 105 ? 4.733   11.116  9.880   1.00 45.61 ? 105 ALA A O   1 
ATOM   662  C CB  . ALA A 1 105 ? 5.963   8.313   9.585   1.00 39.58 ? 105 ALA A CB  1 
ATOM   663  N N   . LYS A 1 106 ? 6.677   11.285  11.051  1.00 53.72 ? 106 LYS A N   1 
ATOM   664  C CA  . LYS A 1 106 ? 6.833   12.740  10.969  1.00 64.00 ? 106 LYS A CA  1 
ATOM   665  C C   . LYS A 1 106 ? 7.616   13.157  9.723   1.00 60.25 ? 106 LYS A C   1 
ATOM   666  O O   . LYS A 1 106 ? 7.075   13.813  8.836   1.00 64.31 ? 106 LYS A O   1 
ATOM   667  C CB  . LYS A 1 106 ? 7.568   13.231  12.233  1.00 73.12 ? 106 LYS A CB  1 
ATOM   668  C CG  . LYS A 1 106 ? 6.846   12.918  13.555  1.00 78.34 ? 106 LYS A CG  1 
ATOM   669  C CD  . LYS A 1 106 ? 7.807   12.506  14.667  1.00 78.28 ? 106 LYS A CD  1 
ATOM   670  C CE  . LYS A 1 106 ? 8.497   13.710  15.315  1.00 76.10 ? 106 LYS A CE  1 
ATOM   671  N NZ  . LYS A 1 106 ? 9.386   13.297  16.443  1.00 69.32 ? 106 LYS A NZ  1 
ATOM   672  N N   . ASN A 1 113 ? -1.160  20.338  -1.364  1.00 60.56 ? 113 ASN A N   1 
ATOM   673  C CA  . ASN A 1 113 ? -2.484  19.814  -1.714  1.00 67.99 ? 113 ASN A CA  1 
ATOM   674  C C   . ASN A 1 113 ? -2.686  18.312  -1.360  1.00 67.40 ? 113 ASN A C   1 
ATOM   675  O O   . ASN A 1 113 ? -3.223  17.518  -2.147  1.00 68.76 ? 113 ASN A O   1 
ATOM   676  C CB  . ASN A 1 113 ? -2.850  20.111  -3.177  1.00 58.38 ? 113 ASN A CB  1 
ATOM   677  N N   . THR A 1 114 ? -2.256  17.930  -0.159  1.00 64.03 ? 114 THR A N   1 
ATOM   678  C CA  . THR A 1 114 ? -2.785  16.713  0.473   1.00 58.33 ? 114 THR A CA  1 
ATOM   679  C C   . THR A 1 114 ? -3.292  16.970  1.911   1.00 53.69 ? 114 THR A C   1 
ATOM   680  O O   . THR A 1 114 ? -2.596  17.580  2.766   1.00 55.50 ? 114 THR A O   1 
ATOM   681  C CB  . THR A 1 114 ? -1.790  15.524  0.422   1.00 62.48 ? 114 THR A CB  1 
ATOM   682  O OG1 . THR A 1 114 ? -2.393  14.366  1.033   1.00 54.75 ? 114 THR A OG1 1 
ATOM   683  C CG2 . THR A 1 114 ? -0.419  15.883  1.096   1.00 64.79 ? 114 THR A CG2 1 
ATOM   684  N N   . ASP A 1 115 ? -4.506  16.512  2.176   1.00 46.44 ? 115 ASP A N   1 
ATOM   685  C CA  . ASP A 1 115 ? -5.024  16.596  3.539   1.00 45.46 ? 115 ASP A CA  1 
ATOM   686  C C   . ASP A 1 115 ? -4.242  15.857  4.576   1.00 45.76 ? 115 ASP A C   1 
ATOM   687  O O   . ASP A 1 115 ? -3.695  14.776  4.304   1.00 35.64 ? 115 ASP A O   1 
ATOM   688  C CB  . ASP A 1 115 ? -6.478  16.201  3.569   1.00 50.99 ? 115 ASP A CB  1 
ATOM   689  C CG  . ASP A 1 115 ? -7.327  17.297  3.039   1.00 57.63 ? 115 ASP A CG  1 
ATOM   690  O OD1 . ASP A 1 115 ? -7.273  18.435  3.612   1.00 57.98 ? 115 ASP A OD1 1 
ATOM   691  O OD2 . ASP A 1 115 ? -8.012  17.044  2.028   1.00 62.98 ? 115 ASP A OD2 1 
ATOM   692  N N   . VAL A 1 116 ? -4.180  16.439  5.770   1.00 39.05 ? 116 VAL A N   1 
ATOM   693  C CA  . VAL A 1 116 ? -3.409  15.861  6.861   1.00 38.29 ? 116 VAL A CA  1 
ATOM   694  C C   . VAL A 1 116 ? -3.815  14.402  7.176   1.00 38.43 ? 116 VAL A C   1 
ATOM   695  O O   . VAL A 1 116 ? -2.951  13.520  7.305   1.00 33.55 ? 116 VAL A O   1 
ATOM   696  C CB  . VAL A 1 116 ? -3.483  16.754  8.130   1.00 41.19 ? 116 VAL A CB  1 
ATOM   697  C CG1 . VAL A 1 116 ? -2.714  16.098  9.284   1.00 39.99 ? 116 VAL A CG1 1 
ATOM   698  C CG2 . VAL A 1 116 ? -2.924  18.163  7.820   1.00 40.07 ? 116 VAL A CG2 1 
ATOM   699  N N   . GLN A 1 117 ? -5.123  14.141  7.283   1.00 37.71 ? 117 GLN A N   1 
ATOM   700  C CA  . GLN A 1 117 ? -5.580  12.800  7.673   1.00 36.60 ? 117 GLN A CA  1 
ATOM   701  C C   . GLN A 1 117 ? -5.417  11.801  6.555   1.00 37.41 ? 117 GLN A C   1 
ATOM   702  O O   . GLN A 1 117 ? -4.992  10.679  6.796   1.00 31.99 ? 117 GLN A O   1 
ATOM   703  C CB  . GLN A 1 117 ? -7.026  12.789  8.188   1.00 43.39 ? 117 GLN A CB  1 
ATOM   704  C CG  . GLN A 1 117 ? -7.167  13.265  9.642   1.00 54.65 ? 117 GLN A CG  1 
ATOM   705  C CD  . GLN A 1 117 ? -6.263  12.544  10.680  1.00 57.73 ? 117 GLN A CD  1 
ATOM   706  O OE1 . GLN A 1 117 ? -5.886  11.367  10.537  1.00 59.13 ? 117 GLN A OE1 1 
ATOM   707  N NE2 . GLN A 1 117 ? -5.945  13.262  11.746  1.00 70.03 ? 117 GLN A NE2 1 
ATOM   708  N N   . THR A 1 118 ? -5.710  12.217  5.326   1.00 37.57 ? 118 THR A N   1 
ATOM   709  C CA  . THR A 1 118 ? -5.458  11.363  4.194   1.00 40.11 ? 118 THR A CA  1 
ATOM   710  C C   . THR A 1 118 ? -3.970  11.048  4.022   1.00 38.21 ? 118 THR A C   1 
ATOM   711  O O   . THR A 1 118 ? -3.627  9.901   3.699   1.00 36.46 ? 118 THR A O   1 
ATOM   712  C CB  . THR A 1 118 ? -6.081  11.878  2.874   1.00 47.40 ? 118 THR A CB  1 
ATOM   713  O OG1 . THR A 1 118 ? -5.154  12.736  2.194   1.00 53.33 ? 118 THR A OG1 1 
ATOM   714  C CG2 . THR A 1 118 ? -7.373  12.571  3.156   1.00 40.27 ? 118 THR A CG2 1 
ATOM   715  N N   . TYR A 1 119 ? -3.098  12.029  4.252   1.00 30.65 ? 119 TYR A N   1 
ATOM   716  C CA  . TYR A 1 119 ? -1.645  11.796  4.263   1.00 31.24 ? 119 TYR A CA  1 
ATOM   717  C C   . TYR A 1 119 ? -1.243  10.739  5.283   1.00 33.48 ? 119 TYR A C   1 
ATOM   718  O O   . TYR A 1 119 ? -0.419  9.858   4.977   1.00 31.81 ? 119 TYR A O   1 
ATOM   719  C CB  . TYR A 1 119 ? -0.889  13.065  4.622   1.00 35.21 ? 119 TYR A CB  1 
ATOM   720  C CG  . TYR A 1 119 ? 0.604   12.850  4.802   1.00 43.46 ? 119 TYR A CG  1 
ATOM   721  C CD1 . TYR A 1 119 ? 1.452   12.661  3.694   1.00 45.79 ? 119 TYR A CD1 1 
ATOM   722  C CD2 . TYR A 1 119 ? 1.177   12.821  6.091   1.00 47.89 ? 119 TYR A CD2 1 
ATOM   723  C CE1 . TYR A 1 119 ? 2.825   12.455  3.863   1.00 47.89 ? 119 TYR A CE1 1 
ATOM   724  C CE2 . TYR A 1 119 ? 2.531   12.599  6.271   1.00 54.08 ? 119 TYR A CE2 1 
ATOM   725  C CZ  . TYR A 1 119 ? 3.357   12.420  5.158   1.00 55.42 ? 119 TYR A CZ  1 
ATOM   726  O OH  . TYR A 1 119 ? 4.714   12.228  5.357   1.00 56.83 ? 119 TYR A OH  1 
ATOM   727  N N   . ARG A 1 120 ? -1.795  10.845  6.497   1.00 30.77 ? 120 ARG A N   1 
ATOM   728  C CA  . ARG A 1 120 ? -1.454  9.938   7.586   1.00 26.80 ? 120 ARG A CA  1 
ATOM   729  C C   . ARG A 1 120 ? -1.909  8.502   7.265   1.00 27.79 ? 120 ARG A C   1 
ATOM   730  O O   . ARG A 1 120 ? -1.155  7.564   7.462   1.00 26.69 ? 120 ARG A O   1 
ATOM   731  C CB  . ARG A 1 120 ? -2.117  10.388  8.888   1.00 27.02 ? 120 ARG A CB  1 
ATOM   732  C CG  . ARG A 1 120 ? -1.468  11.685  9.391   1.00 34.64 ? 120 ARG A CG  1 
ATOM   733  C CD  . ARG A 1 120 ? -2.074  11.997  10.727  1.00 28.79 ? 120 ARG A CD  1 
ATOM   734  N NE  . ARG A 1 120 ? -1.506  11.219  11.800  1.00 30.97 ? 120 ARG A NE  1 
ATOM   735  C CZ  . ARG A 1 120 ? -2.199  10.544  12.709  1.00 30.31 ? 120 ARG A CZ  1 
ATOM   736  N NH1 . ARG A 1 120 ? -3.544  10.442  12.599  1.00 31.85 ? 120 ARG A NH1 1 
ATOM   737  N NH2 . ARG A 1 120 ? -1.535  9.944   13.700  1.00 28.21 ? 120 ARG A NH2 1 
ATOM   738  N N   . TYR A 1 121 ? -3.137  8.334   6.783   1.00 27.89 ? 121 TYR A N   1 
ATOM   739  C CA  . TYR A 1 121 ? -3.637  7.003   6.460   1.00 28.84 ? 121 TYR A CA  1 
ATOM   740  C C   . TYR A 1 121 ? -2.963  6.380   5.228   1.00 26.39 ? 121 TYR A C   1 
ATOM   741  O O   . TYR A 1 121 ? -2.656  5.157   5.206   1.00 26.13 ? 121 TYR A O   1 
ATOM   742  C CB  . TYR A 1 121 ? -5.155  6.990   6.279   1.00 30.87 ? 121 TYR A CB  1 
ATOM   743  C CG  . TYR A 1 121 ? -5.972  7.436   7.472   1.00 44.65 ? 121 TYR A CG  1 
ATOM   744  C CD1 . TYR A 1 121 ? -5.380  7.751   8.695   1.00 50.06 ? 121 TYR A CD1 1 
ATOM   745  C CD2 . TYR A 1 121 ? -7.364  7.556   7.368   1.00 64.34 ? 121 TYR A CD2 1 
ATOM   746  C CE1 . TYR A 1 121 ? -6.140  8.166   9.785   1.00 62.68 ? 121 TYR A CE1 1 
ATOM   747  C CE2 . TYR A 1 121 ? -8.144  7.972   8.449   1.00 74.42 ? 121 TYR A CE2 1 
ATOM   748  C CZ  . TYR A 1 121 ? -7.529  8.286   9.655   1.00 77.37 ? 121 TYR A CZ  1 
ATOM   749  O OH  . TYR A 1 121 ? -8.293  8.715   10.732  1.00 90.49 ? 121 TYR A OH  1 
ATOM   750  N N   . SER A 1 122 ? -2.737  7.181   4.189   1.00 27.77 ? 122 SER A N   1 
ATOM   751  C CA  . SER A 1 122 ? -2.072  6.625   3.030   1.00 27.80 ? 122 SER A CA  1 
ATOM   752  C C   . SER A 1 122 ? -0.646  6.199   3.398   1.00 28.19 ? 122 SER A C   1 
ATOM   753  O O   . SER A 1 122 ? -0.166  5.153   2.918   1.00 25.34 ? 122 SER A O   1 
ATOM   754  C CB  . SER A 1 122 ? -2.053  7.601   1.856   1.00 30.94 ? 122 SER A CB  1 
ATOM   755  O OG  . SER A 1 122 ? -1.235  8.727   2.192   1.00 34.23 ? 122 SER A OG  1 
ATOM   756  N N   . THR A 1 123 ? 0.040   7.006   4.216   1.00 28.11 ? 123 THR A N   1 
ATOM   757  C CA  . THR A 1 123 ? 1.425   6.695   4.630   1.00 25.91 ? 123 THR A CA  1 
ATOM   758  C C   . THR A 1 123 ? 1.437   5.378   5.510   1.00 25.90 ? 123 THR A C   1 
ATOM   759  O O   . THR A 1 123 ? 2.322   4.524   5.357   1.00 27.39 ? 123 THR A O   1 
ATOM   760  C CB  . THR A 1 123 ? 2.039   7.862   5.433   1.00 26.28 ? 123 THR A CB  1 
ATOM   761  O OG1 . THR A 1 123 ? 2.050   9.081   4.644   1.00 29.27 ? 123 THR A OG1 1 
ATOM   762  C CG2 . THR A 1 123 ? 3.436   7.551   5.911   1.00 26.97 ? 123 THR A CG2 1 
ATOM   763  N N   . ALA A 1 124 ? 0.434   5.235   6.384   1.00 22.60 ? 124 ALA A N   1 
ATOM   764  C CA  . ALA A 1 124 ? 0.201   4.015   7.135   1.00 23.72 ? 124 ALA A CA  1 
ATOM   765  C C   . ALA A 1 124 ? 0.079   2.796   6.200   1.00 23.57 ? 124 ALA A C   1 
ATOM   766  O O   . ALA A 1 124 ? 0.827   1.833   6.356   1.00 25.70 ? 124 ALA A O   1 
ATOM   767  C CB  . ALA A 1 124 ? -1.012  4.173   8.020   1.00 22.61 ? 124 ALA A CB  1 
ATOM   768  N N   . PHE A 1 125 ? -0.835  2.835   5.211   1.00 23.46 ? 125 PHE A N   1 
ATOM   769  C CA  . PHE A 1 125 ? -0.972  1.772   4.219   1.00 25.79 ? 125 PHE A CA  1 
ATOM   770  C C   . PHE A 1 125 ? 0.338   1.505   3.469   1.00 26.39 ? 125 PHE A C   1 
ATOM   771  O O   . PHE A 1 125 ? 0.738   0.337   3.333   1.00 23.97 ? 125 PHE A O   1 
ATOM   772  C CB  . PHE A 1 125 ? -2.086  2.188   3.211   1.00 26.89 ? 125 PHE A CB  1 
ATOM   773  C CG  . PHE A 1 125 ? -2.336  1.208   2.118   1.00 29.62 ? 125 PHE A CG  1 
ATOM   774  C CD1 . PHE A 1 125 ? -2.970  0.006   2.380   1.00 28.38 ? 125 PHE A CD1 1 
ATOM   775  C CD2 . PHE A 1 125 ? -1.981  1.511   0.796   1.00 30.71 ? 125 PHE A CD2 1 
ATOM   776  C CE1 . PHE A 1 125 ? -3.212  -0.920  1.350   1.00 27.36 ? 125 PHE A CE1 1 
ATOM   777  C CE2 . PHE A 1 125 ? -2.267  0.609   -0.236  1.00 26.82 ? 125 PHE A CE2 1 
ATOM   778  C CZ  . PHE A 1 125 ? -2.868  -0.608  0.042   1.00 26.39 ? 125 PHE A CZ  1 
ATOM   779  N N   . GLN A 1 126 ? 1.003   2.573   3.008   1.00 23.93 ? 126 GLN A N   1 
ATOM   780  C CA  . GLN A 1 126 ? 2.286   2.412   2.276   1.00 24.94 ? 126 GLN A CA  1 
ATOM   781  C C   . GLN A 1 126 ? 3.382   1.748   3.159   1.00 25.59 ? 126 GLN A C   1 
ATOM   782  O O   . GLN A 1 126 ? 4.099   0.807   2.714   1.00 22.98 ? 126 GLN A O   1 
ATOM   783  C CB  . GLN A 1 126 ? 2.782   3.730   1.765   1.00 25.00 ? 126 GLN A CB  1 
ATOM   784  C CG  . GLN A 1 126 ? 1.885   4.359   0.702   1.00 29.66 ? 126 GLN A CG  1 
ATOM   785  C CD  . GLN A 1 126 ? 2.266   5.830   0.477   1.00 29.23 ? 126 GLN A CD  1 
ATOM   786  O OE1 . GLN A 1 126 ? 3.201   6.314   1.077   1.00 33.55 ? 126 GLN A OE1 1 
ATOM   787  N NE2 . GLN A 1 126 ? 1.595   6.494   -0.414  1.00 34.14 ? 126 GLN A NE2 1 
ATOM   788  N N   . ALA A 1 127 ? 3.503   2.206   4.407   1.00 23.42 ? 127 ALA A N   1 
ATOM   789  C CA  . ALA A 1 127 ? 4.481   1.575   5.367   1.00 24.65 ? 127 ALA A CA  1 
ATOM   790  C C   . ALA A 1 127 ? 4.232   0.044   5.601   1.00 24.13 ? 127 ALA A C   1 
ATOM   791  O O   . ALA A 1 127 ? 5.166   -0.779  5.676   1.00 28.39 ? 127 ALA A O   1 
ATOM   792  C CB  . ALA A 1 127 ? 4.458   2.338   6.713   1.00 24.24 ? 127 ALA A CB  1 
ATOM   793  N N   . LEU A 1 128 ? 2.979   -0.355  5.732   1.00 26.21 ? 128 LEU A N   1 
ATOM   794  C CA  . LEU A 1 128 ? 2.655   -1.769  5.869   1.00 28.26 ? 128 LEU A CA  1 
ATOM   795  C C   . LEU A 1 128 ? 3.051   -2.592  4.626   1.00 28.49 ? 128 LEU A C   1 
ATOM   796  O O   . LEU A 1 128 ? 3.536   -3.707  4.727   1.00 27.50 ? 128 LEU A O   1 
ATOM   797  C CB  . LEU A 1 128 ? 1.146   -1.981  6.167   1.00 28.08 ? 128 LEU A CB  1 
ATOM   798  C CG  . LEU A 1 128 ? 0.737   -3.477  6.410   1.00 28.69 ? 128 LEU A CG  1 
ATOM   799  C CD1 . LEU A 1 128 ? 1.602   -4.182  7.446   1.00 28.50 ? 128 LEU A CD1 1 
ATOM   800  C CD2 . LEU A 1 128 ? -0.756  -3.739  6.693   1.00 28.16 ? 128 LEU A CD2 1 
ATOM   801  N N   . LEU A 1 129 ? 2.791   -2.061  3.454   1.00 24.37 ? 129 LEU A N   1 
ATOM   802  C CA  . LEU A 1 129 ? 3.169   -2.776  2.244   1.00 28.13 ? 129 LEU A CA  1 
ATOM   803  C C   . LEU A 1 129 ? 4.695   -2.889  2.203   1.00 27.22 ? 129 LEU A C   1 
ATOM   804  O O   . LEU A 1 129 ? 5.245   -3.977  1.930   1.00 29.93 ? 129 LEU A O   1 
ATOM   805  C CB  . LEU A 1 129 ? 2.631   -2.023  1.005   1.00 29.12 ? 129 LEU A CB  1 
ATOM   806  C CG  . LEU A 1 129 ? 1.110   -1.969  0.848   1.00 31.11 ? 129 LEU A CG  1 
ATOM   807  C CD1 . LEU A 1 129 ? 0.782   -1.270  -0.472  1.00 33.58 ? 129 LEU A CD1 1 
ATOM   808  C CD2 . LEU A 1 129 ? 0.534   -3.379  0.844   1.00 34.13 ? 129 LEU A CD2 1 
ATOM   809  N N   . GLY A 1 130 ? 5.376   -1.798  2.524   1.00 22.90 ? 130 GLY A N   1 
ATOM   810  C CA  . GLY A 1 130 ? 6.855   -1.758  2.552   1.00 25.83 ? 130 GLY A CA  1 
ATOM   811  C C   . GLY A 1 130 ? 7.378   -2.799  3.538   1.00 27.78 ? 130 GLY A C   1 
ATOM   812  O O   . GLY A 1 130 ? 8.267   -3.572  3.243   1.00 28.97 ? 130 GLY A O   1 
ATOM   813  N N   . TYR A 1 131 ? 6.851   -2.752  4.737   1.00 29.25 ? 131 TYR A N   1 
ATOM   814  C CA  . TYR A 1 131 ? 7.181   -3.728  5.774   1.00 30.37 ? 131 TYR A CA  1 
ATOM   815  C C   . TYR A 1 131 ? 6.978   -5.171  5.264   1.00 29.07 ? 131 TYR A C   1 
ATOM   816  O O   . TYR A 1 131 ? 7.889   -5.959  5.358   1.00 33.34 ? 131 TYR A O   1 
ATOM   817  C CB  . TYR A 1 131 ? 6.320   -3.514  7.035   1.00 28.85 ? 131 TYR A CB  1 
ATOM   818  C CG  . TYR A 1 131 ? 6.644   -4.457  8.228   1.00 32.65 ? 131 TYR A CG  1 
ATOM   819  C CD1 . TYR A 1 131 ? 7.667   -4.147  9.131   1.00 34.60 ? 131 TYR A CD1 1 
ATOM   820  C CD2 . TYR A 1 131 ? 5.900   -5.621  8.445   1.00 32.50 ? 131 TYR A CD2 1 
ATOM   821  C CE1 . TYR A 1 131 ? 7.945   -4.981  10.212  1.00 33.40 ? 131 TYR A CE1 1 
ATOM   822  C CE2 . TYR A 1 131 ? 6.167   -6.452  9.522   1.00 34.93 ? 131 TYR A CE2 1 
ATOM   823  C CZ  . TYR A 1 131 ? 7.199   -6.118  10.383  1.00 35.92 ? 131 TYR A CZ  1 
ATOM   824  O OH  . TYR A 1 131 ? 7.467   -6.942  11.449  1.00 45.23 ? 131 TYR A OH  1 
ATOM   825  N N   . LEU A 1 132 ? 5.784   -5.533  4.792   1.00 30.26 ? 132 LEU A N   1 
ATOM   826  C CA  . LEU A 1 132 ? 5.522   -6.913  4.355   1.00 31.96 ? 132 LEU A CA  1 
ATOM   827  C C   . LEU A 1 132 ? 6.491   -7.394  3.239   1.00 37.71 ? 132 LEU A C   1 
ATOM   828  O O   . LEU A 1 132 ? 7.022   -8.556  3.223   1.00 31.92 ? 132 LEU A O   1 
ATOM   829  C CB  . LEU A 1 132 ? 4.072   -7.045  3.919   1.00 31.95 ? 132 LEU A CB  1 
ATOM   830  C CG  . LEU A 1 132 ? 2.985   -6.922  5.024   1.00 30.91 ? 132 LEU A CG  1 
ATOM   831  C CD1 . LEU A 1 132 ? 1.590   -6.924  4.393   1.00 29.59 ? 132 LEU A CD1 1 
ATOM   832  C CD2 . LEU A 1 132 ? 3.110   -7.930  6.164   1.00 34.54 ? 132 LEU A CD2 1 
ATOM   833  N N   . PHE A 1 133 ? 6.741   -6.466  2.329   1.00 31.66 ? 133 PHE A N   1 
ATOM   834  C CA  . PHE A 1 133 ? 7.674   -6.708  1.262   1.00 34.72 ? 133 PHE A CA  1 
ATOM   835  C C   . PHE A 1 133 ? 9.095   -6.982  1.761   1.00 33.15 ? 133 PHE A C   1 
ATOM   836  O O   . PHE A 1 133 ? 9.715   -7.984  1.339   1.00 33.67 ? 133 PHE A O   1 
ATOM   837  C CB  . PHE A 1 133 ? 7.660   -5.527  0.278   1.00 30.63 ? 133 PHE A CB  1 
ATOM   838  C CG  . PHE A 1 133 ? 8.661   -5.669  -0.837  1.00 33.07 ? 133 PHE A CG  1 
ATOM   839  C CD1 . PHE A 1 133 ? 8.494   -6.656  -1.832  1.00 34.47 ? 133 PHE A CD1 1 
ATOM   840  C CD2 . PHE A 1 133 ? 9.763   -4.830  -0.903  1.00 32.37 ? 133 PHE A CD2 1 
ATOM   841  C CE1 . PHE A 1 133 ? 9.417   -6.763  -2.891  1.00 34.94 ? 133 PHE A CE1 1 
ATOM   842  C CE2 . PHE A 1 133 ? 10.704  -4.956  -1.930  1.00 36.59 ? 133 PHE A CE2 1 
ATOM   843  C CZ  . PHE A 1 133 ? 10.541  -5.926  -2.920  1.00 33.11 ? 133 PHE A CZ  1 
ATOM   844  N N   . LEU A 1 134 ? 9.610   -6.101  2.632   1.00 30.90 ? 134 LEU A N   1 
ATOM   845  C CA  . LEU A 1 134 ? 11.022  -6.154  3.123   1.00 32.61 ? 134 LEU A CA  1 
ATOM   846  C C   . LEU A 1 134 ? 11.241  -7.340  4.069   1.00 39.11 ? 134 LEU A C   1 
ATOM   847  O O   . LEU A 1 134 ? 12.347  -7.855  4.167   1.00 41.16 ? 134 LEU A O   1 
ATOM   848  C CB  . LEU A 1 134 ? 11.472  -4.861  3.849   1.00 27.16 ? 134 LEU A CB  1 
ATOM   849  C CG  . LEU A 1 134 ? 11.587  -3.611  2.938   1.00 27.67 ? 134 LEU A CG  1 
ATOM   850  C CD1 . LEU A 1 134 ? 12.040  -2.409  3.762   1.00 28.57 ? 134 LEU A CD1 1 
ATOM   851  C CD2 . LEU A 1 134 ? 12.503  -3.817  1.717   1.00 27.37 ? 134 LEU A CD2 1 
ATOM   852  N N   . GLU A 1 135 ? 10.193  -7.709  4.796   1.00 37.99 ? 135 GLU A N   1 
ATOM   853  C CA  . GLU A 1 135 ? 10.228  -8.839  5.707   1.00 41.75 ? 135 GLU A CA  1 
ATOM   854  C C   . GLU A 1 135 ? 9.959   -10.151 4.958   1.00 41.03 ? 135 GLU A C   1 
ATOM   855  O O   . GLU A 1 135 ? 9.833   -11.199 5.588   1.00 39.84 ? 135 GLU A O   1 
ATOM   856  C CB  . GLU A 1 135 ? 9.211   -8.634  6.858   1.00 38.82 ? 135 GLU A CB  1 
ATOM   857  C CG  . GLU A 1 135 ? 9.532   -7.438  7.754   1.00 38.94 ? 135 GLU A CG  1 
ATOM   858  C CD  . GLU A 1 135 ? 11.000  -7.297  8.111   1.00 44.55 ? 135 GLU A CD  1 
ATOM   859  O OE1 . GLU A 1 135 ? 11.515  -8.221  8.766   1.00 48.89 ? 135 GLU A OE1 1 
ATOM   860  O OE2 . GLU A 1 135 ? 11.641  -6.275  7.723   1.00 40.44 ? 135 GLU A OE2 1 
ATOM   861  N N   . LYS A 1 136 ? 9.863   -10.062 3.625   1.00 42.15 ? 136 LYS A N   1 
ATOM   862  C CA  . LYS A 1 136 ? 9.527   -11.165 2.712   1.00 44.05 ? 136 LYS A CA  1 
ATOM   863  C C   . LYS A 1 136 ? 8.271   -11.975 3.036   1.00 49.94 ? 136 LYS A C   1 
ATOM   864  O O   . LYS A 1 136 ? 8.224   -13.183 2.733   1.00 47.66 ? 136 LYS A O   1 
ATOM   865  C CB  . LYS A 1 136 ? 10.734  -12.094 2.512   1.00 48.47 ? 136 LYS A CB  1 
ATOM   866  C CG  . LYS A 1 136 ? 11.945  -11.401 1.905   1.00 45.77 ? 136 LYS A CG  1 
ATOM   867  C CD  . LYS A 1 136 ? 13.111  -12.374 1.792   1.00 50.60 ? 136 LYS A CD  1 
ATOM   868  C CE  . LYS A 1 136 ? 14.351  -11.649 1.333   1.00 57.50 ? 136 LYS A CE  1 
ATOM   869  N NZ  . LYS A 1 136 ? 14.050  -10.992 0.027   1.00 61.71 ? 136 LYS A NZ  1 
ATOM   870  N N   . LYS A 1 137 ? 7.251   -11.320 3.614   1.00 46.17 ? 137 LYS A N   1 
ATOM   871  C CA  . LYS A 1 137 ? 5.923   -11.947 3.810   1.00 39.88 ? 137 LYS A CA  1 
ATOM   872  C C   . LYS A 1 137 ? 5.098   -11.915 2.525   1.00 43.96 ? 137 LYS A C   1 
ATOM   873  O O   . LYS A 1 137 ? 4.028   -11.266 2.423   1.00 39.15 ? 137 LYS A O   1 
ATOM   874  C CB  . LYS A 1 137 ? 5.176   -11.350 5.009   1.00 41.53 ? 137 LYS A CB  1 
ATOM   875  C CG  . LYS A 1 137 ? 6.014   -11.357 6.271   1.00 44.74 ? 137 LYS A CG  1 
ATOM   876  C CD  . LYS A 1 137 ? 5.296   -11.906 7.502   1.00 57.58 ? 137 LYS A CD  1 
ATOM   877  C CE  . LYS A 1 137 ? 6.249   -12.303 8.645   1.00 63.31 ? 137 LYS A CE  1 
ATOM   878  N NZ  . LYS A 1 137 ? 7.030   -11.190 9.297   1.00 63.87 ? 137 LYS A NZ  1 
ATOM   879  N N   . GLU A 1 138 ? 5.591   -12.676 1.539   1.00 44.99 ? 138 GLU A N   1 
ATOM   880  C CA  . GLU A 1 138 ? 5.099   -12.595 0.169   1.00 47.95 ? 138 GLU A CA  1 
ATOM   881  C C   . GLU A 1 138 ? 3.668   -12.983 0.044   1.00 45.10 ? 138 GLU A C   1 
ATOM   882  O O   . GLU A 1 138 ? 2.917   -12.328 -0.679  1.00 48.98 ? 138 GLU A O   1 
ATOM   883  C CB  . GLU A 1 138 ? 5.958   -13.435 -0.789  1.00 60.10 ? 138 GLU A CB  1 
ATOM   884  C CG  . GLU A 1 138 ? 7.128   -12.642 -1.354  1.00 72.12 ? 138 GLU A CG  1 
ATOM   885  C CD  . GLU A 1 138 ? 8.190   -13.508 -2.006  1.00 84.37 ? 138 GLU A CD  1 
ATOM   886  O OE1 . GLU A 1 138 ? 7.825   -14.529 -2.640  1.00 91.14 ? 138 GLU A OE1 1 
ATOM   887  O OE2 . GLU A 1 138 ? 9.387   -13.154 -1.890  1.00 80.00 ? 138 GLU A OE2 1 
ATOM   888  N N   . GLU A 1 139 ? 3.267   -14.041 0.739   1.00 50.93 ? 139 GLU A N   1 
ATOM   889  C CA  . GLU A 1 139 ? 1.879   -14.508 0.622   1.00 54.44 ? 139 GLU A CA  1 
ATOM   890  C C   . GLU A 1 139 ? 0.905   -13.468 1.202   1.00 48.85 ? 139 GLU A C   1 
ATOM   891  O O   . GLU A 1 139 ? -0.099  -13.109 0.568   1.00 49.03 ? 139 GLU A O   1 
ATOM   892  C CB  . GLU A 1 139 ? 1.711   -15.900 1.273   1.00 68.00 ? 139 GLU A CB  1 
ATOM   893  C CG  . GLU A 1 139 ? 0.472   -16.698 0.845   1.00 76.32 ? 139 GLU A CG  1 
ATOM   894  C CD  . GLU A 1 139 ? 0.312   -16.829 -0.676  1.00 80.35 ? 139 GLU A CD  1 
ATOM   895  O OE1 . GLU A 1 139 ? -0.142  -15.866 -1.335  1.00 85.79 ? 139 GLU A OE1 1 
ATOM   896  O OE2 . GLU A 1 139 ? 0.619   -17.905 -1.217  1.00 75.34 ? 139 GLU A OE2 1 
ATOM   897  N N   . ARG A 1 140 ? 1.236   -12.958 2.382   1.00 42.88 ? 140 ARG A N   1 
ATOM   898  C CA  . ARG A 1 140 ? 0.366   -12.000 3.058   1.00 40.34 ? 140 ARG A CA  1 
ATOM   899  C C   . ARG A 1 140 ? 0.266   -10.673 2.209   1.00 40.02 ? 140 ARG A C   1 
ATOM   900  O O   . ARG A 1 140 ? -0.816  -10.120 2.022   1.00 38.02 ? 140 ARG A O   1 
ATOM   901  C CB  . ARG A 1 140 ? 0.874   -11.750 4.479   1.00 42.03 ? 140 ARG A CB  1 
ATOM   902  C CG  . ARG A 1 140 ? 0.009   -10.782 5.283   1.00 46.22 ? 140 ARG A CG  1 
ATOM   903  C CD  . ARG A 1 140 ? -1.373  -11.351 5.639   1.00 42.61 ? 140 ARG A CD  1 
ATOM   904  N NE  . ARG A 1 140 ? -2.082  -10.515 6.611   1.00 46.08 ? 140 ARG A NE  1 
ATOM   905  C CZ  . ARG A 1 140 ? -3.416  -10.421 6.706   1.00 50.22 ? 140 ARG A CZ  1 
ATOM   906  N NH1 . ARG A 1 140 ? -4.190  -11.099 5.865   1.00 47.66 ? 140 ARG A NH1 1 
ATOM   907  N NH2 . ARG A 1 140 ? -3.988  -9.631  7.625   1.00 46.44 ? 140 ARG A NH2 1 
ATOM   908  N N   . LEU A 1 141 ? 1.403   -10.219 1.662   1.00 40.70 ? 141 LEU A N   1 
ATOM   909  C CA  . LEU A 1 141 ? 1.441   -9.022  0.803   1.00 35.03 ? 141 LEU A CA  1 
ATOM   910  C C   . LEU A 1 141 ? 0.521   -9.138  -0.435  1.00 36.39 ? 141 LEU A C   1 
ATOM   911  O O   . LEU A 1 141 ? -0.345  -8.261  -0.688  1.00 36.23 ? 141 LEU A O   1 
ATOM   912  C CB  . LEU A 1 141 ? 2.919   -8.646  0.492   1.00 33.61 ? 141 LEU A CB  1 
ATOM   913  C CG  . LEU A 1 141 ? 3.110   -7.592  -0.597  1.00 36.24 ? 141 LEU A CG  1 
ATOM   914  C CD1 . LEU A 1 141 ? 2.573   -6.215  -0.155  1.00 33.94 ? 141 LEU A CD1 1 
ATOM   915  C CD2 . LEU A 1 141 ? 4.593   -7.578  -0.919  1.00 36.59 ? 141 LEU A CD2 1 
ATOM   916  N N   . SER A 1 142 ? 0.636   -10.244 -1.177  1.00 36.97 ? 142 SER A N   1 
ATOM   917  C CA  . SER A 1 142 ? -0.316  -10.553 -2.270  1.00 38.14 ? 142 SER A CA  1 
ATOM   918  C C   . SER A 1 142 ? -1.777  -10.556 -1.834  1.00 36.67 ? 142 SER A C   1 
ATOM   919  O O   . SER A 1 142 ? -2.650  -9.957  -2.499  1.00 43.02 ? 142 SER A O   1 
ATOM   920  C CB  . SER A 1 142 ? 0.027   -11.910 -2.927  1.00 44.67 ? 142 SER A CB  1 
ATOM   921  O OG  . SER A 1 142 ? 1.416   -11.983 -3.169  1.00 50.64 ? 142 SER A OG  1 
ATOM   922  N N   . GLN A 1 143 ? -2.057  -11.227 -0.718  1.00 37.47 ? 143 GLN A N   1 
ATOM   923  C CA  . GLN A 1 143 ? -3.406  -11.182 -0.108  1.00 38.60 ? 143 GLN A CA  1 
ATOM   924  C C   . GLN A 1 143 ? -3.895  -9.757  0.164   1.00 35.55 ? 143 GLN A C   1 
ATOM   925  O O   . GLN A 1 143 ? -4.994  -9.345  -0.233  1.00 34.43 ? 143 GLN A O   1 
ATOM   926  C CB  . GLN A 1 143 ? -3.389  -11.985 1.211   1.00 43.07 ? 143 GLN A CB  1 
ATOM   927  C CG  . GLN A 1 143 ? -4.785  -12.157 1.815   1.00 53.01 ? 143 GLN A CG  1 
ATOM   928  C CD  . GLN A 1 143 ? -4.794  -12.877 3.163   1.00 53.26 ? 143 GLN A CD  1 
ATOM   929  O OE1 . GLN A 1 143 ? -3.742  -13.191 3.739   1.00 52.26 ? 143 GLN A OE1 1 
ATOM   930  N NE2 . GLN A 1 143 ? -6.001  -13.104 3.691   1.00 54.96 ? 143 GLN A NE2 1 
ATOM   931  N N   . LEU A 1 144 ? -3.059  -8.981  0.837   1.00 37.83 ? 144 LEU A N   1 
ATOM   932  C CA  . LEU A 1 144 ? -3.442  -7.608  1.180   1.00 36.04 ? 144 LEU A CA  1 
ATOM   933  C C   . LEU A 1 144 ? -3.651  -6.718  -0.048  1.00 34.18 ? 144 LEU A C   1 
ATOM   934  O O   . LEU A 1 144 ? -4.646  -5.983  -0.153  1.00 34.12 ? 144 LEU A O   1 
ATOM   935  C CB  . LEU A 1 144 ? -2.379  -7.001  2.120   1.00 35.29 ? 144 LEU A CB  1 
ATOM   936  C CG  . LEU A 1 144 ? -2.519  -5.491  2.385   1.00 40.11 ? 144 LEU A CG  1 
ATOM   937  C CD1 . LEU A 1 144 ? -3.889  -5.215  2.980   1.00 42.43 ? 144 LEU A CD1 1 
ATOM   938  C CD2 . LEU A 1 144 ? -1.407  -4.970  3.287   1.00 38.40 ? 144 LEU A CD2 1 
ATOM   939  N N   . VAL A 1 145 ? -2.695  -6.749  -0.975  1.00 33.59 ? 145 VAL A N   1 
ATOM   940  C CA  . VAL A 1 145 ? -2.854  -5.945  -2.161  1.00 32.55 ? 145 VAL A CA  1 
ATOM   941  C C   . VAL A 1 145 ? -4.090  -6.337  -2.998  1.00 30.98 ? 145 VAL A C   1 
ATOM   942  O O   . VAL A 1 145 ? -4.795  -5.453  -3.537  1.00 29.20 ? 145 VAL A O   1 
ATOM   943  C CB  . VAL A 1 145 ? -1.598  -6.021  -3.065  1.00 38.07 ? 145 VAL A CB  1 
ATOM   944  C CG1 . VAL A 1 145 ? -1.831  -5.182  -4.313  1.00 36.87 ? 145 VAL A CG1 1 
ATOM   945  C CG2 . VAL A 1 145 ? -0.370  -5.541  -2.298  1.00 35.08 ? 145 VAL A CG2 1 
ATOM   946  N N   . ALA A 1 146 ? -4.316  -7.641  -3.171  1.00 36.00 ? 146 ALA A N   1 
ATOM   947  C CA  . ALA A 1 146 ? -5.533  -8.097  -3.929  1.00 41.04 ? 146 ALA A CA  1 
ATOM   948  C C   . ALA A 1 146 ? -6.802  -7.523  -3.308  1.00 40.87 ? 146 ALA A C   1 
ATOM   949  O O   . ALA A 1 146 ? -7.665  -6.941  -4.004  1.00 42.68 ? 146 ALA A O   1 
ATOM   950  C CB  . ALA A 1 146 ? -5.622  -9.638  -3.923  1.00 39.55 ? 146 ALA A CB  1 
ATOM   951  N N   . GLU A 1 147 ? -6.928  -7.702  -1.986  1.00 42.11 ? 147 GLU A N   1 
ATOM   952  C CA  . GLU A 1 147 ? -8.034  -7.072  -1.260  1.00 43.31 ? 147 GLU A CA  1 
ATOM   953  C C   . GLU A 1 147 ? -8.081  -5.588  -1.562  1.00 39.84 ? 147 GLU A C   1 
ATOM   954  O O   . GLU A 1 147 ? -9.133  -5.089  -1.909  1.00 36.36 ? 147 GLU A O   1 
ATOM   955  C CB  . GLU A 1 147 ? -7.880  -7.287  0.252   1.00 54.35 ? 147 GLU A CB  1 
ATOM   956  C CG  . GLU A 1 147 ? -8.189  -8.695  0.709   1.00 63.08 ? 147 GLU A CG  1 
ATOM   957  C CD  . GLU A 1 147 ? -9.692  -8.956  0.798   1.00 74.55 ? 147 GLU A CD  1 
ATOM   958  O OE1 . GLU A 1 147 ? -10.423 -8.701  -0.195  1.00 68.96 ? 147 GLU A OE1 1 
ATOM   959  O OE2 . GLU A 1 147 ? -10.145 -9.416  1.874   1.00 77.97 ? 147 GLU A OE2 1 
ATOM   960  N N   . ALA A 1 148 ? -6.931  -4.886  -1.464  1.00 34.74 ? 148 ALA A N   1 
ATOM   961  C CA  . ALA A 1 148 ? -6.861  -3.416  -1.671  1.00 36.07 ? 148 ALA A CA  1 
ATOM   962  C C   . ALA A 1 148 ? -7.330  -3.054  -3.057  1.00 36.62 ? 148 ALA A C   1 
ATOM   963  O O   . ALA A 1 148 ? -8.028  -2.041  -3.246  1.00 39.93 ? 148 ALA A O   1 
ATOM   964  C CB  . ALA A 1 148 ? -5.408  -2.873  -1.462  1.00 33.29 ? 148 ALA A CB  1 
ATOM   965  N N   . ILE A 1 149 ? -6.914  -3.876  -4.035  1.00 40.18 ? 149 ILE A N   1 
ATOM   966  C CA  . ILE A 1 149 ? -7.217  -3.620  -5.459  1.00 40.71 ? 149 ILE A CA  1 
ATOM   967  C C   . ILE A 1 149 ? -8.692  -3.938  -5.774  1.00 39.26 ? 149 ILE A C   1 
ATOM   968  O O   . ILE A 1 149 ? -9.353  -3.130  -6.392  1.00 42.05 ? 149 ILE A O   1 
ATOM   969  C CB  . ILE A 1 149 ? -6.242  -4.358  -6.424  1.00 42.06 ? 149 ILE A CB  1 
ATOM   970  C CG1 . ILE A 1 149 ? -4.854  -3.681  -6.390  1.00 42.32 ? 149 ILE A CG1 1 
ATOM   971  C CG2 . ILE A 1 149 ? -6.789  -4.382  -7.847  1.00 41.16 ? 149 ILE A CG2 1 
ATOM   972  C CD1 . ILE A 1 149 ? -3.752  -4.536  -6.991  1.00 40.79 ? 149 ILE A CD1 1 
ATOM   973  N N   . GLN A 1 150 ? -9.198  -5.092  -5.337  1.00 47.12 ? 150 GLN A N   1 
ATOM   974  C CA  . GLN A 1 150 ? -10.688 -5.322  -5.309  1.00 52.47 ? 150 GLN A CA  1 
ATOM   975  C C   . GLN A 1 150 ? -11.494 -4.076  -4.961  1.00 49.64 ? 150 GLN A C   1 
ATOM   976  O O   . GLN A 1 150 ? -12.427 -3.699  -5.694  1.00 48.26 ? 150 GLN A O   1 
ATOM   977  C CB  . GLN A 1 150 ? -11.090 -6.428  -4.313  1.00 60.89 ? 150 GLN A CB  1 
ATOM   978  C CG  . GLN A 1 150 ? -10.789 -7.851  -4.764  1.00 73.63 ? 150 GLN A CG  1 
ATOM   979  C CD  . GLN A 1 150 ? -11.255 -8.089  -6.181  1.00 89.59 ? 150 GLN A CD  1 
ATOM   980  O OE1 . GLN A 1 150 ? -10.473 -7.960  -7.133  1.00 94.86 ? 150 GLN A OE1 1 
ATOM   981  N NE2 . GLN A 1 150 ? -12.545 -8.397  -6.338  1.00 85.25 ? 150 GLN A NE2 1 
ATOM   982  N N   . PHE A 1 151 ? -11.144 -3.436  -3.838  1.00 45.26 ? 151 PHE A N   1 
ATOM   983  C CA  . PHE A 1 151 ? -11.928 -2.326  -3.318  1.00 45.17 ? 151 PHE A CA  1 
ATOM   984  C C   . PHE A 1 151 ? -11.652 -1.059  -4.112  1.00 48.56 ? 151 PHE A C   1 
ATOM   985  O O   . PHE A 1 151 ? -12.586 -0.309  -4.425  1.00 49.63 ? 151 PHE A O   1 
ATOM   986  C CB  . PHE A 1 151 ? -11.697 -2.102  -1.774  1.00 45.29 ? 151 PHE A CB  1 
ATOM   987  C CG  . PHE A 1 151 ? -12.289 -0.810  -1.249  1.00 41.80 ? 151 PHE A CG  1 
ATOM   988  C CD1 . PHE A 1 151 ? -11.609 0.396   -1.398  1.00 40.52 ? 151 PHE A CD1 1 
ATOM   989  C CD2 . PHE A 1 151 ? -13.560 -0.792  -0.656  1.00 45.04 ? 151 PHE A CD2 1 
ATOM   990  C CE1 . PHE A 1 151 ? -12.166 1.587   -0.965  1.00 44.23 ? 151 PHE A CE1 1 
ATOM   991  C CE2 . PHE A 1 151 ? -14.123 0.401   -0.206  1.00 44.04 ? 151 PHE A CE2 1 
ATOM   992  C CZ  . PHE A 1 151 ? -13.428 1.594   -0.353  1.00 46.33 ? 151 PHE A CZ  1 
ATOM   993  N N   . GLY A 1 152 ? -10.370 -0.826  -4.415  1.00 51.59 ? 152 GLY A N   1 
ATOM   994  C CA  . GLY A 1 152 ? -9.907  0.443   -4.983  1.00 51.41 ? 152 GLY A CA  1 
ATOM   995  C C   . GLY A 1 152 ? -10.260 0.580   -6.446  1.00 52.78 ? 152 GLY A C   1 
ATOM   996  O O   . GLY A 1 152 ? -10.390 1.691   -6.954  1.00 53.30 ? 152 GLY A O   1 
ATOM   997  N N   . THR A 1 153 ? -10.409 -0.549  -7.126  1.00 56.93 ? 153 THR A N   1 
ATOM   998  C CA  . THR A 1 153 ? -10.876 -0.523  -8.516  1.00 65.21 ? 153 THR A CA  1 
ATOM   999  C C   . THR A 1 153 ? -12.377 -0.280  -8.588  1.00 71.34 ? 153 THR A C   1 
ATOM   1000 O O   . THR A 1 153 ? -12.811 0.707   -9.176  1.00 74.28 ? 153 THR A O   1 
ATOM   1001 C CB  . THR A 1 153 ? -10.463 -1.764  -9.344  1.00 58.79 ? 153 THR A CB  1 
ATOM   1002 O OG1 . THR A 1 153 ? -10.543 -2.945  -8.553  1.00 53.47 ? 153 THR A OG1 1 
ATOM   1003 C CG2 . THR A 1 153 ? -9.046  -1.635  -9.799  1.00 60.31 ? 153 THR A CG2 1 
ATOM   1004 N N   . SER A 1 154 ? -13.145 -1.182  -7.977  1.00 78.11 ? 154 SER A N   1 
ATOM   1005 C CA  . SER A 1 154 ? -14.605 -1.088  -7.860  1.00 84.06 ? 154 SER A CA  1 
ATOM   1006 C C   . SER A 1 154 ? -15.104 0.340   -7.551  1.00 87.58 ? 154 SER A C   1 
ATOM   1007 O O   . SER A 1 154 ? -14.440 1.127   -6.850  1.00 84.83 ? 154 SER A O   1 
ATOM   1008 C CB  . SER A 1 154 ? -15.077 -2.057  -6.769  1.00 84.70 ? 154 SER A CB  1 
ATOM   1009 O OG  . SER A 1 154 ? -16.219 -2.782  -7.172  1.00 95.64 ? 154 SER A OG  1 
HETATM 1010 O O   . HOH B 2 .   ? -7.764  -5.036  11.499  1.00 31.37 ? 201 HOH A O   1 
HETATM 1011 O O   . HOH B 2 .   ? -2.807  0.679   13.946  1.00 34.52 ? 202 HOH A O   1 
HETATM 1012 O O   . HOH B 2 .   ? 5.872   7.244   0.427   1.00 35.44 ? 203 HOH A O   1 
HETATM 1013 O O   . HOH B 2 .   ? -10.546 -4.786  14.287  1.00 36.78 ? 204 HOH A O   1 
HETATM 1014 O O   . HOH B 2 .   ? 0.096   5.467   -11.761 1.00 40.27 ? 205 HOH A O   1 
HETATM 1015 O O   . HOH B 2 .   ? -9.466  -2.892  12.718  1.00 33.04 ? 206 HOH A O   1 
HETATM 1016 O O   . HOH B 2 .   ? -1.321  -7.218  -9.138  1.00 34.07 ? 207 HOH A O   1 
HETATM 1017 O O   . HOH B 2 .   ? 21.142  -1.400  11.812  1.00 38.50 ? 208 HOH A O   1 
HETATM 1018 O O   . HOH B 2 .   ? 14.676  -7.070  1.482   1.00 37.28 ? 209 HOH A O   1 
HETATM 1019 O O   . HOH B 2 .   ? 15.963  -5.826  13.648  1.00 32.12 ? 210 HOH A O   1 
HETATM 1020 O O   . HOH B 2 .   ? 3.052   8.758   2.055   1.00 37.76 ? 211 HOH A O   1 
HETATM 1021 O O   . HOH B 2 .   ? 0.778   -10.290 15.179  1.00 38.39 ? 212 HOH A O   1 
HETATM 1022 O O   . HOH B 2 .   ? -2.284  11.299  -4.244  1.00 42.13 ? 213 HOH A O   1 
HETATM 1023 O O   . HOH B 2 .   ? 8.909   -9.891  -0.281  1.00 45.62 ? 214 HOH A O   1 
HETATM 1024 O O   . HOH B 2 .   ? 4.825   -4.950  14.538  1.00 41.44 ? 215 HOH A O   1 
HETATM 1025 O O   . HOH B 2 .   ? 6.993   1.410   -8.647  0.50 32.26 ? 216 HOH A O   1 
HETATM 1026 O O   . HOH B 2 .   ? -9.564  18.804  1.484   1.00 41.90 ? 217 HOH A O   1 
HETATM 1027 O O   . HOH B 2 .   ? -10.674 19.871  3.722   1.00 41.88 ? 218 HOH A O   1 
HETATM 1028 O O   . HOH B 2 .   ? -1.206  -11.469 -10.360 1.00 47.43 ? 219 HOH A O   1 
HETATM 1029 O O   . HOH B 2 .   ? -15.952 -0.007  5.903   1.00 42.41 ? 220 HOH A O   1 
HETATM 1030 O O   . HOH B 2 .   ? -5.452  11.710  -3.110  1.00 50.23 ? 221 HOH A O   1 
HETATM 1031 O O   . HOH B 2 .   ? 6.600   3.730   -9.009  0.50 40.81 ? 222 HOH A O   1 
HETATM 1032 O O   . HOH B 2 .   ? 0.791   9.532   0.749   1.00 41.37 ? 223 HOH A O   1 
HETATM 1033 O O   . HOH B 2 .   ? -1.822  9.013   -8.186  1.00 48.73 ? 224 HOH A O   1 
HETATM 1034 O O   . HOH B 2 .   ? 7.887   -5.446  13.755  1.00 52.82 ? 225 HOH A O   1 
HETATM 1035 O O   . HOH B 2 .   ? -6.971  -0.037  -22.542 1.00 49.05 ? 226 HOH A O   1 
HETATM 1036 O O   . HOH B 2 .   ? 23.992  -7.168  -0.733  1.00 52.89 ? 227 HOH A O   1 
HETATM 1037 O O   . HOH B 2 .   ? -1.935  -8.895  -11.158 1.00 41.48 ? 228 HOH A O   1 
HETATM 1038 O O   . HOH B 2 .   ? 14.802  -6.907  4.415   1.00 42.44 ? 229 HOH A O   1 
HETATM 1039 O O   . HOH B 2 .   ? 10.745  -3.723  7.294   1.00 43.46 ? 230 HOH A O   1 
HETATM 1040 O O   . HOH B 2 .   ? 9.335   8.607   9.421   1.00 52.26 ? 231 HOH A O   1 
HETATM 1041 O O   . HOH B 2 .   ? 9.303   8.606   11.869  1.00 52.71 ? 232 HOH A O   1 
HETATM 1042 O O   . HOH B 2 .   ? 7.834   8.055   2.295   1.00 36.51 ? 233 HOH A O   1 
HETATM 1043 O O   . HOH B 2 .   ? -2.886  -5.738  -21.308 1.00 42.61 ? 234 HOH A O   1 
HETATM 1044 O O   . HOH B 2 .   ? 1.566   -10.548 11.344  1.00 48.04 ? 235 HOH A O   1 
HETATM 1045 O O   . HOH B 2 .   ? -6.011  18.778  5.787   1.00 35.04 ? 236 HOH A O   1 
# 
loop_
_pdbx_poly_seq_scheme.asym_id 
_pdbx_poly_seq_scheme.entity_id 
_pdbx_poly_seq_scheme.seq_id 
_pdbx_poly_seq_scheme.mon_id 
_pdbx_poly_seq_scheme.ndb_seq_num 
_pdbx_poly_seq_scheme.pdb_seq_num 
_pdbx_poly_seq_scheme.auth_seq_num 
_pdbx_poly_seq_scheme.pdb_mon_id 
_pdbx_poly_seq_scheme.auth_mon_id 
_pdbx_poly_seq_scheme.pdb_strand_id 
_pdbx_poly_seq_scheme.pdb_ins_code 
_pdbx_poly_seq_scheme.hetero 
A 1 1   MET 1   1   ?   ?   ?   A . n 
A 1 2   GLY 2   2   ?   ?   ?   A . n 
A 1 3   SER 3   3   ?   ?   ?   A . n 
A 1 4   SER 4   4   ?   ?   ?   A . n 
A 1 5   HIS 5   5   ?   ?   ?   A . n 
A 1 6   HIS 6   6   ?   ?   ?   A . n 
A 1 7   HIS 7   7   ?   ?   ?   A . n 
A 1 8   HIS 8   8   ?   ?   ?   A . n 
A 1 9   HIS 9   9   ?   ?   ?   A . n 
A 1 10  HIS 10  10  ?   ?   ?   A . n 
A 1 11  SER 11  11  ?   ?   ?   A . n 
A 1 12  SER 12  12  ?   ?   ?   A . n 
A 1 13  GLY 13  13  ?   ?   ?   A . n 
A 1 14  LEU 14  14  ?   ?   ?   A . n 
A 1 15  VAL 15  15  ?   ?   ?   A . n 
A 1 16  PRO 16  16  ?   ?   ?   A . n 
A 1 17  ARG 17  17  ?   ?   ?   A . n 
A 1 18  GLY 18  18  ?   ?   ?   A . n 
A 1 19  SER 19  19  ?   ?   ?   A . n 
A 1 20  HIS 20  20  ?   ?   ?   A . n 
A 1 21  MET 21  21  ?   ?   ?   A . n 
A 1 22  LEU 22  22  ?   ?   ?   A . n 
A 1 23  GLU 23  23  ?   ?   ?   A . n 
A 1 24  PHE 24  24  24  PHE PHE A . n 
A 1 25  ASP 25  25  25  ASP ASP A . n 
A 1 26  THR 26  26  26  THR THR A . n 
A 1 27  ILE 27  27  27  ILE ILE A . n 
A 1 28  LYS 28  28  28  LYS LYS A . n 
A 1 29  ASP 29  29  29  ASP ASP A . n 
A 1 30  SER 30  30  30  SER SER A . n 
A 1 31  LYS 31  31  31  LYS LYS A . n 
A 1 32  GLN 32  32  32  GLN GLN A . n 
A 1 33  LEU 33  33  33  LEU LEU A . n 
A 1 34  ASN 34  34  34  ASN ASN A . n 
A 1 35  GLY 35  35  35  GLY GLY A . n 
A 1 36  LEU 36  36  36  LEU LEU A . n 
A 1 37  ALA 37  37  37  ALA ALA A . n 
A 1 38  LEU 38  38  38  LEU LEU A . n 
A 1 39  ALA 39  39  39  ALA ALA A . n 
A 1 40  TYR 40  40  40  TYR TYR A . n 
A 1 41  ILE 41  41  41  ILE ILE A . n 
A 1 42  GLY 42  42  42  GLY GLY A . n 
A 1 43  ASP 43  43  43  ASP ASP A . n 
A 1 44  ALA 44  44  44  ALA ALA A . n 
A 1 45  ILE 45  45  45  ILE ILE A . n 
A 1 46  PHE 46  46  46  PHE PHE A . n 
A 1 47  GLU 47  47  47  GLU GLU A . n 
A 1 48  VAL 48  48  48  VAL VAL A . n 
A 1 49  TYR 49  49  49  TYR TYR A . n 
A 1 50  VAL 50  50  50  VAL VAL A . n 
A 1 51  ARG 51  51  51  ARG ARG A . n 
A 1 52  HIS 52  52  52  HIS HIS A . n 
A 1 53  HIS 53  53  53  HIS HIS A . n 
A 1 54  LEU 54  54  54  LEU LEU A . n 
A 1 55  LEU 55  55  55  LEU LEU A . n 
A 1 56  LYS 56  56  56  LYS LYS A . n 
A 1 57  GLN 57  57  57  GLN GLN A . n 
A 1 58  GLY 58  58  58  GLY GLY A . n 
A 1 59  PHE 59  59  59  PHE PHE A . n 
A 1 60  THR 60  60  60  THR THR A . n 
A 1 61  LYS 61  61  61  LYS LYS A . n 
A 1 62  PRO 62  62  62  PRO PRO A . n 
A 1 63  ASN 63  63  63  ASN ASN A . n 
A 1 64  ASP 64  64  64  ASP ASP A . n 
A 1 65  LEU 65  65  65  LEU LEU A . n 
A 1 66  HIS 66  66  66  HIS HIS A . n 
A 1 67  LYS 67  67  67  LYS LYS A . n 
A 1 68  LYS 68  68  68  LYS LYS A . n 
A 1 69  SER 69  69  69  SER SER A . n 
A 1 70  SER 70  70  70  SER SER A . n 
A 1 71  ARG 71  71  71  ARG ARG A . n 
A 1 72  ILE 72  72  72  ILE ILE A . n 
A 1 73  VAL 73  73  73  VAL VAL A . n 
A 1 74  SER 74  74  74  SER SER A . n 
A 1 75  ALA 75  75  75  ALA ALA A . n 
A 1 76  LYS 76  76  76  LYS LYS A . n 
A 1 77  SER 77  77  77  SER SER A . n 
A 1 78  GLN 78  78  78  GLN GLN A . n 
A 1 79  ALA 79  79  79  ALA ALA A . n 
A 1 80  GLU 80  80  80  GLU GLU A . n 
A 1 81  ILE 81  81  81  ILE ILE A . n 
A 1 82  LEU 82  82  82  LEU LEU A . n 
A 1 83  PHE 83  83  83  PHE PHE A . n 
A 1 84  PHE 84  84  84  PHE PHE A . n 
A 1 85  LEU 85  85  85  LEU LEU A . n 
A 1 86  GLN 86  86  86  GLN GLN A . n 
A 1 87  ASN 87  87  87  ASN ASN A . n 
A 1 88  GLN 88  88  88  GLN GLN A . n 
A 1 89  SER 89  89  89  SER SER A . n 
A 1 90  PHE 90  90  90  PHE PHE A . n 
A 1 91  PHE 91  91  91  PHE PHE A . n 
A 1 92  THR 92  92  92  THR THR A . n 
A 1 93  GLU 93  93  93  GLU GLU A . n 
A 1 94  GLU 94  94  94  GLU GLU A . n 
A 1 95  GLU 95  95  95  GLU GLU A . n 
A 1 96  GLU 96  96  96  GLU GLU A . n 
A 1 97  ALA 97  97  97  ALA ALA A . n 
A 1 98  VAL 98  98  98  VAL VAL A . n 
A 1 99  LEU 99  99  99  LEU LEU A . n 
A 1 100 LYS 100 100 100 LYS LYS A . n 
A 1 101 ARG 101 101 101 ARG ARG A . n 
A 1 102 GLY 102 102 102 GLY GLY A . n 
A 1 103 ARG 103 103 103 ARG ARG A . n 
A 1 104 ASN 104 104 104 ASN ASN A . n 
A 1 105 ALA 105 105 105 ALA ALA A . n 
A 1 106 LYS 106 106 106 LYS LYS A . n 
A 1 107 SER 107 107 ?   ?   ?   A . n 
A 1 108 GLY 108 108 ?   ?   ?   A . n 
A 1 109 THR 109 109 ?   ?   ?   A . n 
A 1 110 THR 110 110 ?   ?   ?   A . n 
A 1 111 PRO 111 111 ?   ?   ?   A . n 
A 1 112 LYS 112 112 ?   ?   ?   A . n 
A 1 113 ASN 113 113 113 ASN ASN A . n 
A 1 114 THR 114 114 114 THR THR A . n 
A 1 115 ASP 115 115 115 ASP ASP A . n 
A 1 116 VAL 116 116 116 VAL VAL A . n 
A 1 117 GLN 117 117 117 GLN GLN A . n 
A 1 118 THR 118 118 118 THR THR A . n 
A 1 119 TYR 119 119 119 TYR TYR A . n 
A 1 120 ARG 120 120 120 ARG ARG A . n 
A 1 121 TYR 121 121 121 TYR TYR A . n 
A 1 122 SER 122 122 122 SER SER A . n 
A 1 123 THR 123 123 123 THR THR A . n 
A 1 124 ALA 124 124 124 ALA ALA A . n 
A 1 125 PHE 125 125 125 PHE PHE A . n 
A 1 126 GLN 126 126 126 GLN GLN A . n 
A 1 127 ALA 127 127 127 ALA ALA A . n 
A 1 128 LEU 128 128 128 LEU LEU A . n 
A 1 129 LEU 129 129 129 LEU LEU A . n 
A 1 130 GLY 130 130 130 GLY GLY A . n 
A 1 131 TYR 131 131 131 TYR TYR A . n 
A 1 132 LEU 132 132 132 LEU LEU A . n 
A 1 133 PHE 133 133 133 PHE PHE A . n 
A 1 134 LEU 134 134 134 LEU LEU A . n 
A 1 135 GLU 135 135 135 GLU GLU A . n 
A 1 136 LYS 136 136 136 LYS LYS A . n 
A 1 137 LYS 137 137 137 LYS LYS A . n 
A 1 138 GLU 138 138 138 GLU GLU A . n 
A 1 139 GLU 139 139 139 GLU GLU A . n 
A 1 140 ARG 140 140 140 ARG ARG A . n 
A 1 141 LEU 141 141 141 LEU LEU A . n 
A 1 142 SER 142 142 142 SER SER A . n 
A 1 143 GLN 143 143 143 GLN GLN A . n 
A 1 144 LEU 144 144 144 LEU LEU A . n 
A 1 145 VAL 145 145 145 VAL VAL A . n 
A 1 146 ALA 146 146 146 ALA ALA A . n 
A 1 147 GLU 147 147 147 GLU GLU A . n 
A 1 148 ALA 148 148 148 ALA ALA A . n 
A 1 149 ILE 149 149 149 ILE ILE A . n 
A 1 150 GLN 150 150 150 GLN GLN A . n 
A 1 151 PHE 151 151 151 PHE PHE A . n 
A 1 152 GLY 152 152 152 GLY GLY A . n 
A 1 153 THR 153 153 153 THR THR A . n 
A 1 154 SER 154 154 154 SER SER A . n 
A 1 155 GLY 155 155 ?   ?   ?   A . n 
A 1 156 ARG 156 156 ?   ?   ?   A . n 
A 1 157 LYS 157 157 ?   ?   ?   A . n 
A 1 158 THR 158 158 ?   ?   ?   A . n 
A 1 159 ASN 159 159 ?   ?   ?   A . n 
A 1 160 GLU 160 160 ?   ?   ?   A . n 
A 1 161 SER 161 161 ?   ?   ?   A . n 
A 1 162 ALA 162 162 ?   ?   ?   A . n 
A 1 163 THR 163 163 ?   ?   ?   A . n 
# 
loop_
_pdbx_nonpoly_scheme.asym_id 
_pdbx_nonpoly_scheme.entity_id 
_pdbx_nonpoly_scheme.mon_id 
_pdbx_nonpoly_scheme.ndb_seq_num 
_pdbx_nonpoly_scheme.pdb_seq_num 
_pdbx_nonpoly_scheme.auth_seq_num 
_pdbx_nonpoly_scheme.pdb_mon_id 
_pdbx_nonpoly_scheme.auth_mon_id 
_pdbx_nonpoly_scheme.pdb_strand_id 
_pdbx_nonpoly_scheme.pdb_ins_code 
B 2 HOH 1  201 1  HOH HOH A . 
B 2 HOH 2  202 2  HOH HOH A . 
B 2 HOH 3  203 3  HOH HOH A . 
B 2 HOH 4  204 4  HOH HOH A . 
B 2 HOH 5  205 5  HOH HOH A . 
B 2 HOH 6  206 6  HOH HOH A . 
B 2 HOH 7  207 7  HOH HOH A . 
B 2 HOH 8  208 8  HOH HOH A . 
B 2 HOH 9  209 11 HOH HOH A . 
B 2 HOH 10 210 12 HOH HOH A . 
B 2 HOH 11 211 13 HOH HOH A . 
B 2 HOH 12 212 14 HOH HOH A . 
B 2 HOH 13 213 15 HOH HOH A . 
B 2 HOH 14 214 16 HOH HOH A . 
B 2 HOH 15 215 17 HOH HOH A . 
B 2 HOH 16 216 19 HOH HOH A . 
B 2 HOH 17 217 22 HOH HOH A . 
B 2 HOH 18 218 23 HOH HOH A . 
B 2 HOH 19 219 26 HOH HOH A . 
B 2 HOH 20 220 27 HOH HOH A . 
B 2 HOH 21 221 28 HOH HOH A . 
B 2 HOH 22 222 29 HOH HOH A . 
B 2 HOH 23 223 30 HOH HOH A . 
B 2 HOH 24 224 31 HOH HOH A . 
B 2 HOH 25 225 33 HOH HOH A . 
B 2 HOH 26 226 35 HOH HOH A . 
B 2 HOH 27 227 36 HOH HOH A . 
B 2 HOH 28 228 37 HOH HOH A . 
B 2 HOH 29 229 38 HOH HOH A . 
B 2 HOH 30 230 39 HOH HOH A . 
B 2 HOH 31 231 40 HOH HOH A . 
B 2 HOH 32 232 41 HOH HOH A . 
B 2 HOH 33 233 42 HOH HOH A . 
B 2 HOH 34 234 43 HOH HOH A . 
B 2 HOH 35 235 44 HOH HOH A . 
B 2 HOH 36 236 45 HOH HOH A . 
# 
_pdbx_struct_assembly.id                   1 
_pdbx_struct_assembly.details              author_and_software_defined_assembly 
_pdbx_struct_assembly.method_details       PISA 
_pdbx_struct_assembly.oligomeric_details   dimeric 
_pdbx_struct_assembly.oligomeric_count     2 
# 
_pdbx_struct_assembly_gen.assembly_id       1 
_pdbx_struct_assembly_gen.oper_expression   1,2 
_pdbx_struct_assembly_gen.asym_id_list      A,B 
# 
loop_
_pdbx_struct_assembly_prop.biol_id 
_pdbx_struct_assembly_prop.type 
_pdbx_struct_assembly_prop.value 
_pdbx_struct_assembly_prop.details 
1 'ABSA (A^2)' 2600  ? 
1 MORE         -24   ? 
1 'SSA (A^2)'  12790 ? 
# 
loop_
_pdbx_struct_oper_list.id 
_pdbx_struct_oper_list.type 
_pdbx_struct_oper_list.name 
_pdbx_struct_oper_list.symmetry_operation 
_pdbx_struct_oper_list.matrix[1][1] 
_pdbx_struct_oper_list.matrix[1][2] 
_pdbx_struct_oper_list.matrix[1][3] 
_pdbx_struct_oper_list.vector[1] 
_pdbx_struct_oper_list.matrix[2][1] 
_pdbx_struct_oper_list.matrix[2][2] 
_pdbx_struct_oper_list.matrix[2][3] 
_pdbx_struct_oper_list.vector[2] 
_pdbx_struct_oper_list.matrix[3][1] 
_pdbx_struct_oper_list.matrix[3][2] 
_pdbx_struct_oper_list.matrix[3][3] 
_pdbx_struct_oper_list.vector[3] 
1 'identity operation'         1_555 x,y,z         1.0000000000  0.0000000000  0.0000000000 0.0000000000  0.0000000000  1.0000000000 0.0000000000  0.0000000000  0.0000000000 0.0000000000  1.0000000000  0.0000000000   
2 'crystal symmetry operation' 3_655 -x+1,y,-z+1/2 -0.9454306829 -0.3219171419 0.0503008699 14.4940315175 -0.3219171419 0.8990643794 -0.2967365757 -0.1721727629 0.0503008699 -0.2967365757 -0.9536336965 -16.8258474713 
# 
loop_
_pdbx_struct_special_symmetry.id 
_pdbx_struct_special_symmetry.PDB_model_num 
_pdbx_struct_special_symmetry.auth_asym_id 
_pdbx_struct_special_symmetry.auth_comp_id 
_pdbx_struct_special_symmetry.auth_seq_id 
_pdbx_struct_special_symmetry.PDB_ins_code 
_pdbx_struct_special_symmetry.label_asym_id 
_pdbx_struct_special_symmetry.label_comp_id 
_pdbx_struct_special_symmetry.label_seq_id 
1 1 A HOH 216 ? B HOH . 
2 1 A HOH 222 ? B HOH . 
# 
loop_
_pdbx_audit_revision_history.ordinal 
_pdbx_audit_revision_history.data_content_type 
_pdbx_audit_revision_history.major_revision 
_pdbx_audit_revision_history.minor_revision 
_pdbx_audit_revision_history.revision_date 
1 'Structure model' 1 0 2015-02-04 
2 'Structure model' 1 1 2015-07-22 
3 'Structure model' 1 2 2019-12-18 
4 'Structure model' 1 3 2023-11-08 
# 
_pdbx_audit_revision_details.ordinal             1 
_pdbx_audit_revision_details.revision_ordinal    1 
_pdbx_audit_revision_details.data_content_type   'Structure model' 
_pdbx_audit_revision_details.provider            repository 
_pdbx_audit_revision_details.type                'Initial release' 
_pdbx_audit_revision_details.description         ? 
_pdbx_audit_revision_details.details             ? 
# 
loop_
_pdbx_audit_revision_group.ordinal 
_pdbx_audit_revision_group.revision_ordinal 
_pdbx_audit_revision_group.data_content_type 
_pdbx_audit_revision_group.group 
1 2 'Structure model' 'Database references'    
2 3 'Structure model' 'Data collection'        
3 3 'Structure model' 'Database references'    
4 4 'Structure model' 'Data collection'        
5 4 'Structure model' 'Database references'    
6 4 'Structure model' 'Refinement description' 
# 
loop_
_pdbx_audit_revision_category.ordinal 
_pdbx_audit_revision_category.revision_ordinal 
_pdbx_audit_revision_category.data_content_type 
_pdbx_audit_revision_category.category 
1 3 'Structure model' reflns_shell                  
2 3 'Structure model' struct_ref_seq_dif            
3 4 'Structure model' chem_comp_atom                
4 4 'Structure model' chem_comp_bond                
5 4 'Structure model' database_2                    
6 4 'Structure model' pdbx_initial_refinement_model 
# 
loop_
_pdbx_audit_revision_item.ordinal 
_pdbx_audit_revision_item.revision_ordinal 
_pdbx_audit_revision_item.data_content_type 
_pdbx_audit_revision_item.item 
1 3 'Structure model' '_reflns_shell.Rmerge_I_obs'          
2 3 'Structure model' '_struct_ref_seq_dif.details'         
3 4 'Structure model' '_database_2.pdbx_DOI'                
4 4 'Structure model' '_database_2.pdbx_database_accession' 
# 
_pdbx_phasing_MR.entry_id                     4OUN 
_pdbx_phasing_MR.method_rotation              ? 
_pdbx_phasing_MR.method_translation           ? 
_pdbx_phasing_MR.model_details                ? 
_pdbx_phasing_MR.R_factor                     ? 
_pdbx_phasing_MR.R_rigid_body                 ? 
_pdbx_phasing_MR.correlation_coeff_Fo_to_Fc   ? 
_pdbx_phasing_MR.correlation_coeff_Io_to_Ic   ? 
_pdbx_phasing_MR.d_res_high_rotation          1.800 
_pdbx_phasing_MR.d_res_low_rotation           44.690 
_pdbx_phasing_MR.d_res_high_translation       1.800 
_pdbx_phasing_MR.d_res_low_translation        44.690 
_pdbx_phasing_MR.packing                      ? 
_pdbx_phasing_MR.reflns_percent_rotation      ? 
_pdbx_phasing_MR.reflns_percent_translation   ? 
_pdbx_phasing_MR.sigma_F_rotation             ? 
_pdbx_phasing_MR.sigma_F_translation          ? 
_pdbx_phasing_MR.sigma_I_rotation             ? 
_pdbx_phasing_MR.sigma_I_translation          ? 
# 
_phasing.method   MR 
# 
loop_
_software.pdbx_ordinal 
_software.name 
_software.version 
_software.date 
_software.type 
_software.contact_author 
_software.contact_author_email 
_software.classification 
_software.location 
_software.language 
_software.citation_id 
1 XSCALE      .        ?                                package 'Wolfgang Kabsch'    ?                           'data scaling'    
http://www.mpimf-heidelberg.mpg.de/~kabsch/xds/html_doc/xscale_program.html ?          ? 
2 PHASER      2.5.0    'Sat Jun 2 07:33:28 2012 (svn )' program 'Randy J. Read'      cimr-phaser@lists.cam.ac.uk phasing           
http://www-structmed.cimr.cam.ac.uk/phaser/                                 ?          ? 
3 REFMAC      5.8.0049 ?                                program 'Garib N. Murshudov' garib@ysbl.york.ac.uk       refinement        
http://www.ccp4.ac.uk/dist/html/refmac5.html                                Fortran_77 ? 
4 PDB_EXTRACT 3.14     'Dec. 10, 2013'                  package PDB                  deposit@deposit.rcsb.org    'data extraction' 
http://sw-tools.pdb.org/apps/PDB_EXTRACT/                                   C++        ? 
5 XDS         .        ?                                ?       ?                    ?                           'data reduction'  
?                                                                           ?          ? 
# 
_pdbx_validate_torsion.id              1 
_pdbx_validate_torsion.PDB_model_num   1 
_pdbx_validate_torsion.auth_comp_id    THR 
_pdbx_validate_torsion.auth_asym_id    A 
_pdbx_validate_torsion.auth_seq_id     60 
_pdbx_validate_torsion.PDB_ins_code    ? 
_pdbx_validate_torsion.label_alt_id    ? 
_pdbx_validate_torsion.phi             -158.16 
_pdbx_validate_torsion.psi             -14.55 
# 
loop_
_pdbx_unobs_or_zero_occ_atoms.id 
_pdbx_unobs_or_zero_occ_atoms.PDB_model_num 
_pdbx_unobs_or_zero_occ_atoms.polymer_flag 
_pdbx_unobs_or_zero_occ_atoms.occupancy_flag 
_pdbx_unobs_or_zero_occ_atoms.auth_asym_id 
_pdbx_unobs_or_zero_occ_atoms.auth_comp_id 
_pdbx_unobs_or_zero_occ_atoms.auth_seq_id 
_pdbx_unobs_or_zero_occ_atoms.PDB_ins_code 
_pdbx_unobs_or_zero_occ_atoms.auth_atom_id 
_pdbx_unobs_or_zero_occ_atoms.label_alt_id 
_pdbx_unobs_or_zero_occ_atoms.label_asym_id 
_pdbx_unobs_or_zero_occ_atoms.label_comp_id 
_pdbx_unobs_or_zero_occ_atoms.label_seq_id 
_pdbx_unobs_or_zero_occ_atoms.label_atom_id 
1 1 Y 1 A ASN 63  ? CG  ? A ASN 63  CG  
2 1 Y 1 A ASN 63  ? OD1 ? A ASN 63  OD1 
3 1 Y 1 A ASN 63  ? ND2 ? A ASN 63  ND2 
4 1 Y 1 A ASN 113 ? CG  ? A ASN 113 CG  
5 1 Y 1 A ASN 113 ? OD1 ? A ASN 113 OD1 
6 1 Y 1 A ASN 113 ? ND2 ? A ASN 113 ND2 
# 
loop_
_pdbx_unobs_or_zero_occ_residues.id 
_pdbx_unobs_or_zero_occ_residues.PDB_model_num 
_pdbx_unobs_or_zero_occ_residues.polymer_flag 
_pdbx_unobs_or_zero_occ_residues.occupancy_flag 
_pdbx_unobs_or_zero_occ_residues.auth_asym_id 
_pdbx_unobs_or_zero_occ_residues.auth_comp_id 
_pdbx_unobs_or_zero_occ_residues.auth_seq_id 
_pdbx_unobs_or_zero_occ_residues.PDB_ins_code 
_pdbx_unobs_or_zero_occ_residues.label_asym_id 
_pdbx_unobs_or_zero_occ_residues.label_comp_id 
_pdbx_unobs_or_zero_occ_residues.label_seq_id 
1  1 Y 1 A MET 1   ? A MET 1   
2  1 Y 1 A GLY 2   ? A GLY 2   
3  1 Y 1 A SER 3   ? A SER 3   
4  1 Y 1 A SER 4   ? A SER 4   
5  1 Y 1 A HIS 5   ? A HIS 5   
6  1 Y 1 A HIS 6   ? A HIS 6   
7  1 Y 1 A HIS 7   ? A HIS 7   
8  1 Y 1 A HIS 8   ? A HIS 8   
9  1 Y 1 A HIS 9   ? A HIS 9   
10 1 Y 1 A HIS 10  ? A HIS 10  
11 1 Y 1 A SER 11  ? A SER 11  
12 1 Y 1 A SER 12  ? A SER 12  
13 1 Y 1 A GLY 13  ? A GLY 13  
14 1 Y 1 A LEU 14  ? A LEU 14  
15 1 Y 1 A VAL 15  ? A VAL 15  
16 1 Y 1 A PRO 16  ? A PRO 16  
17 1 Y 1 A ARG 17  ? A ARG 17  
18 1 Y 1 A GLY 18  ? A GLY 18  
19 1 Y 1 A SER 19  ? A SER 19  
20 1 Y 1 A HIS 20  ? A HIS 20  
21 1 Y 1 A MET 21  ? A MET 21  
22 1 Y 1 A LEU 22  ? A LEU 22  
23 1 Y 1 A GLU 23  ? A GLU 23  
24 1 Y 1 A SER 107 ? A SER 107 
25 1 Y 1 A GLY 108 ? A GLY 108 
26 1 Y 1 A THR 109 ? A THR 109 
27 1 Y 1 A THR 110 ? A THR 110 
28 1 Y 1 A PRO 111 ? A PRO 111 
29 1 Y 1 A LYS 112 ? A LYS 112 
30 1 Y 1 A GLY 155 ? A GLY 155 
31 1 Y 1 A ARG 156 ? A ARG 156 
32 1 Y 1 A LYS 157 ? A LYS 157 
33 1 Y 1 A THR 158 ? A THR 158 
34 1 Y 1 A ASN 159 ? A ASN 159 
35 1 Y 1 A GLU 160 ? A GLU 160 
36 1 Y 1 A SER 161 ? A SER 161 
37 1 Y 1 A ALA 162 ? A ALA 162 
38 1 Y 1 A THR 163 ? A THR 163 
# 
loop_
_chem_comp_atom.comp_id 
_chem_comp_atom.atom_id 
_chem_comp_atom.type_symbol 
_chem_comp_atom.pdbx_aromatic_flag 
_chem_comp_atom.pdbx_stereo_config 
_chem_comp_atom.pdbx_ordinal 
ALA N    N N N 1   
ALA CA   C N S 2   
ALA C    C N N 3   
ALA O    O N N 4   
ALA CB   C N N 5   
ALA OXT  O N N 6   
ALA H    H N N 7   
ALA H2   H N N 8   
ALA HA   H N N 9   
ALA HB1  H N N 10  
ALA HB2  H N N 11  
ALA HB3  H N N 12  
ALA HXT  H N N 13  
ARG N    N N N 14  
ARG CA   C N S 15  
ARG C    C N N 16  
ARG O    O N N 17  
ARG CB   C N N 18  
ARG CG   C N N 19  
ARG CD   C N N 20  
ARG NE   N N N 21  
ARG CZ   C N N 22  
ARG NH1  N N N 23  
ARG NH2  N N N 24  
ARG OXT  O N N 25  
ARG H    H N N 26  
ARG H2   H N N 27  
ARG HA   H N N 28  
ARG HB2  H N N 29  
ARG HB3  H N N 30  
ARG HG2  H N N 31  
ARG HG3  H N N 32  
ARG HD2  H N N 33  
ARG HD3  H N N 34  
ARG HE   H N N 35  
ARG HH11 H N N 36  
ARG HH12 H N N 37  
ARG HH21 H N N 38  
ARG HH22 H N N 39  
ARG HXT  H N N 40  
ASN N    N N N 41  
ASN CA   C N S 42  
ASN C    C N N 43  
ASN O    O N N 44  
ASN CB   C N N 45  
ASN CG   C N N 46  
ASN OD1  O N N 47  
ASN ND2  N N N 48  
ASN OXT  O N N 49  
ASN H    H N N 50  
ASN H2   H N N 51  
ASN HA   H N N 52  
ASN HB2  H N N 53  
ASN HB3  H N N 54  
ASN HD21 H N N 55  
ASN HD22 H N N 56  
ASN HXT  H N N 57  
ASP N    N N N 58  
ASP CA   C N S 59  
ASP C    C N N 60  
ASP O    O N N 61  
ASP CB   C N N 62  
ASP CG   C N N 63  
ASP OD1  O N N 64  
ASP OD2  O N N 65  
ASP OXT  O N N 66  
ASP H    H N N 67  
ASP H2   H N N 68  
ASP HA   H N N 69  
ASP HB2  H N N 70  
ASP HB3  H N N 71  
ASP HD2  H N N 72  
ASP HXT  H N N 73  
GLN N    N N N 74  
GLN CA   C N S 75  
GLN C    C N N 76  
GLN O    O N N 77  
GLN CB   C N N 78  
GLN CG   C N N 79  
GLN CD   C N N 80  
GLN OE1  O N N 81  
GLN NE2  N N N 82  
GLN OXT  O N N 83  
GLN H    H N N 84  
GLN H2   H N N 85  
GLN HA   H N N 86  
GLN HB2  H N N 87  
GLN HB3  H N N 88  
GLN HG2  H N N 89  
GLN HG3  H N N 90  
GLN HE21 H N N 91  
GLN HE22 H N N 92  
GLN HXT  H N N 93  
GLU N    N N N 94  
GLU CA   C N S 95  
GLU C    C N N 96  
GLU O    O N N 97  
GLU CB   C N N 98  
GLU CG   C N N 99  
GLU CD   C N N 100 
GLU OE1  O N N 101 
GLU OE2  O N N 102 
GLU OXT  O N N 103 
GLU H    H N N 104 
GLU H2   H N N 105 
GLU HA   H N N 106 
GLU HB2  H N N 107 
GLU HB3  H N N 108 
GLU HG2  H N N 109 
GLU HG3  H N N 110 
GLU HE2  H N N 111 
GLU HXT  H N N 112 
GLY N    N N N 113 
GLY CA   C N N 114 
GLY C    C N N 115 
GLY O    O N N 116 
GLY OXT  O N N 117 
GLY H    H N N 118 
GLY H2   H N N 119 
GLY HA2  H N N 120 
GLY HA3  H N N 121 
GLY HXT  H N N 122 
HIS N    N N N 123 
HIS CA   C N S 124 
HIS C    C N N 125 
HIS O    O N N 126 
HIS CB   C N N 127 
HIS CG   C Y N 128 
HIS ND1  N Y N 129 
HIS CD2  C Y N 130 
HIS CE1  C Y N 131 
HIS NE2  N Y N 132 
HIS OXT  O N N 133 
HIS H    H N N 134 
HIS H2   H N N 135 
HIS HA   H N N 136 
HIS HB2  H N N 137 
HIS HB3  H N N 138 
HIS HD1  H N N 139 
HIS HD2  H N N 140 
HIS HE1  H N N 141 
HIS HE2  H N N 142 
HIS HXT  H N N 143 
HOH O    O N N 144 
HOH H1   H N N 145 
HOH H2   H N N 146 
ILE N    N N N 147 
ILE CA   C N S 148 
ILE C    C N N 149 
ILE O    O N N 150 
ILE CB   C N S 151 
ILE CG1  C N N 152 
ILE CG2  C N N 153 
ILE CD1  C N N 154 
ILE OXT  O N N 155 
ILE H    H N N 156 
ILE H2   H N N 157 
ILE HA   H N N 158 
ILE HB   H N N 159 
ILE HG12 H N N 160 
ILE HG13 H N N 161 
ILE HG21 H N N 162 
ILE HG22 H N N 163 
ILE HG23 H N N 164 
ILE HD11 H N N 165 
ILE HD12 H N N 166 
ILE HD13 H N N 167 
ILE HXT  H N N 168 
LEU N    N N N 169 
LEU CA   C N S 170 
LEU C    C N N 171 
LEU O    O N N 172 
LEU CB   C N N 173 
LEU CG   C N N 174 
LEU CD1  C N N 175 
LEU CD2  C N N 176 
LEU OXT  O N N 177 
LEU H    H N N 178 
LEU H2   H N N 179 
LEU HA   H N N 180 
LEU HB2  H N N 181 
LEU HB3  H N N 182 
LEU HG   H N N 183 
LEU HD11 H N N 184 
LEU HD12 H N N 185 
LEU HD13 H N N 186 
LEU HD21 H N N 187 
LEU HD22 H N N 188 
LEU HD23 H N N 189 
LEU HXT  H N N 190 
LYS N    N N N 191 
LYS CA   C N S 192 
LYS C    C N N 193 
LYS O    O N N 194 
LYS CB   C N N 195 
LYS CG   C N N 196 
LYS CD   C N N 197 
LYS CE   C N N 198 
LYS NZ   N N N 199 
LYS OXT  O N N 200 
LYS H    H N N 201 
LYS H2   H N N 202 
LYS HA   H N N 203 
LYS HB2  H N N 204 
LYS HB3  H N N 205 
LYS HG2  H N N 206 
LYS HG3  H N N 207 
LYS HD2  H N N 208 
LYS HD3  H N N 209 
LYS HE2  H N N 210 
LYS HE3  H N N 211 
LYS HZ1  H N N 212 
LYS HZ2  H N N 213 
LYS HZ3  H N N 214 
LYS HXT  H N N 215 
MET N    N N N 216 
MET CA   C N S 217 
MET C    C N N 218 
MET O    O N N 219 
MET CB   C N N 220 
MET CG   C N N 221 
MET SD   S N N 222 
MET CE   C N N 223 
MET OXT  O N N 224 
MET H    H N N 225 
MET H2   H N N 226 
MET HA   H N N 227 
MET HB2  H N N 228 
MET HB3  H N N 229 
MET HG2  H N N 230 
MET HG3  H N N 231 
MET HE1  H N N 232 
MET HE2  H N N 233 
MET HE3  H N N 234 
MET HXT  H N N 235 
PHE N    N N N 236 
PHE CA   C N S 237 
PHE C    C N N 238 
PHE O    O N N 239 
PHE CB   C N N 240 
PHE CG   C Y N 241 
PHE CD1  C Y N 242 
PHE CD2  C Y N 243 
PHE CE1  C Y N 244 
PHE CE2  C Y N 245 
PHE CZ   C Y N 246 
PHE OXT  O N N 247 
PHE H    H N N 248 
PHE H2   H N N 249 
PHE HA   H N N 250 
PHE HB2  H N N 251 
PHE HB3  H N N 252 
PHE HD1  H N N 253 
PHE HD2  H N N 254 
PHE HE1  H N N 255 
PHE HE2  H N N 256 
PHE HZ   H N N 257 
PHE HXT  H N N 258 
PRO N    N N N 259 
PRO CA   C N S 260 
PRO C    C N N 261 
PRO O    O N N 262 
PRO CB   C N N 263 
PRO CG   C N N 264 
PRO CD   C N N 265 
PRO OXT  O N N 266 
PRO H    H N N 267 
PRO HA   H N N 268 
PRO HB2  H N N 269 
PRO HB3  H N N 270 
PRO HG2  H N N 271 
PRO HG3  H N N 272 
PRO HD2  H N N 273 
PRO HD3  H N N 274 
PRO HXT  H N N 275 
SER N    N N N 276 
SER CA   C N S 277 
SER C    C N N 278 
SER O    O N N 279 
SER CB   C N N 280 
SER OG   O N N 281 
SER OXT  O N N 282 
SER H    H N N 283 
SER H2   H N N 284 
SER HA   H N N 285 
SER HB2  H N N 286 
SER HB3  H N N 287 
SER HG   H N N 288 
SER HXT  H N N 289 
THR N    N N N 290 
THR CA   C N S 291 
THR C    C N N 292 
THR O    O N N 293 
THR CB   C N R 294 
THR OG1  O N N 295 
THR CG2  C N N 296 
THR OXT  O N N 297 
THR H    H N N 298 
THR H2   H N N 299 
THR HA   H N N 300 
THR HB   H N N 301 
THR HG1  H N N 302 
THR HG21 H N N 303 
THR HG22 H N N 304 
THR HG23 H N N 305 
THR HXT  H N N 306 
TYR N    N N N 307 
TYR CA   C N S 308 
TYR C    C N N 309 
TYR O    O N N 310 
TYR CB   C N N 311 
TYR CG   C Y N 312 
TYR CD1  C Y N 313 
TYR CD2  C Y N 314 
TYR CE1  C Y N 315 
TYR CE2  C Y N 316 
TYR CZ   C Y N 317 
TYR OH   O N N 318 
TYR OXT  O N N 319 
TYR H    H N N 320 
TYR H2   H N N 321 
TYR HA   H N N 322 
TYR HB2  H N N 323 
TYR HB3  H N N 324 
TYR HD1  H N N 325 
TYR HD2  H N N 326 
TYR HE1  H N N 327 
TYR HE2  H N N 328 
TYR HH   H N N 329 
TYR HXT  H N N 330 
VAL N    N N N 331 
VAL CA   C N S 332 
VAL C    C N N 333 
VAL O    O N N 334 
VAL CB   C N N 335 
VAL CG1  C N N 336 
VAL CG2  C N N 337 
VAL OXT  O N N 338 
VAL H    H N N 339 
VAL H2   H N N 340 
VAL HA   H N N 341 
VAL HB   H N N 342 
VAL HG11 H N N 343 
VAL HG12 H N N 344 
VAL HG13 H N N 345 
VAL HG21 H N N 346 
VAL HG22 H N N 347 
VAL HG23 H N N 348 
VAL HXT  H N N 349 
# 
loop_
_chem_comp_bond.comp_id 
_chem_comp_bond.atom_id_1 
_chem_comp_bond.atom_id_2 
_chem_comp_bond.value_order 
_chem_comp_bond.pdbx_aromatic_flag 
_chem_comp_bond.pdbx_stereo_config 
_chem_comp_bond.pdbx_ordinal 
ALA N   CA   sing N N 1   
ALA N   H    sing N N 2   
ALA N   H2   sing N N 3   
ALA CA  C    sing N N 4   
ALA CA  CB   sing N N 5   
ALA CA  HA   sing N N 6   
ALA C   O    doub N N 7   
ALA C   OXT  sing N N 8   
ALA CB  HB1  sing N N 9   
ALA CB  HB2  sing N N 10  
ALA CB  HB3  sing N N 11  
ALA OXT HXT  sing N N 12  
ARG N   CA   sing N N 13  
ARG N   H    sing N N 14  
ARG N   H2   sing N N 15  
ARG CA  C    sing N N 16  
ARG CA  CB   sing N N 17  
ARG CA  HA   sing N N 18  
ARG C   O    doub N N 19  
ARG C   OXT  sing N N 20  
ARG CB  CG   sing N N 21  
ARG CB  HB2  sing N N 22  
ARG CB  HB3  sing N N 23  
ARG CG  CD   sing N N 24  
ARG CG  HG2  sing N N 25  
ARG CG  HG3  sing N N 26  
ARG CD  NE   sing N N 27  
ARG CD  HD2  sing N N 28  
ARG CD  HD3  sing N N 29  
ARG NE  CZ   sing N N 30  
ARG NE  HE   sing N N 31  
ARG CZ  NH1  sing N N 32  
ARG CZ  NH2  doub N N 33  
ARG NH1 HH11 sing N N 34  
ARG NH1 HH12 sing N N 35  
ARG NH2 HH21 sing N N 36  
ARG NH2 HH22 sing N N 37  
ARG OXT HXT  sing N N 38  
ASN N   CA   sing N N 39  
ASN N   H    sing N N 40  
ASN N   H2   sing N N 41  
ASN CA  C    sing N N 42  
ASN CA  CB   sing N N 43  
ASN CA  HA   sing N N 44  
ASN C   O    doub N N 45  
ASN C   OXT  sing N N 46  
ASN CB  CG   sing N N 47  
ASN CB  HB2  sing N N 48  
ASN CB  HB3  sing N N 49  
ASN CG  OD1  doub N N 50  
ASN CG  ND2  sing N N 51  
ASN ND2 HD21 sing N N 52  
ASN ND2 HD22 sing N N 53  
ASN OXT HXT  sing N N 54  
ASP N   CA   sing N N 55  
ASP N   H    sing N N 56  
ASP N   H2   sing N N 57  
ASP CA  C    sing N N 58  
ASP CA  CB   sing N N 59  
ASP CA  HA   sing N N 60  
ASP C   O    doub N N 61  
ASP C   OXT  sing N N 62  
ASP CB  CG   sing N N 63  
ASP CB  HB2  sing N N 64  
ASP CB  HB3  sing N N 65  
ASP CG  OD1  doub N N 66  
ASP CG  OD2  sing N N 67  
ASP OD2 HD2  sing N N 68  
ASP OXT HXT  sing N N 69  
GLN N   CA   sing N N 70  
GLN N   H    sing N N 71  
GLN N   H2   sing N N 72  
GLN CA  C    sing N N 73  
GLN CA  CB   sing N N 74  
GLN CA  HA   sing N N 75  
GLN C   O    doub N N 76  
GLN C   OXT  sing N N 77  
GLN CB  CG   sing N N 78  
GLN CB  HB2  sing N N 79  
GLN CB  HB3  sing N N 80  
GLN CG  CD   sing N N 81  
GLN CG  HG2  sing N N 82  
GLN CG  HG3  sing N N 83  
GLN CD  OE1  doub N N 84  
GLN CD  NE2  sing N N 85  
GLN NE2 HE21 sing N N 86  
GLN NE2 HE22 sing N N 87  
GLN OXT HXT  sing N N 88  
GLU N   CA   sing N N 89  
GLU N   H    sing N N 90  
GLU N   H2   sing N N 91  
GLU CA  C    sing N N 92  
GLU CA  CB   sing N N 93  
GLU CA  HA   sing N N 94  
GLU C   O    doub N N 95  
GLU C   OXT  sing N N 96  
GLU CB  CG   sing N N 97  
GLU CB  HB2  sing N N 98  
GLU CB  HB3  sing N N 99  
GLU CG  CD   sing N N 100 
GLU CG  HG2  sing N N 101 
GLU CG  HG3  sing N N 102 
GLU CD  OE1  doub N N 103 
GLU CD  OE2  sing N N 104 
GLU OE2 HE2  sing N N 105 
GLU OXT HXT  sing N N 106 
GLY N   CA   sing N N 107 
GLY N   H    sing N N 108 
GLY N   H2   sing N N 109 
GLY CA  C    sing N N 110 
GLY CA  HA2  sing N N 111 
GLY CA  HA3  sing N N 112 
GLY C   O    doub N N 113 
GLY C   OXT  sing N N 114 
GLY OXT HXT  sing N N 115 
HIS N   CA   sing N N 116 
HIS N   H    sing N N 117 
HIS N   H2   sing N N 118 
HIS CA  C    sing N N 119 
HIS CA  CB   sing N N 120 
HIS CA  HA   sing N N 121 
HIS C   O    doub N N 122 
HIS C   OXT  sing N N 123 
HIS CB  CG   sing N N 124 
HIS CB  HB2  sing N N 125 
HIS CB  HB3  sing N N 126 
HIS CG  ND1  sing Y N 127 
HIS CG  CD2  doub Y N 128 
HIS ND1 CE1  doub Y N 129 
HIS ND1 HD1  sing N N 130 
HIS CD2 NE2  sing Y N 131 
HIS CD2 HD2  sing N N 132 
HIS CE1 NE2  sing Y N 133 
HIS CE1 HE1  sing N N 134 
HIS NE2 HE2  sing N N 135 
HIS OXT HXT  sing N N 136 
HOH O   H1   sing N N 137 
HOH O   H2   sing N N 138 
ILE N   CA   sing N N 139 
ILE N   H    sing N N 140 
ILE N   H2   sing N N 141 
ILE CA  C    sing N N 142 
ILE CA  CB   sing N N 143 
ILE CA  HA   sing N N 144 
ILE C   O    doub N N 145 
ILE C   OXT  sing N N 146 
ILE CB  CG1  sing N N 147 
ILE CB  CG2  sing N N 148 
ILE CB  HB   sing N N 149 
ILE CG1 CD1  sing N N 150 
ILE CG1 HG12 sing N N 151 
ILE CG1 HG13 sing N N 152 
ILE CG2 HG21 sing N N 153 
ILE CG2 HG22 sing N N 154 
ILE CG2 HG23 sing N N 155 
ILE CD1 HD11 sing N N 156 
ILE CD1 HD12 sing N N 157 
ILE CD1 HD13 sing N N 158 
ILE OXT HXT  sing N N 159 
LEU N   CA   sing N N 160 
LEU N   H    sing N N 161 
LEU N   H2   sing N N 162 
LEU CA  C    sing N N 163 
LEU CA  CB   sing N N 164 
LEU CA  HA   sing N N 165 
LEU C   O    doub N N 166 
LEU C   OXT  sing N N 167 
LEU CB  CG   sing N N 168 
LEU CB  HB2  sing N N 169 
LEU CB  HB3  sing N N 170 
LEU CG  CD1  sing N N 171 
LEU CG  CD2  sing N N 172 
LEU CG  HG   sing N N 173 
LEU CD1 HD11 sing N N 174 
LEU CD1 HD12 sing N N 175 
LEU CD1 HD13 sing N N 176 
LEU CD2 HD21 sing N N 177 
LEU CD2 HD22 sing N N 178 
LEU CD2 HD23 sing N N 179 
LEU OXT HXT  sing N N 180 
LYS N   CA   sing N N 181 
LYS N   H    sing N N 182 
LYS N   H2   sing N N 183 
LYS CA  C    sing N N 184 
LYS CA  CB   sing N N 185 
LYS CA  HA   sing N N 186 
LYS C   O    doub N N 187 
LYS C   OXT  sing N N 188 
LYS CB  CG   sing N N 189 
LYS CB  HB2  sing N N 190 
LYS CB  HB3  sing N N 191 
LYS CG  CD   sing N N 192 
LYS CG  HG2  sing N N 193 
LYS CG  HG3  sing N N 194 
LYS CD  CE   sing N N 195 
LYS CD  HD2  sing N N 196 
LYS CD  HD3  sing N N 197 
LYS CE  NZ   sing N N 198 
LYS CE  HE2  sing N N 199 
LYS CE  HE3  sing N N 200 
LYS NZ  HZ1  sing N N 201 
LYS NZ  HZ2  sing N N 202 
LYS NZ  HZ3  sing N N 203 
LYS OXT HXT  sing N N 204 
MET N   CA   sing N N 205 
MET N   H    sing N N 206 
MET N   H2   sing N N 207 
MET CA  C    sing N N 208 
MET CA  CB   sing N N 209 
MET CA  HA   sing N N 210 
MET C   O    doub N N 211 
MET C   OXT  sing N N 212 
MET CB  CG   sing N N 213 
MET CB  HB2  sing N N 214 
MET CB  HB3  sing N N 215 
MET CG  SD   sing N N 216 
MET CG  HG2  sing N N 217 
MET CG  HG3  sing N N 218 
MET SD  CE   sing N N 219 
MET CE  HE1  sing N N 220 
MET CE  HE2  sing N N 221 
MET CE  HE3  sing N N 222 
MET OXT HXT  sing N N 223 
PHE N   CA   sing N N 224 
PHE N   H    sing N N 225 
PHE N   H2   sing N N 226 
PHE CA  C    sing N N 227 
PHE CA  CB   sing N N 228 
PHE CA  HA   sing N N 229 
PHE C   O    doub N N 230 
PHE C   OXT  sing N N 231 
PHE CB  CG   sing N N 232 
PHE CB  HB2  sing N N 233 
PHE CB  HB3  sing N N 234 
PHE CG  CD1  doub Y N 235 
PHE CG  CD2  sing Y N 236 
PHE CD1 CE1  sing Y N 237 
PHE CD1 HD1  sing N N 238 
PHE CD2 CE2  doub Y N 239 
PHE CD2 HD2  sing N N 240 
PHE CE1 CZ   doub Y N 241 
PHE CE1 HE1  sing N N 242 
PHE CE2 CZ   sing Y N 243 
PHE CE2 HE2  sing N N 244 
PHE CZ  HZ   sing N N 245 
PHE OXT HXT  sing N N 246 
PRO N   CA   sing N N 247 
PRO N   CD   sing N N 248 
PRO N   H    sing N N 249 
PRO CA  C    sing N N 250 
PRO CA  CB   sing N N 251 
PRO CA  HA   sing N N 252 
PRO C   O    doub N N 253 
PRO C   OXT  sing N N 254 
PRO CB  CG   sing N N 255 
PRO CB  HB2  sing N N 256 
PRO CB  HB3  sing N N 257 
PRO CG  CD   sing N N 258 
PRO CG  HG2  sing N N 259 
PRO CG  HG3  sing N N 260 
PRO CD  HD2  sing N N 261 
PRO CD  HD3  sing N N 262 
PRO OXT HXT  sing N N 263 
SER N   CA   sing N N 264 
SER N   H    sing N N 265 
SER N   H2   sing N N 266 
SER CA  C    sing N N 267 
SER CA  CB   sing N N 268 
SER CA  HA   sing N N 269 
SER C   O    doub N N 270 
SER C   OXT  sing N N 271 
SER CB  OG   sing N N 272 
SER CB  HB2  sing N N 273 
SER CB  HB3  sing N N 274 
SER OG  HG   sing N N 275 
SER OXT HXT  sing N N 276 
THR N   CA   sing N N 277 
THR N   H    sing N N 278 
THR N   H2   sing N N 279 
THR CA  C    sing N N 280 
THR CA  CB   sing N N 281 
THR CA  HA   sing N N 282 
THR C   O    doub N N 283 
THR C   OXT  sing N N 284 
THR CB  OG1  sing N N 285 
THR CB  CG2  sing N N 286 
THR CB  HB   sing N N 287 
THR OG1 HG1  sing N N 288 
THR CG2 HG21 sing N N 289 
THR CG2 HG22 sing N N 290 
THR CG2 HG23 sing N N 291 
THR OXT HXT  sing N N 292 
TYR N   CA   sing N N 293 
TYR N   H    sing N N 294 
TYR N   H2   sing N N 295 
TYR CA  C    sing N N 296 
TYR CA  CB   sing N N 297 
TYR CA  HA   sing N N 298 
TYR C   O    doub N N 299 
TYR C   OXT  sing N N 300 
TYR CB  CG   sing N N 301 
TYR CB  HB2  sing N N 302 
TYR CB  HB3  sing N N 303 
TYR CG  CD1  doub Y N 304 
TYR CG  CD2  sing Y N 305 
TYR CD1 CE1  sing Y N 306 
TYR CD1 HD1  sing N N 307 
TYR CD2 CE2  doub Y N 308 
TYR CD2 HD2  sing N N 309 
TYR CE1 CZ   doub Y N 310 
TYR CE1 HE1  sing N N 311 
TYR CE2 CZ   sing Y N 312 
TYR CE2 HE2  sing N N 313 
TYR CZ  OH   sing N N 314 
TYR OH  HH   sing N N 315 
TYR OXT HXT  sing N N 316 
VAL N   CA   sing N N 317 
VAL N   H    sing N N 318 
VAL N   H2   sing N N 319 
VAL CA  C    sing N N 320 
VAL CA  CB   sing N N 321 
VAL CA  HA   sing N N 322 
VAL C   O    doub N N 323 
VAL C   OXT  sing N N 324 
VAL CB  CG1  sing N N 325 
VAL CB  CG2  sing N N 326 
VAL CB  HB   sing N N 327 
VAL CG1 HG11 sing N N 328 
VAL CG1 HG12 sing N N 329 
VAL CG1 HG13 sing N N 330 
VAL CG2 HG21 sing N N 331 
VAL CG2 HG22 sing N N 332 
VAL CG2 HG23 sing N N 333 
VAL OXT HXT  sing N N 334 
# 
_pdbx_entity_nonpoly.entity_id   2 
_pdbx_entity_nonpoly.name        water 
_pdbx_entity_nonpoly.comp_id     HOH 
# 
_pdbx_initial_refinement_model.id               1 
_pdbx_initial_refinement_model.entity_id_list   ? 
_pdbx_initial_refinement_model.type             'experimental model' 
_pdbx_initial_refinement_model.source_name      PDB 
_pdbx_initial_refinement_model.accession_code   1U61 
_pdbx_initial_refinement_model.details          ? 
# 
